data_6XEL
# 
_entry.id   6XEL 
# 
_audit_conform.dict_name       mmcif_pdbx.dic 
_audit_conform.dict_version    5.380 
_audit_conform.dict_location   http://mmcif.pdb.org/dictionaries/ascii/mmcif_pdbx.dic 
# 
loop_
_database_2.database_id 
_database_2.database_code 
_database_2.pdbx_database_accession 
_database_2.pdbx_DOI 
PDB   6XEL         pdb_00006xel 10.2210/pdb6xel/pdb 
WWPDB D_1000249237 ?            ?                   
# 
_pdbx_database_status.status_code                     REL 
_pdbx_database_status.status_code_sf                  REL 
_pdbx_database_status.status_code_mr                  ? 
_pdbx_database_status.entry_id                        6XEL 
_pdbx_database_status.recvd_initial_deposition_date   2020-06-12 
_pdbx_database_status.SG_entry                        N 
_pdbx_database_status.deposit_site                    RCSB 
_pdbx_database_status.process_site                    RCSB 
_pdbx_database_status.status_code_cs                  ? 
_pdbx_database_status.status_code_nmr_data            ? 
_pdbx_database_status.methods_development_category    ? 
_pdbx_database_status.pdb_format_compatible           Y 
# 
loop_
_audit_author.name 
_audit_author.pdbx_ordinal 
_audit_author.identifier_ORCID 
'Simmons, C.R.'      1 0000-0002-2290-6132 
'MacCulloch, T.'     2 0000-0001-5875-3361 
'Stephanopoulos, N.' 3 0000-0001-7859-410X 
'Yan, H.'            4 0000-0001-7397-9852 
# 
_citation.abstract                  ? 
_citation.abstract_id_CAS           ? 
_citation.book_id_ISBN              ? 
_citation.book_publisher            ? 
_citation.book_publisher_city       ? 
_citation.book_title                ? 
_citation.coordinate_linkage        ? 
_citation.country                   UK 
_citation.database_id_Medline       ? 
_citation.details                   ? 
_citation.id                        primary 
_citation.journal_abbrev            'Nat Commun' 
_citation.journal_id_ASTM           ? 
_citation.journal_id_CSD            ? 
_citation.journal_id_ISSN           2041-1723 
_citation.journal_full              ? 
_citation.journal_issue             ? 
_citation.journal_volume            13 
_citation.language                  ? 
_citation.page_first                3112 
_citation.page_last                 3112 
_citation.title                     'The influence of Holliday junction sequence and dynamics on DNA crystal self-assembly.' 
_citation.year                      2022 
_citation.database_id_CSD           ? 
_citation.pdbx_database_id_DOI      10.1038/s41467-022-30779-6 
_citation.pdbx_database_id_PubMed   35662248 
_citation.unpublished_flag          ? 
# 
loop_
_citation_author.citation_id 
_citation_author.name 
_citation_author.ordinal 
_citation_author.identifier_ORCID 
primary 'Simmons, C.R.'      1  ?                   
primary 'MacCulloch, T.'     2  ?                   
primary 'Krepl, M.'          3  0000-0002-9833-4281 
primary 'Matthies, M.'       4  ?                   
primary 'Buchberger, A.'     5  ?                   
primary 'Crawford, I.'       6  ?                   
primary 'Sponer, J.'         7  0000-0001-6558-6186 
primary 'Sulc, P.'           8  0000-0003-1565-6769 
primary 'Stephanopoulos, N.' 9  0000-0001-7859-410X 
primary 'Yan, H.'            10 0000-0001-7397-9852 
# 
_cell.angle_alpha                  90.000 
_cell.angle_alpha_esd              ? 
_cell.angle_beta                   90.000 
_cell.angle_beta_esd               ? 
_cell.angle_gamma                  120.000 
_cell.angle_gamma_esd              ? 
_cell.entry_id                     6XEL 
_cell.details                      ? 
_cell.formula_units_Z              ? 
_cell.length_a                     68.758 
_cell.length_a_esd                 ? 
_cell.length_b                     68.758 
_cell.length_b_esd                 ? 
_cell.length_c                     60.915 
_cell.length_c_esd                 ? 
_cell.volume                       ? 
_cell.volume_esd                   ? 
_cell.Z_PDB                        3 
_cell.reciprocal_angle_alpha       ? 
_cell.reciprocal_angle_beta        ? 
_cell.reciprocal_angle_gamma       ? 
_cell.reciprocal_angle_alpha_esd   ? 
_cell.reciprocal_angle_beta_esd    ? 
_cell.reciprocal_angle_gamma_esd   ? 
_cell.reciprocal_length_a          ? 
_cell.reciprocal_length_b          ? 
_cell.reciprocal_length_c          ? 
_cell.reciprocal_length_a_esd      ? 
_cell.reciprocal_length_b_esd      ? 
_cell.reciprocal_length_c_esd      ? 
_cell.pdbx_unique_axis             ? 
# 
_symmetry.entry_id                         6XEL 
_symmetry.cell_setting                     ? 
_symmetry.Int_Tables_number                145 
_symmetry.space_group_name_Hall            ? 
_symmetry.space_group_name_H-M             'P 32' 
_symmetry.pdbx_full_space_group_name_H-M   ? 
# 
loop_
_entity.id 
_entity.type 
_entity.src_method 
_entity.pdbx_description 
_entity.formula_weight 
_entity.pdbx_number_of_molecules 
_entity.pdbx_ec 
_entity.pdbx_mutation 
_entity.pdbx_fragment 
_entity.details 
1 polymer     syn 
;DNA (5'-D(*GP*AP*GP*CP*AP*GP*AP*CP*GP*TP*G)-3')
;
3423.248 1 ? ? ? ? 
2 polymer     syn 
;DNA (5'-D(P*AP*CP*CP*GP*CP*AP*CP*TP*CP*A)-3')
;
2973.971 1 ? ? ? ? 
3 polymer     syn 
;DNA (5'-D(P*CP*AP*GP*GP*T)-3')
;
1520.036 1 ? ? ? ? 
4 polymer     syn 
;DNA (5'-D(*TP*CP*TP*GP*AP*GP*TP*GP*CP*CP*GP*TP*CP*TP*GP*C)-3')
;
4881.151 1 ? ? ? ? 
5 non-polymer syn 'CACODYLATE ION'                                                 136.989  1 ? ? ? ? 
# 
loop_
_entity_poly.entity_id 
_entity_poly.type 
_entity_poly.nstd_linkage 
_entity_poly.nstd_monomer 
_entity_poly.pdbx_seq_one_letter_code 
_entity_poly.pdbx_seq_one_letter_code_can 
_entity_poly.pdbx_strand_id 
_entity_poly.pdbx_target_identifier 
1 polydeoxyribonucleotide no no '(DG)(DA)(DG)(DC)(DA)(DG)(DA)(DC)(DG)(DT)(DG)'                     GAGCAGACGTG      A ? 
2 polydeoxyribonucleotide no no '(DA)(DC)(DC)(DG)(DC)(DA)(DC)(DT)(DC)(DA)'                         ACCGCACTCA       B ? 
3 polydeoxyribonucleotide no no '(DC)(DA)(DG)(DG)(DT)'                                             CAGGT            C ? 
4 polydeoxyribonucleotide no no '(DT)(DC)(DT)(DG)(DA)(DG)(DT)(DG)(DC)(DC)(DG)(DT)(DC)(DT)(DG)(DC)' TCTGAGTGCCGTCTGC D ? 
# 
loop_
_entity_poly_seq.entity_id 
_entity_poly_seq.num 
_entity_poly_seq.mon_id 
_entity_poly_seq.hetero 
1 1  DG n 
1 2  DA n 
1 3  DG n 
1 4  DC n 
1 5  DA n 
1 6  DG n 
1 7  DA n 
1 8  DC n 
1 9  DG n 
1 10 DT n 
1 11 DG n 
2 1  DA n 
2 2  DC n 
2 3  DC n 
2 4  DG n 
2 5  DC n 
2 6  DA n 
2 7  DC n 
2 8  DT n 
2 9  DC n 
2 10 DA n 
3 1  DC n 
3 2  DA n 
3 3  DG n 
3 4  DG n 
3 5  DT n 
4 1  DT n 
4 2  DC n 
4 3  DT n 
4 4  DG n 
4 5  DA n 
4 6  DG n 
4 7  DT n 
4 8  DG n 
4 9  DC n 
4 10 DC n 
4 11 DG n 
4 12 DT n 
4 13 DC n 
4 14 DT n 
4 15 DG n 
4 16 DC n 
# 
loop_
_pdbx_entity_src_syn.entity_id 
_pdbx_entity_src_syn.pdbx_src_id 
_pdbx_entity_src_syn.pdbx_alt_source_flag 
_pdbx_entity_src_syn.pdbx_beg_seq_num 
_pdbx_entity_src_syn.pdbx_end_seq_num 
_pdbx_entity_src_syn.organism_scientific 
_pdbx_entity_src_syn.organism_common_name 
_pdbx_entity_src_syn.ncbi_taxonomy_id 
_pdbx_entity_src_syn.details 
1 1 sample 1 11 'synthetic construct' ? 32630 ? 
2 1 sample 1 10 'synthetic construct' ? 32630 ? 
3 1 sample 1 5  'synthetic construct' ? 32630 ? 
4 1 sample 1 16 'synthetic construct' ? 32630 ? 
# 
loop_
_struct_ref.id 
_struct_ref.db_name 
_struct_ref.db_code 
_struct_ref.pdbx_db_accession 
_struct_ref.pdbx_db_isoform 
_struct_ref.entity_id 
_struct_ref.pdbx_seq_one_letter_code 
_struct_ref.pdbx_align_begin 
1 PDB 6XEL 6XEL ? 1 ? 1 
2 PDB 6XEL 6XEL ? 2 ? 1 
3 PDB 6XEL 6XEL ? 3 ? 1 
4 PDB 6XEL 6XEL ? 4 ? 1 
# 
loop_
_struct_ref_seq.align_id 
_struct_ref_seq.ref_id 
_struct_ref_seq.pdbx_PDB_id_code 
_struct_ref_seq.pdbx_strand_id 
_struct_ref_seq.seq_align_beg 
_struct_ref_seq.pdbx_seq_align_beg_ins_code 
_struct_ref_seq.seq_align_end 
_struct_ref_seq.pdbx_seq_align_end_ins_code 
_struct_ref_seq.pdbx_db_accession 
_struct_ref_seq.db_align_beg 
_struct_ref_seq.pdbx_db_align_beg_ins_code 
_struct_ref_seq.db_align_end 
_struct_ref_seq.pdbx_db_align_end_ins_code 
_struct_ref_seq.pdbx_auth_seq_align_beg 
_struct_ref_seq.pdbx_auth_seq_align_end 
1 1 6XEL A 1 ? 11 ? 6XEL 1  ? 11 ? 1  11 
2 2 6XEL B 1 ? 10 ? 6XEL 12 ? 21 ? 12 21 
3 3 6XEL C 1 ? 5  ? 6XEL 1  ? 5  ? 1  5  
4 4 6XEL D 1 ? 16 ? 6XEL 1  ? 16 ? 1  16 
# 
loop_
_chem_comp.id 
_chem_comp.type 
_chem_comp.mon_nstd_flag 
_chem_comp.name 
_chem_comp.pdbx_synonyms 
_chem_comp.formula 
_chem_comp.formula_weight 
CAC non-polymer   . 'CACODYLATE ION'                     dimethylarsinate 'C2 H6 As O2 -1'  136.989 
DA  'DNA linking' y "2'-DEOXYADENOSINE-5'-MONOPHOSPHATE" ?                'C10 H14 N5 O6 P' 331.222 
DC  'DNA linking' y "2'-DEOXYCYTIDINE-5'-MONOPHOSPHATE"  ?                'C9 H14 N3 O7 P'  307.197 
DG  'DNA linking' y "2'-DEOXYGUANOSINE-5'-MONOPHOSPHATE" ?                'C10 H14 N5 O7 P' 347.221 
DT  'DNA linking' y "THYMIDINE-5'-MONOPHOSPHATE"         ?                'C10 H15 N2 O8 P' 322.208 
# 
_exptl.absorpt_coefficient_mu     ? 
_exptl.absorpt_correction_T_max   ? 
_exptl.absorpt_correction_T_min   ? 
_exptl.absorpt_correction_type    ? 
_exptl.absorpt_process_details    ? 
_exptl.entry_id                   6XEL 
_exptl.crystals_number            1 
_exptl.details                    ? 
_exptl.method                     'X-RAY DIFFRACTION' 
_exptl.method_details             ? 
# 
_exptl_crystal.colour                      ? 
_exptl_crystal.density_diffrn              ? 
_exptl_crystal.density_Matthews            6.50 
_exptl_crystal.density_method              ? 
_exptl_crystal.density_percent_sol         81.06 
_exptl_crystal.description                 ? 
_exptl_crystal.F_000                       ? 
_exptl_crystal.id                          1 
_exptl_crystal.preparation                 ? 
_exptl_crystal.size_max                    ? 
_exptl_crystal.size_mid                    ? 
_exptl_crystal.size_min                    ? 
_exptl_crystal.size_rad                    ? 
_exptl_crystal.colour_lustre               ? 
_exptl_crystal.colour_modifier             ? 
_exptl_crystal.colour_primary              ? 
_exptl_crystal.density_meas                ? 
_exptl_crystal.density_meas_esd            ? 
_exptl_crystal.density_meas_gt             ? 
_exptl_crystal.density_meas_lt             ? 
_exptl_crystal.density_meas_temp           ? 
_exptl_crystal.density_meas_temp_esd       ? 
_exptl_crystal.density_meas_temp_gt        ? 
_exptl_crystal.density_meas_temp_lt        ? 
_exptl_crystal.pdbx_crystal_image_url      ? 
_exptl_crystal.pdbx_crystal_image_format   ? 
_exptl_crystal.pdbx_mosaicity              ? 
_exptl_crystal.pdbx_mosaicity_esd          ? 
# 
_exptl_crystal_grow.apparatus       ? 
_exptl_crystal_grow.atmosphere      ? 
_exptl_crystal_grow.crystal_id      1 
_exptl_crystal_grow.details         ? 
_exptl_crystal_grow.method          'VAPOR DIFFUSION, SITTING DROP' 
_exptl_crystal_grow.method_ref      ? 
_exptl_crystal_grow.pH              ? 
_exptl_crystal_grow.pressure        ? 
_exptl_crystal_grow.pressure_esd    ? 
_exptl_crystal_grow.seeding         ? 
_exptl_crystal_grow.seeding_ref     ? 
_exptl_crystal_grow.temp            298 
_exptl_crystal_grow.temp_details    'temperature gradient generated from 60 to 25 C at 0.3 degrees per hour' 
_exptl_crystal_grow.temp_esd        ? 
_exptl_crystal_grow.time            ? 
_exptl_crystal_grow.pdbx_details    
;0.5 mL of 0.05 M Cacodylate pH 7.0 with 18 mM MgCl2, 25 mM spermine, 0.9 mM CoH18N6, and 4.5% MPD was added to the reservoir with 2 uL added to the drop containing 4 uL of DNA stock
;
_exptl_crystal_grow.pdbx_pH_range   ? 
# 
_diffrn.ambient_environment              ? 
_diffrn.ambient_temp                     100 
_diffrn.ambient_temp_details             ? 
_diffrn.ambient_temp_esd                 ? 
_diffrn.crystal_id                       1 
_diffrn.crystal_support                  ? 
_diffrn.crystal_treatment                ? 
_diffrn.details                          ? 
_diffrn.id                               1 
_diffrn.ambient_pressure                 ? 
_diffrn.ambient_pressure_esd             ? 
_diffrn.ambient_pressure_gt              ? 
_diffrn.ambient_pressure_lt              ? 
_diffrn.ambient_temp_gt                  ? 
_diffrn.ambient_temp_lt                  ? 
_diffrn.pdbx_serial_crystal_experiment   N 
# 
_diffrn_detector.details                      ? 
_diffrn_detector.detector                     PIXEL 
_diffrn_detector.diffrn_id                    1 
_diffrn_detector.type                         'DECTRIS PILATUS3 6M' 
_diffrn_detector.area_resol_mean              ? 
_diffrn_detector.dtime                        ? 
_diffrn_detector.pdbx_frames_total            ? 
_diffrn_detector.pdbx_collection_time_total   ? 
_diffrn_detector.pdbx_collection_date         2018-03-15 
_diffrn_detector.pdbx_frequency               ? 
# 
_diffrn_radiation.collimation                      ? 
_diffrn_radiation.diffrn_id                        1 
_diffrn_radiation.filter_edge                      ? 
_diffrn_radiation.inhomogeneity                    ? 
_diffrn_radiation.monochromator                    ? 
_diffrn_radiation.polarisn_norm                    ? 
_diffrn_radiation.polarisn_ratio                   ? 
_diffrn_radiation.probe                            ? 
_diffrn_radiation.type                             ? 
_diffrn_radiation.xray_symbol                      ? 
_diffrn_radiation.wavelength_id                    1 
_diffrn_radiation.pdbx_monochromatic_or_laue_m_l   M 
_diffrn_radiation.pdbx_wavelength_list             ? 
_diffrn_radiation.pdbx_wavelength                  ? 
_diffrn_radiation.pdbx_diffrn_protocol             'SINGLE WAVELENGTH' 
_diffrn_radiation.pdbx_analyzer                    ? 
_diffrn_radiation.pdbx_scattering_type             x-ray 
# 
_diffrn_radiation_wavelength.id           1 
_diffrn_radiation_wavelength.wavelength   0.92 
_diffrn_radiation_wavelength.wt           1.0 
# 
_diffrn_source.current                     ? 
_diffrn_source.details                     ? 
_diffrn_source.diffrn_id                   1 
_diffrn_source.power                       ? 
_diffrn_source.size                        ? 
_diffrn_source.source                      SYNCHROTRON 
_diffrn_source.target                      ? 
_diffrn_source.type                        'APS BEAMLINE 19-ID' 
_diffrn_source.voltage                     ? 
_diffrn_source.take-off_angle              ? 
_diffrn_source.pdbx_wavelength_list        0.92 
_diffrn_source.pdbx_wavelength             ? 
_diffrn_source.pdbx_synchrotron_beamline   19-ID 
_diffrn_source.pdbx_synchrotron_site       APS 
# 
_reflns.B_iso_Wilson_estimate            110.300 
_reflns.entry_id                         6XEL 
_reflns.data_reduction_details           ? 
_reflns.data_reduction_method            ? 
_reflns.d_resolution_high                3.000 
_reflns.d_resolution_low                 50.000 
_reflns.details                          ? 
_reflns.limit_h_max                      ? 
_reflns.limit_h_min                      ? 
_reflns.limit_k_max                      ? 
_reflns.limit_k_min                      ? 
_reflns.limit_l_max                      ? 
_reflns.limit_l_min                      ? 
_reflns.number_all                       ? 
_reflns.number_obs                       6272 
_reflns.observed_criterion               ? 
_reflns.observed_criterion_F_max         ? 
_reflns.observed_criterion_F_min         ? 
_reflns.observed_criterion_I_max         ? 
_reflns.observed_criterion_I_min         ? 
_reflns.observed_criterion_sigma_F       ? 
_reflns.observed_criterion_sigma_I       ? 
_reflns.percent_possible_obs             97.300 
_reflns.R_free_details                   ? 
_reflns.Rmerge_F_all                     ? 
_reflns.Rmerge_F_obs                     ? 
_reflns.Friedel_coverage                 ? 
_reflns.number_gt                        ? 
_reflns.threshold_expression             ? 
_reflns.pdbx_redundancy                  9.900 
_reflns.pdbx_Rmerge_I_obs                0.084 
_reflns.pdbx_Rmerge_I_all                ? 
_reflns.pdbx_Rsym_value                  ? 
_reflns.pdbx_netI_over_av_sigmaI         ? 
_reflns.pdbx_netI_over_sigmaI            6.500 
_reflns.pdbx_res_netI_over_av_sigmaI_2   ? 
_reflns.pdbx_res_netI_over_sigmaI_2      ? 
_reflns.pdbx_chi_squared                 3.317 
_reflns.pdbx_scaling_rejects             ? 
_reflns.pdbx_d_res_high_opt              ? 
_reflns.pdbx_d_res_low_opt               ? 
_reflns.pdbx_d_res_opt_method            ? 
_reflns.phase_calculation_details        ? 
_reflns.pdbx_Rrim_I_all                  0.089 
_reflns.pdbx_Rpim_I_all                  0.029 
_reflns.pdbx_d_opt                       ? 
_reflns.pdbx_number_measured_all         ? 
_reflns.pdbx_diffrn_id                   1 
_reflns.pdbx_ordinal                     1 
_reflns.pdbx_CC_half                     0.896 
_reflns.pdbx_CC_star                     ? 
_reflns.pdbx_R_split                     ? 
# 
loop_
_reflns_shell.d_res_high 
_reflns_shell.d_res_low 
_reflns_shell.meanI_over_sigI_all 
_reflns_shell.meanI_over_sigI_obs 
_reflns_shell.number_measured_all 
_reflns_shell.number_measured_obs 
_reflns_shell.number_possible 
_reflns_shell.number_unique_all 
_reflns_shell.number_unique_obs 
_reflns_shell.percent_possible_all 
_reflns_shell.percent_possible_obs 
_reflns_shell.Rmerge_F_all 
_reflns_shell.Rmerge_F_obs 
_reflns_shell.Rmerge_I_all 
_reflns_shell.Rmerge_I_obs 
_reflns_shell.meanI_over_sigI_gt 
_reflns_shell.meanI_over_uI_all 
_reflns_shell.meanI_over_uI_gt 
_reflns_shell.number_measured_gt 
_reflns_shell.number_unique_gt 
_reflns_shell.percent_possible_gt 
_reflns_shell.Rmerge_F_gt 
_reflns_shell.Rmerge_I_gt 
_reflns_shell.pdbx_redundancy 
_reflns_shell.pdbx_Rsym_value 
_reflns_shell.pdbx_chi_squared 
_reflns_shell.pdbx_netI_over_sigmaI_all 
_reflns_shell.pdbx_netI_over_sigmaI_obs 
_reflns_shell.pdbx_Rrim_I_all 
_reflns_shell.pdbx_Rpim_I_all 
_reflns_shell.pdbx_rejects 
_reflns_shell.pdbx_ordinal 
_reflns_shell.pdbx_diffrn_id 
_reflns_shell.pdbx_CC_half 
_reflns_shell.pdbx_CC_star 
_reflns_shell.pdbx_R_split 
3.000 3.050  ? ? ? ? ? ? 235 73.700  ? ? ? ? 0.610 ? ? ? ? ? ? ? ? 8.400  ? 0.421  ? ? 0.645 0.205 ? 1  1 0.925 ? ? 
3.050 3.110  ? ? ? ? ? ? 274 86.200  ? ? ? ? 0.330 ? ? ? ? ? ? ? ? 8.400  ? 0.475  ? ? 0.348 0.110 ? 2  1 0.982 ? ? 
3.110 3.170  ? ? ? ? ? ? 294 90.700  ? ? ? ? 0.215 ? ? ? ? ? ? ? ? 8.100  ? 0.488  ? ? 0.227 0.072 ? 3  1 0.995 ? ? 
3.170 3.230  ? ? ? ? ? ? 299 97.400  ? ? ? ? 0.098 ? ? ? ? ? ? ? ? 8.000  ? 0.554  ? ? 0.105 0.036 ? 4  1 0.997 ? ? 
3.230 3.300  ? ? ? ? ? ? 324 98.200  ? ? ? ? 0.079 ? ? ? ? ? ? ? ? 7.900  ? 0.565  ? ? 0.084 0.029 ? 5  1 0.998 ? ? 
3.300 3.380  ? ? ? ? ? ? 324 99.700  ? ? ? ? 0.109 ? ? ? ? ? ? ? ? 10.100 ? 0.533  ? ? 0.115 0.035 ? 6  1 0.998 ? ? 
3.380 3.460  ? ? ? ? ? ? 310 100.000 ? ? ? ? 0.100 ? ? ? ? ? ? ? ? 10.300 ? 0.567  ? ? 0.105 0.031 ? 7  1 0.998 ? ? 
3.460 3.560  ? ? ? ? ? ? 333 100.000 ? ? ? ? 0.118 ? ? ? ? ? ? ? ? 10.600 ? 0.552  ? ? 0.124 0.037 ? 8  1 0.998 ? ? 
3.560 3.660  ? ? ? ? ? ? 325 100.000 ? ? ? ? 0.121 ? ? ? ? ? ? ? ? 10.500 ? 0.528  ? ? 0.127 0.038 ? 9  1 0.997 ? ? 
3.660 3.780  ? ? ? ? ? ? 325 100.000 ? ? ? ? 0.124 ? ? ? ? ? ? ? ? 10.500 ? 0.606  ? ? 0.130 0.040 ? 10 1 0.996 ? ? 
3.780 3.910  ? ? ? ? ? ? 316 100.000 ? ? ? ? 0.103 ? ? ? ? ? ? ? ? 10.300 ? 0.635  ? ? 0.108 0.033 ? 11 1 0.997 ? ? 
3.910 4.070  ? ? ? ? ? ? 330 99.400  ? ? ? ? 0.095 ? ? ? ? ? ? ? ? 9.400  ? 0.741  ? ? 0.101 0.034 ? 12 1 0.995 ? ? 
4.070 4.260  ? ? ? ? ? ? 319 100.000 ? ? ? ? 0.079 ? ? ? ? ? ? ? ? 11.000 ? 0.794  ? ? 0.083 0.025 ? 13 1 0.998 ? ? 
4.260 4.480  ? ? ? ? ? ? 320 100.000 ? ? ? ? 0.079 ? ? ? ? ? ? ? ? 10.700 ? 0.806  ? ? 0.083 0.025 ? 14 1 0.998 ? ? 
4.480 4.760  ? ? ? ? ? ? 334 100.000 ? ? ? ? 0.069 ? ? ? ? ? ? ? ? 10.800 ? 1.127  ? ? 0.073 0.022 ? 15 1 0.998 ? ? 
4.760 5.130  ? ? ? ? ? ? 311 100.000 ? ? ? ? 0.062 ? ? ? ? ? ? ? ? 10.500 ? 1.845  ? ? 0.065 0.020 ? 16 1 0.998 ? ? 
5.130 5.640  ? ? ? ? ? ? 330 100.000 ? ? ? ? 0.056 ? ? ? ? ? ? ? ? 10.000 ? 3.987  ? ? 0.059 0.019 ? 17 1 0.998 ? ? 
5.640 6.460  ? ? ? ? ? ? 308 99.700  ? ? ? ? 0.064 ? ? ? ? ? ? ? ? 11.100 ? 6.671  ? ? 0.067 0.020 ? 18 1 0.990 ? ? 
6.460 8.130  ? ? ? ? ? ? 329 100.000 ? ? ? ? 0.049 ? ? ? ? ? ? ? ? 10.300 ? 8.169  ? ? 0.051 0.016 ? 19 1 0.999 ? ? 
8.130 50.000 ? ? ? ? ? ? 332 100.000 ? ? ? ? 0.092 ? ? ? ? ? ? ? ? 10.600 ? 30.319 ? ? 0.099 0.034 ? 20 1 0.884 ? ? 
# 
_refine.aniso_B[1][1]                            ? 
_refine.aniso_B[1][2]                            ? 
_refine.aniso_B[1][3]                            ? 
_refine.aniso_B[2][2]                            ? 
_refine.aniso_B[2][3]                            ? 
_refine.aniso_B[3][3]                            ? 
_refine.B_iso_max                                188.600 
_refine.B_iso_mean                               109.9634 
_refine.B_iso_min                                56.370 
_refine.correlation_coeff_Fo_to_Fc               ? 
_refine.correlation_coeff_Fo_to_Fc_free          ? 
_refine.details                                  ? 
_refine.diff_density_max                         ? 
_refine.diff_density_max_esd                     ? 
_refine.diff_density_min                         ? 
_refine.diff_density_min_esd                     ? 
_refine.diff_density_rms                         ? 
_refine.diff_density_rms_esd                     ? 
_refine.entry_id                                 6XEL 
_refine.pdbx_refine_id                           'X-RAY DIFFRACTION' 
_refine.ls_abs_structure_details                 ? 
_refine.ls_abs_structure_Flack                   ? 
_refine.ls_abs_structure_Flack_esd               ? 
_refine.ls_abs_structure_Rogers                  ? 
_refine.ls_abs_structure_Rogers_esd              ? 
_refine.ls_d_res_high                            3.0010 
_refine.ls_d_res_low                             34.3790 
_refine.ls_extinction_coef                       ? 
_refine.ls_extinction_coef_esd                   ? 
_refine.ls_extinction_expression                 ? 
_refine.ls_extinction_method                     ? 
_refine.ls_goodness_of_fit_all                   ? 
_refine.ls_goodness_of_fit_all_esd               ? 
_refine.ls_goodness_of_fit_obs                   ? 
_refine.ls_goodness_of_fit_obs_esd               ? 
_refine.ls_hydrogen_treatment                    ? 
_refine.ls_matrix_type                           ? 
_refine.ls_number_constraints                    ? 
_refine.ls_number_parameters                     ? 
_refine.ls_number_reflns_all                     ? 
_refine.ls_number_reflns_obs                     6101 
_refine.ls_number_reflns_R_free                  302 
_refine.ls_number_reflns_R_work                  5799 
_refine.ls_number_restraints                     ? 
_refine.ls_percent_reflns_obs                    94.8400 
_refine.ls_percent_reflns_R_free                 4.9500 
_refine.ls_R_factor_all                          ? 
_refine.ls_R_factor_obs                          0.2535 
_refine.ls_R_factor_R_free                       0.2879 
_refine.ls_R_factor_R_free_error                 ? 
_refine.ls_R_factor_R_free_error_details         ? 
_refine.ls_R_factor_R_work                       0.2519 
_refine.ls_R_Fsqd_factor_obs                     ? 
_refine.ls_R_I_factor_obs                        ? 
_refine.ls_redundancy_reflns_all                 ? 
_refine.ls_redundancy_reflns_obs                 ? 
_refine.ls_restrained_S_all                      ? 
_refine.ls_restrained_S_obs                      ? 
_refine.ls_shift_over_esd_max                    ? 
_refine.ls_shift_over_esd_mean                   ? 
_refine.ls_structure_factor_coef                 ? 
_refine.ls_weighting_details                     ? 
_refine.ls_weighting_scheme                      ? 
_refine.ls_wR_factor_all                         ? 
_refine.ls_wR_factor_obs                         ? 
_refine.ls_wR_factor_R_free                      ? 
_refine.ls_wR_factor_R_work                      ? 
_refine.occupancy_max                            ? 
_refine.occupancy_min                            ? 
_refine.solvent_model_details                    'FLAT BULK SOLVENT MODEL' 
_refine.solvent_model_param_bsol                 ? 
_refine.solvent_model_param_ksol                 ? 
_refine.pdbx_R_complete                          ? 
_refine.ls_R_factor_gt                           ? 
_refine.ls_goodness_of_fit_gt                    ? 
_refine.ls_goodness_of_fit_ref                   ? 
_refine.ls_shift_over_su_max                     ? 
_refine.ls_shift_over_su_max_lt                  ? 
_refine.ls_shift_over_su_mean                    ? 
_refine.ls_shift_over_su_mean_lt                 ? 
_refine.pdbx_ls_sigma_I                          ? 
_refine.pdbx_ls_sigma_F                          2.010 
_refine.pdbx_ls_sigma_Fsqd                       ? 
_refine.pdbx_data_cutoff_high_absF               ? 
_refine.pdbx_data_cutoff_high_rms_absF           ? 
_refine.pdbx_data_cutoff_low_absF                ? 
_refine.pdbx_isotropic_thermal_model             ? 
_refine.pdbx_ls_cross_valid_method               THROUGHOUT 
_refine.pdbx_method_to_determine_struct          'MOLECULAR REPLACEMENT' 
_refine.pdbx_starting_model                      6x8c 
_refine.pdbx_stereochemistry_target_values       ML 
_refine.pdbx_R_Free_selection_details            ? 
_refine.pdbx_stereochem_target_val_spec_case     ? 
_refine.pdbx_overall_ESU_R                       ? 
_refine.pdbx_overall_ESU_R_Free                  ? 
_refine.pdbx_solvent_vdw_probe_radii             1.1100 
_refine.pdbx_solvent_ion_probe_radii             ? 
_refine.pdbx_solvent_shrinkage_radii             0.9000 
_refine.pdbx_real_space_R                        ? 
_refine.pdbx_density_correlation                 ? 
_refine.pdbx_pd_number_of_powder_patterns        ? 
_refine.pdbx_pd_number_of_points                 ? 
_refine.pdbx_pd_meas_number_of_points            ? 
_refine.pdbx_pd_proc_ls_prof_R_factor            ? 
_refine.pdbx_pd_proc_ls_prof_wR_factor           ? 
_refine.pdbx_pd_Marquardt_correlation_coeff      ? 
_refine.pdbx_pd_Fsqrd_R_factor                   ? 
_refine.pdbx_pd_ls_matrix_band_width             ? 
_refine.pdbx_overall_phase_error                 36.9400 
_refine.pdbx_overall_SU_R_free_Cruickshank_DPI   ? 
_refine.pdbx_overall_SU_R_free_Blow_DPI          ? 
_refine.pdbx_overall_SU_R_Blow_DPI               ? 
_refine.pdbx_TLS_residual_ADP_flag               ? 
_refine.pdbx_diffrn_id                           1 
_refine.overall_SU_B                             ? 
_refine.overall_SU_ML                            0.3100 
_refine.overall_SU_R_Cruickshank_DPI             ? 
_refine.overall_SU_R_free                        ? 
_refine.overall_FOM_free_R_set                   ? 
_refine.overall_FOM_work_R_set                   ? 
_refine.pdbx_average_fsc_overall                 ? 
_refine.pdbx_average_fsc_work                    ? 
_refine.pdbx_average_fsc_free                    ? 
# 
_refine_hist.pdbx_refine_id                   'X-RAY DIFFRACTION' 
_refine_hist.cycle_id                         final 
_refine_hist.details                          ? 
_refine_hist.d_res_high                       3.0010 
_refine_hist.d_res_low                        34.3790 
_refine_hist.number_atoms_solvent             0 
_refine_hist.number_atoms_total               856 
_refine_hist.number_reflns_all                ? 
_refine_hist.number_reflns_obs                ? 
_refine_hist.number_reflns_R_free             ? 
_refine_hist.number_reflns_R_work             ? 
_refine_hist.R_factor_all                     ? 
_refine_hist.R_factor_obs                     ? 
_refine_hist.R_factor_R_free                  ? 
_refine_hist.R_factor_R_work                  ? 
_refine_hist.pdbx_number_residues_total       42 
_refine_hist.pdbx_B_iso_mean_ligand           80.71 
_refine_hist.pdbx_B_iso_mean_solvent          ? 
_refine_hist.pdbx_number_atoms_protein        0 
_refine_hist.pdbx_number_atoms_nucleic_acid   855 
_refine_hist.pdbx_number_atoms_ligand         1 
_refine_hist.pdbx_number_atoms_lipid          ? 
_refine_hist.pdbx_number_atoms_carb           ? 
_refine_hist.pdbx_pseudo_atom_details         ? 
# 
loop_
_refine_ls_restr.pdbx_refine_id 
_refine_ls_restr.criterion 
_refine_ls_restr.dev_ideal 
_refine_ls_restr.dev_ideal_target 
_refine_ls_restr.number 
_refine_ls_restr.rejects 
_refine_ls_restr.type 
_refine_ls_restr.weight 
_refine_ls_restr.pdbx_restraint_function 
'X-RAY DIFFRACTION' ? 0.005  ? 956  ? f_bond_d           ? ? 
'X-RAY DIFFRACTION' ? 0.608  ? 1467 ? f_angle_d          ? ? 
'X-RAY DIFFRACTION' ? 0.032  ? 166  ? f_chiral_restr     ? ? 
'X-RAY DIFFRACTION' ? 0.003  ? 42   ? f_plane_restr      ? ? 
'X-RAY DIFFRACTION' ? 34.717 ? 406  ? f_dihedral_angle_d ? ? 
# 
loop_
_refine_ls_shell.pdbx_refine_id 
_refine_ls_shell.d_res_high 
_refine_ls_shell.d_res_low 
_refine_ls_shell.number_reflns_all 
_refine_ls_shell.number_reflns_obs 
_refine_ls_shell.number_reflns_R_free 
_refine_ls_shell.number_reflns_R_work 
_refine_ls_shell.percent_reflns_obs 
_refine_ls_shell.percent_reflns_R_free 
_refine_ls_shell.R_factor_all 
_refine_ls_shell.R_factor_obs 
_refine_ls_shell.R_factor_R_free 
_refine_ls_shell.R_factor_R_free_error 
_refine_ls_shell.R_factor_R_work 
_refine_ls_shell.redundancy_reflns_all 
_refine_ls_shell.redundancy_reflns_obs 
_refine_ls_shell.wR_factor_all 
_refine_ls_shell.wR_factor_obs 
_refine_ls_shell.wR_factor_R_free 
_refine_ls_shell.wR_factor_R_work 
_refine_ls_shell.pdbx_R_complete 
_refine_ls_shell.pdbx_total_number_of_bins_used 
_refine_ls_shell.pdbx_phase_error 
_refine_ls_shell.pdbx_fsc_work 
_refine_ls_shell.pdbx_fsc_free 
'X-RAY DIFFRACTION' 3.0014 3.7807 . . 149 2753 90.0000 . . . 0.3575 0.0000 0.3342 . . . . . . . . . . . 
'X-RAY DIFFRACTION' 3.7807 34.379 . . 153 3046 99.0000 . . . 0.2695 0.0000 0.2333 . . . . . . . . . . . 
# 
_struct.entry_id                     6XEL 
_struct.title                        
'Self-assembly of a 3D DNA crystal lattice (4x5 junction version) containing the J15 immobile Holliday junction' 
_struct.pdbx_model_details           ? 
_struct.pdbx_formula_weight          ? 
_struct.pdbx_formula_weight_method   ? 
_struct.pdbx_model_type_details      ? 
_struct.pdbx_CASP_flag               N 
# 
_struct_keywords.entry_id        6XEL 
_struct_keywords.text            
'Structural DNA nanotechnology, immobile Holliday junctions, 3D DNA self-assembly, designer DNA crystals, DNA' 
_struct_keywords.pdbx_keywords   DNA 
# 
loop_
_struct_asym.id 
_struct_asym.pdbx_blank_PDB_chainid_flag 
_struct_asym.pdbx_modified 
_struct_asym.entity_id 
_struct_asym.details 
A N N 1 ? 
B N N 2 ? 
C N N 3 ? 
D N N 4 ? 
E N N 5 ? 
# 
loop_
_struct_conn.id 
_struct_conn.conn_type_id 
_struct_conn.pdbx_leaving_atom_flag 
_struct_conn.pdbx_PDB_id 
_struct_conn.ptnr1_label_asym_id 
_struct_conn.ptnr1_label_comp_id 
_struct_conn.ptnr1_label_seq_id 
_struct_conn.ptnr1_label_atom_id 
_struct_conn.pdbx_ptnr1_label_alt_id 
_struct_conn.pdbx_ptnr1_PDB_ins_code 
_struct_conn.pdbx_ptnr1_standard_comp_id 
_struct_conn.ptnr1_symmetry 
_struct_conn.ptnr2_label_asym_id 
_struct_conn.ptnr2_label_comp_id 
_struct_conn.ptnr2_label_seq_id 
_struct_conn.ptnr2_label_atom_id 
_struct_conn.pdbx_ptnr2_label_alt_id 
_struct_conn.pdbx_ptnr2_PDB_ins_code 
_struct_conn.ptnr1_auth_asym_id 
_struct_conn.ptnr1_auth_comp_id 
_struct_conn.ptnr1_auth_seq_id 
_struct_conn.ptnr2_auth_asym_id 
_struct_conn.ptnr2_auth_comp_id 
_struct_conn.ptnr2_auth_seq_id 
_struct_conn.ptnr2_symmetry 
_struct_conn.pdbx_ptnr3_label_atom_id 
_struct_conn.pdbx_ptnr3_label_seq_id 
_struct_conn.pdbx_ptnr3_label_comp_id 
_struct_conn.pdbx_ptnr3_label_asym_id 
_struct_conn.pdbx_ptnr3_label_alt_id 
_struct_conn.pdbx_ptnr3_PDB_ins_code 
_struct_conn.details 
_struct_conn.pdbx_dist_value 
_struct_conn.pdbx_value_order 
_struct_conn.pdbx_role 
hydrog1  hydrog ? ? A DG 3  O6 ? ? ? 1_555 D DG 15 N1 ? ? A DG 3  D DG 15 1_555 ? ? ? ? ? ? 'DG-DG MISPAIR' ? ? ? 
hydrog2  hydrog ? ? A DG 3  O6 ? ? ? 1_555 D DC 16 N4 ? ? A DG 3  D DC 16 1_555 ? ? ? ? ? ? 'DG-DC PAIR'    ? ? ? 
hydrog3  hydrog ? ? A DC 4  N4 ? ? ? 1_555 D DG 15 O6 ? ? A DC 4  D DG 15 1_555 ? ? ? ? ? ? 'DC-DG PAIR'    ? ? ? 
hydrog4  hydrog ? ? A DG 6  N1 ? ? ? 1_555 D DC 13 N3 ? ? A DG 6  D DC 13 1_555 ? ? ? ? ? ? WATSON-CRICK    ? ? ? 
hydrog5  hydrog ? ? A DG 6  N2 ? ? ? 1_555 D DC 13 O2 ? ? A DG 6  D DC 13 1_555 ? ? ? ? ? ? WATSON-CRICK    ? ? ? 
hydrog6  hydrog ? ? A DG 6  O6 ? ? ? 1_555 D DC 13 N4 ? ? A DG 6  D DC 13 1_555 ? ? ? ? ? ? WATSON-CRICK    ? ? ? 
hydrog7  hydrog ? ? A DA 7  N1 ? ? ? 1_555 D DT 12 N3 ? ? A DA 7  D DT 12 1_555 ? ? ? ? ? ? WATSON-CRICK    ? ? ? 
hydrog8  hydrog ? ? A DA 7  N6 ? ? ? 1_555 D DT 12 O4 ? ? A DA 7  D DT 12 1_555 ? ? ? ? ? ? WATSON-CRICK    ? ? ? 
hydrog9  hydrog ? ? A DC 8  N3 ? ? ? 1_555 D DG 11 N1 ? ? A DC 8  D DG 11 1_555 ? ? ? ? ? ? WATSON-CRICK    ? ? ? 
hydrog10 hydrog ? ? A DC 8  N4 ? ? ? 1_555 D DG 11 O6 ? ? A DC 8  D DG 11 1_555 ? ? ? ? ? ? WATSON-CRICK    ? ? ? 
hydrog11 hydrog ? ? A DC 8  O2 ? ? ? 1_555 D DG 11 N2 ? ? A DC 8  D DG 11 1_555 ? ? ? ? ? ? WATSON-CRICK    ? ? ? 
hydrog12 hydrog ? ? A DG 9  N1 ? ? ? 1_555 D DC 10 N3 ? ? A DG 9  D DC 10 1_555 ? ? ? ? ? ? WATSON-CRICK    ? ? ? 
hydrog13 hydrog ? ? A DG 9  N2 ? ? ? 1_555 D DC 10 O2 ? ? A DG 9  D DC 10 1_555 ? ? ? ? ? ? WATSON-CRICK    ? ? ? 
hydrog14 hydrog ? ? A DG 9  O6 ? ? ? 1_555 D DC 10 N4 ? ? A DG 9  D DC 10 1_555 ? ? ? ? ? ? WATSON-CRICK    ? ? ? 
hydrog15 hydrog ? ? A DT 10 N3 ? ? ? 1_555 C DA 2  N1 ? ? A DT 10 C DA 2  1_555 ? ? ? ? ? ? WATSON-CRICK    ? ? ? 
hydrog16 hydrog ? ? A DT 10 O4 ? ? ? 1_555 C DA 2  N6 ? ? A DT 10 C DA 2  1_555 ? ? ? ? ? ? WATSON-CRICK    ? ? ? 
hydrog17 hydrog ? ? A DG 11 N1 ? ? ? 1_555 C DC 1  N3 ? ? A DG 11 C DC 1  1_555 ? ? ? ? ? ? WATSON-CRICK    ? ? ? 
hydrog18 hydrog ? ? A DG 11 N2 ? ? ? 1_555 C DC 1  O2 ? ? A DG 11 C DC 1  1_555 ? ? ? ? ? ? WATSON-CRICK    ? ? ? 
hydrog19 hydrog ? ? A DG 11 O6 ? ? ? 1_555 C DC 1  N4 ? ? A DG 11 C DC 1  1_555 ? ? ? ? ? ? WATSON-CRICK    ? ? ? 
hydrog20 hydrog ? ? B DA 1  N1 ? ? ? 1_555 C DT 5  N3 ? ? B DA 12 C DT 5  1_555 ? ? ? ? ? ? WATSON-CRICK    ? ? ? 
hydrog21 hydrog ? ? B DA 1  N6 ? ? ? 1_555 C DT 5  O4 ? ? B DA 12 C DT 5  1_555 ? ? ? ? ? ? WATSON-CRICK    ? ? ? 
hydrog22 hydrog ? ? B DC 2  N3 ? ? ? 1_555 C DG 4  N1 ? ? B DC 13 C DG 4  1_555 ? ? ? ? ? ? WATSON-CRICK    ? ? ? 
hydrog23 hydrog ? ? B DC 2  N4 ? ? ? 1_555 C DG 4  O6 ? ? B DC 13 C DG 4  1_555 ? ? ? ? ? ? WATSON-CRICK    ? ? ? 
hydrog24 hydrog ? ? B DC 2  O2 ? ? ? 1_555 C DG 4  N2 ? ? B DC 13 C DG 4  1_555 ? ? ? ? ? ? WATSON-CRICK    ? ? ? 
hydrog25 hydrog ? ? B DC 3  N3 ? ? ? 1_555 C DG 3  N1 ? ? B DC 14 C DG 3  1_555 ? ? ? ? ? ? WATSON-CRICK    ? ? ? 
hydrog26 hydrog ? ? B DC 3  N4 ? ? ? 1_555 C DG 3  O6 ? ? B DC 14 C DG 3  1_555 ? ? ? ? ? ? WATSON-CRICK    ? ? ? 
hydrog27 hydrog ? ? B DC 3  O2 ? ? ? 1_555 C DG 3  N2 ? ? B DC 14 C DG 3  1_555 ? ? ? ? ? ? WATSON-CRICK    ? ? ? 
hydrog28 hydrog ? ? B DG 4  N1 ? ? ? 1_555 D DC 9  N3 ? ? B DG 15 D DC 9  1_555 ? ? ? ? ? ? WATSON-CRICK    ? ? ? 
hydrog29 hydrog ? ? B DG 4  N2 ? ? ? 1_555 D DC 9  O2 ? ? B DG 15 D DC 9  1_555 ? ? ? ? ? ? WATSON-CRICK    ? ? ? 
hydrog30 hydrog ? ? B DG 4  O6 ? ? ? 1_555 D DC 9  N4 ? ? B DG 15 D DC 9  1_555 ? ? ? ? ? ? WATSON-CRICK    ? ? ? 
hydrog31 hydrog ? ? B DC 5  N3 ? ? ? 1_555 D DG 8  N1 ? ? B DC 16 D DG 8  1_555 ? ? ? ? ? ? WATSON-CRICK    ? ? ? 
hydrog32 hydrog ? ? B DC 5  N4 ? ? ? 1_555 D DG 8  O6 ? ? B DC 16 D DG 8  1_555 ? ? ? ? ? ? WATSON-CRICK    ? ? ? 
hydrog33 hydrog ? ? B DC 5  O2 ? ? ? 1_555 D DG 8  N2 ? ? B DC 16 D DG 8  1_555 ? ? ? ? ? ? WATSON-CRICK    ? ? ? 
hydrog34 hydrog ? ? B DA 6  N1 ? ? ? 1_555 D DT 7  N3 ? ? B DA 17 D DT 7  1_555 ? ? ? ? ? ? 'DA-DT PAIR'    ? ? ? 
hydrog35 hydrog ? ? B DC 7  N3 ? ? ? 1_555 D DG 6  N1 ? ? B DC 18 D DG 6  1_555 ? ? ? ? ? ? WATSON-CRICK    ? ? ? 
hydrog36 hydrog ? ? B DC 7  N4 ? ? ? 1_555 D DG 6  O6 ? ? B DC 18 D DG 6  1_555 ? ? ? ? ? ? WATSON-CRICK    ? ? ? 
hydrog37 hydrog ? ? B DC 7  O2 ? ? ? 1_555 D DG 6  N2 ? ? B DC 18 D DG 6  1_555 ? ? ? ? ? ? WATSON-CRICK    ? ? ? 
hydrog38 hydrog ? ? B DT 8  N3 ? ? ? 1_555 D DA 5  N1 ? ? B DT 19 D DA 5  1_555 ? ? ? ? ? ? 'DT-DA PAIR'    ? ? ? 
hydrog39 hydrog ? ? B DC 9  N3 ? ? ? 1_555 D DG 4  N1 ? ? B DC 20 D DG 4  1_555 ? ? ? ? ? ? WATSON-CRICK    ? ? ? 
hydrog40 hydrog ? ? B DC 9  N4 ? ? ? 1_555 D DG 4  O6 ? ? B DC 20 D DG 4  1_555 ? ? ? ? ? ? WATSON-CRICK    ? ? ? 
hydrog41 hydrog ? ? B DC 9  O2 ? ? ? 1_555 D DG 4  N2 ? ? B DC 20 D DG 4  1_555 ? ? ? ? ? ? WATSON-CRICK    ? ? ? 
# 
_struct_conn_type.id          hydrog 
_struct_conn_type.criteria    ? 
_struct_conn_type.reference   ? 
# 
_struct_site.id                   AC1 
_struct_site.pdbx_evidence_code   Software 
_struct_site.pdbx_auth_asym_id    C 
_struct_site.pdbx_auth_comp_id    CAC 
_struct_site.pdbx_auth_seq_id     101 
_struct_site.pdbx_auth_ins_code   ? 
_struct_site.pdbx_num_residues    1 
_struct_site.details              'binding site for residue CAC C 101' 
# 
_struct_site_gen.id                   1 
_struct_site_gen.site_id              AC1 
_struct_site_gen.pdbx_num_res         1 
_struct_site_gen.label_comp_id        DG 
_struct_site_gen.label_asym_id        C 
_struct_site_gen.label_seq_id         4 
_struct_site_gen.pdbx_auth_ins_code   ? 
_struct_site_gen.auth_comp_id         DG 
_struct_site_gen.auth_asym_id         C 
_struct_site_gen.auth_seq_id          4 
_struct_site_gen.label_atom_id        . 
_struct_site_gen.label_alt_id         ? 
_struct_site_gen.symmetry             1_555 
_struct_site_gen.details              ? 
# 
_atom_sites.entry_id                    6XEL 
_atom_sites.Cartn_transf_matrix[1][1]   ? 
_atom_sites.Cartn_transf_matrix[1][2]   ? 
_atom_sites.Cartn_transf_matrix[1][3]   ? 
_atom_sites.Cartn_transf_matrix[2][1]   ? 
_atom_sites.Cartn_transf_matrix[2][2]   ? 
_atom_sites.Cartn_transf_matrix[2][3]   ? 
_atom_sites.Cartn_transf_matrix[3][1]   ? 
_atom_sites.Cartn_transf_matrix[3][2]   ? 
_atom_sites.Cartn_transf_matrix[3][3]   ? 
_atom_sites.Cartn_transf_vector[1]      ? 
_atom_sites.Cartn_transf_vector[2]      ? 
_atom_sites.Cartn_transf_vector[3]      ? 
_atom_sites.fract_transf_matrix[1][1]   -0.00995766 
_atom_sites.fract_transf_matrix[1][2]   0.00133872 
_atom_sites.fract_transf_matrix[1][3]   -0.01345698 
_atom_sites.fract_transf_matrix[2][1]   -0.00252749 
_atom_sites.fract_transf_matrix[2][2]   0.01500005 
_atom_sites.fract_transf_matrix[2][3]   -0.00711678 
_atom_sites.fract_transf_matrix[3][1]   0.01292623 
_atom_sites.fract_transf_matrix[3][2]   -0.00247694 
_atom_sites.fract_transf_matrix[3][3]   -0.00981134 
_atom_sites.fract_transf_vector[1]      -0.161206 
_atom_sites.fract_transf_vector[2]      -0.283586 
_atom_sites.fract_transf_vector[3]      -0.046642 
_atom_sites.solution_primary            ? 
_atom_sites.solution_secondary          ? 
_atom_sites.solution_hydrogens          ? 
_atom_sites.special_details             ? 
# 
loop_
_atom_type.symbol 
AS 
C  
N  
O  
P  
# 
loop_
_atom_site.group_PDB 
_atom_site.id 
_atom_site.type_symbol 
_atom_site.label_atom_id 
_atom_site.label_alt_id 
_atom_site.label_comp_id 
_atom_site.label_asym_id 
_atom_site.label_entity_id 
_atom_site.label_seq_id 
_atom_site.pdbx_PDB_ins_code 
_atom_site.Cartn_x 
_atom_site.Cartn_y 
_atom_site.Cartn_z 
_atom_site.occupancy 
_atom_site.B_iso_or_equiv 
_atom_site.pdbx_formal_charge 
_atom_site.auth_seq_id 
_atom_site.auth_comp_id 
_atom_site.auth_asym_id 
_atom_site.auth_atom_id 
_atom_site.pdbx_PDB_model_num 
ATOM   1   O  "O5'" . DG  A 1 1  ? 3.784   1.405   25.408  1.00 147.91 ? 1   DG  A "O5'" 1 
ATOM   2   C  "C5'" . DG  A 1 1  ? 3.102   0.286   25.961  1.00 146.94 ? 1   DG  A "C5'" 1 
ATOM   3   C  "C4'" . DG  A 1 1  ? 3.949   -0.969  25.849  1.00 145.61 ? 1   DG  A "C4'" 1 
ATOM   4   O  "O4'" . DG  A 1 1  ? 3.293   -2.053  26.537  1.00 139.77 ? 1   DG  A "O4'" 1 
ATOM   5   C  "C3'" . DG  A 1 1  ? 4.156   -1.483  24.436  1.00 147.18 ? 1   DG  A "C3'" 1 
ATOM   6   O  "O3'" . DG  A 1 1  ? 5.265   -0.822  23.830  1.00 152.69 ? 1   DG  A "O3'" 1 
ATOM   7   C  "C2'" . DG  A 1 1  ? 4.461   -2.960  24.669  1.00 141.35 ? 1   DG  A "C2'" 1 
ATOM   8   C  "C1'" . DG  A 1 1  ? 3.675   -3.282  25.946  1.00 140.91 ? 1   DG  A "C1'" 1 
ATOM   9   N  N9    . DG  A 1 1  ? 2.470   -4.085  25.730  1.00 139.39 ? 1   DG  A N9    1 
ATOM   10  C  C8    . DG  A 1 1  ? 1.240   -3.892  26.307  1.00 137.01 ? 1   DG  A C8    1 
ATOM   11  N  N7    . DG  A 1 1  ? 0.346   -4.767  25.939  1.00 137.11 ? 1   DG  A N7    1 
ATOM   12  C  C5    . DG  A 1 1  ? 1.027   -5.598  25.061  1.00 137.24 ? 1   DG  A C5    1 
ATOM   13  C  C6    . DG  A 1 1  ? 0.573   -6.730  24.340  1.00 135.37 ? 1   DG  A C6    1 
ATOM   14  O  O6    . DG  A 1 1  ? -0.560  -7.236  24.339  1.00 134.13 ? 1   DG  A O6    1 
ATOM   15  N  N1    . DG  A 1 1  ? 1.586   -7.284  23.562  1.00 133.90 ? 1   DG  A N1    1 
ATOM   16  C  C2    . DG  A 1 1  ? 2.873   -6.806  23.487  1.00 134.32 ? 1   DG  A C2    1 
ATOM   17  N  N2    . DG  A 1 1  ? 3.708   -7.471  22.680  1.00 131.83 ? 1   DG  A N2    1 
ATOM   18  N  N3    . DG  A 1 1  ? 3.311   -5.751  24.157  1.00 133.77 ? 1   DG  A N3    1 
ATOM   19  C  C4    . DG  A 1 1  ? 2.340   -5.196  24.919  1.00 138.07 ? 1   DG  A C4    1 
ATOM   20  P  P     . DA  A 1 2  ? 5.073   -0.003  22.459  1.00 165.38 ? 2   DA  A P     1 
ATOM   21  O  OP1   . DA  A 1 2  ? 5.056   1.432   22.815  1.00 158.19 ? 2   DA  A OP1   1 
ATOM   22  O  OP2   . DA  A 1 2  ? 3.940   -0.594  21.714  1.00 151.72 ? 2   DA  A OP2   1 
ATOM   23  O  "O5'" . DA  A 1 2  ? 6.411   -0.303  21.634  1.00 149.89 ? 2   DA  A "O5'" 1 
ATOM   24  C  "C5'" . DA  A 1 2  ? 7.151   -1.491  21.880  1.00 143.56 ? 2   DA  A "C5'" 1 
ATOM   25  C  "C4'" . DA  A 1 2  ? 6.646   -2.643  21.028  1.00 140.12 ? 2   DA  A "C4'" 1 
ATOM   26  O  "O4'" . DA  A 1 2  ? 5.435   -3.183  21.592  1.00 138.66 ? 2   DA  A "O4'" 1 
ATOM   27  C  "C3'" . DA  A 1 2  ? 6.304   -2.291  19.573  1.00 139.06 ? 2   DA  A "C3'" 1 
ATOM   28  O  "O3'" . DA  A 1 2  ? 7.233   -2.916  18.698  1.00 140.98 ? 2   DA  A "O3'" 1 
ATOM   29  C  "C2'" . DA  A 1 2  ? 4.880   -2.841  19.368  1.00 137.37 ? 2   DA  A "C2'" 1 
ATOM   30  C  "C1'" . DA  A 1 2  ? 4.717   -3.782  20.552  1.00 137.29 ? 2   DA  A "C1'" 1 
ATOM   31  N  N9    . DA  A 1 2  ? 3.334   -3.968  20.982  1.00 134.62 ? 2   DA  A N9    1 
ATOM   32  C  C8    . DA  A 1 2  ? 2.618   -3.168  21.825  1.00 136.90 ? 2   DA  A C8    1 
ATOM   33  N  N7    . DA  A 1 2  ? 1.396   -3.586  22.044  1.00 138.60 ? 2   DA  A N7    1 
ATOM   34  C  C5    . DA  A 1 2  ? 1.303   -4.744  21.294  1.00 137.80 ? 2   DA  A C5    1 
ATOM   35  C  C6    . DA  A 1 2  ? 0.258   -5.665  21.097  1.00 138.99 ? 2   DA  A C6    1 
ATOM   36  N  N6    . DA  A 1 2  ? -0.944  -5.547  21.671  1.00 138.39 ? 2   DA  A N6    1 
ATOM   37  N  N1    . DA  A 1 2  ? 0.497   -6.715  20.284  1.00 137.99 ? 2   DA  A N1    1 
ATOM   38  C  C2    . DA  A 1 2  ? 1.701   -6.828  19.711  1.00 139.07 ? 2   DA  A C2    1 
ATOM   39  N  N3    . DA  A 1 2  ? 2.759   -6.027  19.821  1.00 137.91 ? 2   DA  A N3    1 
ATOM   40  C  C4    . DA  A 1 2  ? 2.491   -4.996  20.634  1.00 133.26 ? 2   DA  A C4    1 
ATOM   41  P  P     . DG  A 1 3  ? 7.353   -2.433  17.171  1.00 148.24 ? 3   DG  A P     1 
ATOM   42  O  OP1   . DG  A 1 3  ? 8.716   -2.752  16.694  1.00 141.95 ? 3   DG  A OP1   1 
ATOM   43  O  OP2   . DG  A 1 3  ? 6.859   -1.041  17.106  1.00 150.17 ? 3   DG  A OP2   1 
ATOM   44  O  "O5'" . DG  A 1 3  ? 6.308   -3.356  16.393  1.00 130.64 ? 3   DG  A "O5'" 1 
ATOM   45  C  "C5'" . DG  A 1 3  ? 6.504   -4.758  16.343  1.00 125.57 ? 3   DG  A "C5'" 1 
ATOM   46  C  "C4'" . DG  A 1 3  ? 5.437   -5.408  15.490  1.00 131.57 ? 3   DG  A "C4'" 1 
ATOM   47  O  "O4'" . DG  A 1 3  ? 4.208   -5.497  16.244  1.00 130.32 ? 3   DG  A "O4'" 1 
ATOM   48  C  "C3'" . DG  A 1 3  ? 5.104   -4.656  14.199  1.00 138.40 ? 3   DG  A "C3'" 1 
ATOM   49  O  "O3'" . DG  A 1 3  ? 5.302   -5.514  13.080  1.00 144.29 ? 3   DG  A "O3'" 1 
ATOM   50  C  "C2'" . DG  A 1 3  ? 3.629   -4.243  14.359  1.00 138.19 ? 3   DG  A "C2'" 1 
ATOM   51  C  "C1'" . DG  A 1 3  ? 3.115   -5.223  15.405  1.00 135.54 ? 3   DG  A "C1'" 1 
ATOM   52  N  N9    . DG  A 1 3  ? 2.042   -4.688  16.243  1.00 133.30 ? 3   DG  A N9    1 
ATOM   53  C  C8    . DG  A 1 3  ? 2.088   -3.550  17.012  1.00 131.50 ? 3   DG  A C8    1 
ATOM   54  N  N7    . DG  A 1 3  ? 0.990   -3.327  17.679  1.00 132.14 ? 3   DG  A N7    1 
ATOM   55  C  C5    . DG  A 1 3  ? 0.164   -4.390  17.341  1.00 134.01 ? 3   DG  A C5    1 
ATOM   56  C  C6    . DG  A 1 3  ? -1.157  -4.686  17.759  1.00 137.47 ? 3   DG  A C6    1 
ATOM   57  O  O6    . DG  A 1 3  ? -1.879  -4.044  18.536  1.00 137.37 ? 3   DG  A O6    1 
ATOM   58  N  N1    . DG  A 1 3  ? -1.629  -5.861  17.179  1.00 136.03 ? 3   DG  A N1    1 
ATOM   59  C  C2    . DG  A 1 3  ? -0.916  -6.651  16.307  1.00 136.83 ? 3   DG  A C2    1 
ATOM   60  N  N2    . DG  A 1 3  ? -1.543  -7.746  15.851  1.00 133.09 ? 3   DG  A N2    1 
ATOM   61  N  N3    . DG  A 1 3  ? 0.324   -6.385  15.906  1.00 142.68 ? 3   DG  A N3    1 
ATOM   62  C  C4    . DG  A 1 3  ? 0.799   -5.243  16.462  1.00 135.71 ? 3   DG  A C4    1 
ATOM   63  P  P     . DC  A 1 4  ? 5.165   -4.946  11.583  1.00 159.69 ? 4   DC  A P     1 
ATOM   64  O  OP1   . DC  A 1 4  ? 6.161   -5.650  10.744  1.00 152.55 ? 4   DC  A OP1   1 
ATOM   65  O  OP2   . DC  A 1 4  ? 5.196   -3.469  11.659  1.00 150.67 ? 4   DC  A OP2   1 
ATOM   66  O  "O5'" . DC  A 1 4  ? 3.694   -5.405  11.141  1.00 150.62 ? 4   DC  A "O5'" 1 
ATOM   67  C  "C5'" . DC  A 1 4  ? 3.301   -6.766  11.302  1.00 144.61 ? 4   DC  A "C5'" 1 
ATOM   68  C  "C4'" . DC  A 1 4  ? 1.805   -6.944  11.084  1.00 145.16 ? 4   DC  A "C4'" 1 
ATOM   69  O  "O4'" . DC  A 1 4  ? 1.070   -6.394  12.202  1.00 139.25 ? 4   DC  A "O4'" 1 
ATOM   70  C  "C3'" . DC  A 1 4  ? 1.234   -6.276  9.824   1.00 144.70 ? 4   DC  A "C3'" 1 
ATOM   71  O  "O3'" . DC  A 1 4  ? 0.576   -7.257  9.023   1.00 148.80 ? 4   DC  A "O3'" 1 
ATOM   72  C  "C2'" . DC  A 1 4  ? 0.248   -5.230  10.369  1.00 137.66 ? 4   DC  A "C2'" 1 
ATOM   73  C  "C1'" . DC  A 1 4  ? -0.119  -5.821  11.721  1.00 134.81 ? 4   DC  A "C1'" 1 
ATOM   74  N  N1    . DC  A 1 4  ? -0.597  -4.820  12.726  1.00 133.27 ? 4   DC  A N1    1 
ATOM   75  C  C2    . DC  A 1 4  ? -1.804  -5.042  13.402  1.00 133.66 ? 4   DC  A C2    1 
ATOM   76  O  O2    . DC  A 1 4  ? -2.464  -6.057  13.144  1.00 132.85 ? 4   DC  A O2    1 
ATOM   77  N  N3    . DC  A 1 4  ? -2.220  -4.133  14.322  1.00 131.52 ? 4   DC  A N3    1 
ATOM   78  C  C4    . DC  A 1 4  ? -1.481  -3.051  14.574  1.00 132.19 ? 4   DC  A C4    1 
ATOM   79  N  N4    . DC  A 1 4  ? -1.932  -2.184  15.487  1.00 132.34 ? 4   DC  A N4    1 
ATOM   80  C  C5    . DC  A 1 4  ? -0.246  -2.809  13.899  1.00 130.85 ? 4   DC  A C5    1 
ATOM   81  C  C6    . DC  A 1 4  ? 0.154   -3.713  12.994  1.00 133.45 ? 4   DC  A C6    1 
ATOM   82  P  P     . DA  A 1 5  ? 0.153   -6.925  7.508   1.00 155.05 ? 5   DA  A P     1 
ATOM   83  O  OP1   . DA  A 1 5  ? 0.625   -8.032  6.646   1.00 154.01 ? 5   DA  A OP1   1 
ATOM   84  O  OP2   . DA  A 1 5  ? 0.586   -5.540  7.223   1.00 147.58 ? 5   DA  A OP2   1 
ATOM   85  O  "O5'" . DA  A 1 5  ? -1.448  -6.937  7.545   1.00 143.42 ? 5   DA  A "O5'" 1 
ATOM   86  C  "C5'" . DA  A 1 5  ? -2.147  -8.129  7.905   1.00 138.24 ? 5   DA  A "C5'" 1 
ATOM   87  C  "C4'" . DA  A 1 5  ? -3.598  -7.826  8.250   1.00 139.25 ? 5   DA  A "C4'" 1 
ATOM   88  O  "O4'" . DA  A 1 5  ? -3.647  -6.797  9.272   1.00 133.81 ? 5   DA  A "O4'" 1 
ATOM   89  C  "C3'" . DA  A 1 5  ? -4.455  -7.316  7.089   1.00 137.96 ? 5   DA  A "C3'" 1 
ATOM   90  O  "O3'" . DA  A 1 5  ? -5.780  -7.851  7.175   1.00 140.41 ? 5   DA  A "O3'" 1 
ATOM   91  C  "C2'" . DA  A 1 5  ? -4.448  -5.805  7.292   1.00 131.82 ? 5   DA  A "C2'" 1 
ATOM   92  C  "C1'" . DA  A 1 5  ? -4.394  -5.690  8.812   1.00 128.49 ? 5   DA  A "C1'" 1 
ATOM   93  N  N9    . DA  A 1 5  ? -3.730  -4.474  9.271   1.00 125.69 ? 5   DA  A N9    1 
ATOM   94  C  C8    . DA  A 1 5  ? -2.566  -3.942  8.793   1.00 130.49 ? 5   DA  A C8    1 
ATOM   95  N  N7    . DA  A 1 5  ? -2.200  -2.837  9.398   1.00 127.44 ? 5   DA  A N7    1 
ATOM   96  C  C5    . DA  A 1 5  ? -3.192  -2.631  10.339  1.00 121.41 ? 5   DA  A C5    1 
ATOM   97  C  C6    . DA  A 1 5  ? -3.391  -1.626  11.305  1.00 123.13 ? 5   DA  A C6    1 
ATOM   98  N  N6    . DA  A 1 5  ? -2.552  -0.598  11.480  1.00 122.30 ? 5   DA  A N6    1 
ATOM   99  N  N1    . DA  A 1 5  ? -4.486  -1.717  12.086  1.00 121.88 ? 5   DA  A N1    1 
ATOM   100 C  C2    . DA  A 1 5  ? -5.322  -2.748  11.907  1.00 122.27 ? 5   DA  A C2    1 
ATOM   101 N  N3    . DA  A 1 5  ? -5.242  -3.751  11.035  1.00 120.20 ? 5   DA  A N3    1 
ATOM   102 C  C4    . DA  A 1 5  ? -4.145  -3.633  10.275  1.00 121.21 ? 5   DA  A C4    1 
ATOM   103 P  P     . DG  A 1 6  ? -6.734  -7.880  5.878   1.00 147.22 ? 6   DG  A P     1 
ATOM   104 O  OP1   . DG  A 1 6  ? -7.747  -8.938  6.085   1.00 141.16 ? 6   DG  A OP1   1 
ATOM   105 O  OP2   . DG  A 1 6  ? -5.866  -7.931  4.681   1.00 140.37 ? 6   DG  A OP2   1 
ATOM   106 O  "O5'" . DG  A 1 6  ? -7.470  -6.457  5.904   1.00 134.90 ? 6   DG  A "O5'" 1 
ATOM   107 C  "C5'" . DG  A 1 6  ? -8.897  -6.388  5.988   1.00 129.43 ? 6   DG  A "C5'" 1 
ATOM   108 C  "C4'" . DG  A 1 6  ? -9.322  -5.486  7.135   1.00 126.22 ? 6   DG  A "C4'" 1 
ATOM   109 O  "O4'" . DG  A 1 6  ? -8.154  -4.946  7.769   1.00 122.32 ? 6   DG  A "O4'" 1 
ATOM   110 C  "C3'" . DG  A 1 6  ? -10.135 -4.265  6.736   1.00 125.05 ? 6   DG  A "C3'" 1 
ATOM   111 O  "O3'" . DG  A 1 6  ? -11.521 -4.596  6.696   1.00 134.88 ? 6   DG  A "O3'" 1 
ATOM   112 C  "C2'" . DG  A 1 6  ? -9.833  -3.265  7.861   1.00 118.73 ? 6   DG  A "C2'" 1 
ATOM   113 C  "C1'" . DG  A 1 6  ? -8.513  -3.769  8.458   1.00 119.41 ? 6   DG  A "C1'" 1 
ATOM   114 N  N9    . DG  A 1 6  ? -7.416  -2.819  8.339   1.00 117.53 ? 6   DG  A N9    1 
ATOM   115 C  C8    . DG  A 1 6  ? -6.375  -2.875  7.448   1.00 117.31 ? 6   DG  A C8    1 
ATOM   116 N  N7    . DG  A 1 6  ? -5.529  -1.891  7.572   1.00 114.61 ? 6   DG  A N7    1 
ATOM   117 C  C5    . DG  A 1 6  ? -6.042  -1.133  8.616   1.00 116.38 ? 6   DG  A C5    1 
ATOM   118 C  C6    . DG  A 1 6  ? -5.550  0.058   9.201   1.00 115.85 ? 6   DG  A C6    1 
ATOM   119 O  O6    . DG  A 1 6  ? -4.531  0.701   8.901   1.00 114.43 ? 6   DG  A O6    1 
ATOM   120 N  N1    . DG  A 1 6  ? -6.371  0.499   10.236  1.00 113.13 ? 6   DG  A N1    1 
ATOM   121 C  C2    . DG  A 1 6  ? -7.522  -0.132  10.652  1.00 115.65 ? 6   DG  A C2    1 
ATOM   122 N  N2    . DG  A 1 6  ? -8.182  0.446   11.669  1.00 113.51 ? 6   DG  A N2    1 
ATOM   123 N  N3    . DG  A 1 6  ? -7.994  -1.250  10.111  1.00 117.35 ? 6   DG  A N3    1 
ATOM   124 C  C4    . DG  A 1 6  ? -7.204  -1.693  9.102   1.00 116.84 ? 6   DG  A C4    1 
ATOM   125 P  P     . DA  A 1 7  ? -12.565 -3.646  5.926   1.00 147.28 ? 7   DA  A P     1 
ATOM   126 O  OP1   . DA  A 1 7  ? -13.836 -4.392  5.781   1.00 136.14 ? 7   DA  A OP1   1 
ATOM   127 O  OP2   . DA  A 1 7  ? -11.891 -3.115  4.722   1.00 148.92 ? 7   DA  A OP2   1 
ATOM   128 O  "O5'" . DA  A 1 7  ? -12.796 -2.422  6.928   1.00 121.65 ? 7   DA  A "O5'" 1 
ATOM   129 C  "C5'" . DA  A 1 7  ? -13.300 -2.655  8.234   1.00 120.49 ? 7   DA  A "C5'" 1 
ATOM   130 C  "C4'" . DA  A 1 7  ? -13.393 -1.353  9.002   1.00 118.83 ? 7   DA  A "C4'" 1 
ATOM   131 O  "O4'" . DA  A 1 7  ? -12.058 -0.838  9.238   1.00 120.78 ? 7   DA  A "O4'" 1 
ATOM   132 C  "C3'" . DA  A 1 7  ? -14.160 -0.242  8.280   1.00 115.89 ? 7   DA  A "C3'" 1 
ATOM   133 O  "O3'" . DA  A 1 7  ? -15.063 0.392   9.167   1.00 118.68 ? 7   DA  A "O3'" 1 
ATOM   134 C  "C2'" . DA  A 1 7  ? -13.064 0.719   7.826   1.00 117.25 ? 7   DA  A "C2'" 1 
ATOM   135 C  "C1'" . DA  A 1 7  ? -12.017 0.529   8.908   1.00 113.77 ? 7   DA  A "C1'" 1 
ATOM   136 N  N9    . DA  A 1 7  ? -10.670 0.854   8.458   1.00 109.30 ? 7   DA  A N9    1 
ATOM   137 C  C8    . DA  A 1 7  ? -9.937  0.196   7.513   1.00 108.87 ? 7   DA  A C8    1 
ATOM   138 N  N7    . DA  A 1 7  ? -8.752  0.718   7.304   1.00 105.84 ? 7   DA  A N7    1 
ATOM   139 C  C5    . DA  A 1 7  ? -8.705  1.795   8.172   1.00 105.87 ? 7   DA  A C5    1 
ATOM   140 C  C6    . DA  A 1 7  ? -7.714  2.762   8.437   1.00 106.76 ? 7   DA  A C6    1 
ATOM   141 N  N6    . DA  A 1 7  ? -6.528  2.790   7.818   1.00 107.54 ? 7   DA  A N6    1 
ATOM   142 N  N1    . DA  A 1 7  ? -7.989  3.701   9.366   1.00 102.24 ? 7   DA  A N1    1 
ATOM   143 C  C2    . DA  A 1 7  ? -9.176  3.671   9.983   1.00 105.82 ? 7   DA  A C2    1 
ATOM   144 N  N3    . DA  A 1 7  ? -10.185 2.815   9.818   1.00 109.71 ? 7   DA  A N3    1 
ATOM   145 C  C4    . DA  A 1 7  ? -9.883  1.894   8.891   1.00 106.57 ? 7   DA  A C4    1 
ATOM   146 P  P     . DC  A 1 8  ? -16.059 1.523   8.611   1.00 130.58 ? 8   DC  A P     1 
ATOM   147 O  OP1   . DC  A 1 8  ? -17.262 1.528   9.472   1.00 132.22 ? 8   DC  A OP1   1 
ATOM   148 O  OP2   . DC  A 1 8  ? -16.195 1.304   7.155   1.00 126.37 ? 8   DC  A OP2   1 
ATOM   149 O  "O5'" . DC  A 1 8  ? -15.258 2.891   8.829   1.00 116.54 ? 8   DC  A "O5'" 1 
ATOM   150 C  "C5'" . DC  A 1 8  ? -14.911 3.308   10.142  1.00 114.14 ? 8   DC  A "C5'" 1 
ATOM   151 C  "C4'" . DC  A 1 8  ? -14.223 4.661   10.114  1.00 113.67 ? 8   DC  A "C4'" 1 
ATOM   152 O  "O4'" . DC  A 1 8  ? -12.875 4.518   9.592   1.00 115.66 ? 8   DC  A "O4'" 1 
ATOM   153 C  "C3'" . DC  A 1 8  ? -14.904 5.726   9.243   1.00 112.61 ? 8   DC  A "C3'" 1 
ATOM   154 O  "O3'" . DC  A 1 8  ? -15.011 6.945   9.975   1.00 116.38 ? 8   DC  A "O3'" 1 
ATOM   155 C  "C2'" . DC  A 1 8  ? -13.951 5.866   8.054   1.00 103.22 ? 8   DC  A "C2'" 1 
ATOM   156 C  "C1'" . DC  A 1 8  ? -12.621 5.594   8.725   1.00 106.74 ? 8   DC  A "C1'" 1 
ATOM   157 N  N1    . DC  A 1 8  ? -11.535 5.216   7.781   1.00 100.15 ? 8   DC  A N1    1 
ATOM   158 C  C2    . DC  A 1 8  ? -10.367 5.987   7.727   1.00 99.43  ? 8   DC  A C2    1 
ATOM   159 O  O2    . DC  A 1 8  ? -10.257 6.971   8.470   1.00 102.26 ? 8   DC  A O2    1 
ATOM   160 N  N3    . DC  A 1 8  ? -9.387  5.634   6.861   1.00 93.47  ? 8   DC  A N3    1 
ATOM   161 C  C4    . DC  A 1 8  ? -9.543  4.567   6.076   1.00 97.17  ? 8   DC  A C4    1 
ATOM   162 N  N4    . DC  A 1 8  ? -8.548  4.257   5.238   1.00 96.03  ? 8   DC  A N4    1 
ATOM   163 C  C5    . DC  A 1 8  ? -10.726 3.769   6.116   1.00 96.13  ? 8   DC  A C5    1 
ATOM   164 C  C6    . DC  A 1 8  ? -11.687 4.128   6.974   1.00 98.97  ? 8   DC  A C6    1 
ATOM   165 P  P     . DG  A 1 9  ? -15.377 8.324   9.230   1.00 120.07 ? 9   DG  A P     1 
ATOM   166 O  OP1   . DG  A 1 9  ? -15.929 9.247   10.246  1.00 119.13 ? 9   DG  A OP1   1 
ATOM   167 O  OP2   . DG  A 1 9  ? -16.176 7.995   8.029   1.00 109.22 ? 9   DG  A OP2   1 
ATOM   168 O  "O5'" . DG  A 1 9  ? -13.956 8.905   8.781   1.00 111.94 ? 9   DG  A "O5'" 1 
ATOM   169 C  "C5'" . DG  A 1 9  ? -12.907 9.008   9.740   1.00 108.95 ? 9   DG  A "C5'" 1 
ATOM   170 C  "C4'" . DG  A 1 9  ? -12.034 10.224  9.479   1.00 107.40 ? 9   DG  A "C4'" 1 
ATOM   171 O  "O4'" . DG  A 1 9  ? -10.856 9.833   8.731   1.00 105.22 ? 9   DG  A "O4'" 1 
ATOM   172 C  "C3'" . DG  A 1 9  ? -12.686 11.351  8.687   1.00 107.55 ? 9   DG  A "C3'" 1 
ATOM   173 O  "O3'" . DG  A 1 9  ? -12.226 12.597  9.186   1.00 112.42 ? 9   DG  A "O3'" 1 
ATOM   174 C  "C2'" . DG  A 1 9  ? -12.200 11.096  7.260   1.00 111.15 ? 9   DG  A "C2'" 1 
ATOM   175 C  "C1'" . DG  A 1 9  ? -10.809 10.516  7.493   1.00 103.19 ? 9   DG  A "C1'" 1 
ATOM   176 N  N9    . DG  A 1 9  ? -10.402 9.552   6.477   1.00 96.46  ? 9   DG  A N9    1 
ATOM   177 C  C8    . DG  A 1 9  ? -11.164 8.538   5.951   1.00 95.78  ? 9   DG  A C8    1 
ATOM   178 N  N7    . DG  A 1 9  ? -10.534 7.817   5.066   1.00 90.99  ? 9   DG  A N7    1 
ATOM   179 C  C5    . DG  A 1 9  ? -9.270  8.385   5.003   1.00 91.72  ? 9   DG  A C5    1 
ATOM   180 C  C6    . DG  A 1 9  ? -8.151  8.029   4.215   1.00 85.49  ? 9   DG  A C6    1 
ATOM   181 O  O6    . DG  A 1 9  ? -8.053  7.107   3.391   1.00 87.43  ? 9   DG  A O6    1 
ATOM   182 N  N1    . DG  A 1 9  ? -7.065  8.868   4.456   1.00 85.25  ? 9   DG  A N1    1 
ATOM   183 C  C2    . DG  A 1 9  ? -7.064  9.919   5.346   1.00 90.35  ? 9   DG  A C2    1 
ATOM   184 N  N2    . DG  A 1 9  ? -5.920  10.615  5.441   1.00 85.38  ? 9   DG  A N2    1 
ATOM   185 N  N3    . DG  A 1 9  ? -8.108  10.263  6.093   1.00 97.35  ? 9   DG  A N3    1 
ATOM   186 C  C4    . DG  A 1 9  ? -9.172  9.456   5.869   1.00 94.11  ? 9   DG  A C4    1 
ATOM   187 P  P     . DT  A 1 10 ? -12.645 13.972  8.469   1.00 132.67 ? 10  DT  A P     1 
ATOM   188 O  OP1   . DT  A 1 10 ? -12.648 15.035  9.500   1.00 139.75 ? 10  DT  A OP1   1 
ATOM   189 O  OP2   . DT  A 1 10 ? -13.869 13.717  7.678   1.00 131.22 ? 10  DT  A OP2   1 
ATOM   190 O  "O5'" . DT  A 1 10 ? -11.440 14.249  7.456   1.00 112.56 ? 10  DT  A "O5'" 1 
ATOM   191 C  "C5'" . DT  A 1 10 ? -10.093 14.128  7.904   1.00 107.21 ? 10  DT  A "C5'" 1 
ATOM   192 C  "C4'" . DT  A 1 10 ? -9.142  14.765  6.911   1.00 102.31 ? 10  DT  A "C4'" 1 
ATOM   193 O  "O4'" . DT  A 1 10 ? -8.596  13.744  6.030   1.00 103.45 ? 10  DT  A "O4'" 1 
ATOM   194 C  "C3'" . DT  A 1 10 ? -9.782  15.814  6.000   1.00 96.37  ? 10  DT  A "C3'" 1 
ATOM   195 O  "O3'" . DT  A 1 10 ? -8.918  16.931  5.862   1.00 93.19  ? 10  DT  A "O3'" 1 
ATOM   196 C  "C2'" . DT  A 1 10 ? -9.956  15.068  4.678   1.00 95.97  ? 10  DT  A "C2'" 1 
ATOM   197 C  "C1'" . DT  A 1 10 ? -8.740  14.158  4.691   1.00 93.60  ? 10  DT  A "C1'" 1 
ATOM   198 N  N1    . DT  A 1 10 ? -8.878  12.948  3.824   1.00 88.64  ? 10  DT  A N1    1 
ATOM   199 C  C2    . DT  A 1 10 ? -7.796  12.519  3.090   1.00 93.83  ? 10  DT  A C2    1 
ATOM   200 O  O2    . DT  A 1 10 ? -6.713  13.077  3.113   1.00 104.51 ? 10  DT  A O2    1 
ATOM   201 N  N3    . DT  A 1 10 ? -8.023  11.404  2.327   1.00 87.76  ? 10  DT  A N3    1 
ATOM   202 C  C4    . DT  A 1 10 ? -9.201  10.691  2.223   1.00 88.30  ? 10  DT  A C4    1 
ATOM   203 O  O4    . DT  A 1 10 ? -9.308  9.696   1.507   1.00 86.76  ? 10  DT  A O4    1 
ATOM   204 C  C5    . DT  A 1 10 ? -10.296 11.195  3.015   1.00 87.59  ? 10  DT  A C5    1 
ATOM   205 C  C7    . DT  A 1 10 ? -11.624 10.506  2.986   1.00 90.76  ? 10  DT  A C7    1 
ATOM   206 C  C6    . DT  A 1 10 ? -10.086 12.288  3.768   1.00 87.53  ? 10  DT  A C6    1 
ATOM   207 P  P     . DG  A 1 11 ? -9.515  18.354  5.419   1.00 109.27 ? 11  DG  A P     1 
ATOM   208 O  OP1   . DG  A 1 11 ? -10.317 18.887  6.542   1.00 112.17 ? 11  DG  A OP1   1 
ATOM   209 O  OP2   . DG  A 1 11 ? -10.111 18.198  4.075   1.00 97.06  ? 11  DG  A OP2   1 
ATOM   210 O  "O5'" . DG  A 1 11 ? -8.228  19.274  5.240   1.00 88.83  ? 11  DG  A "O5'" 1 
ATOM   211 C  "C5'" . DG  A 1 11 ? -7.989  19.906  3.992   1.00 98.42  ? 11  DG  A "C5'" 1 
ATOM   212 C  "C4'" . DG  A 1 11 ? -6.947  19.146  3.191   1.00 95.61  ? 11  DG  A "C4'" 1 
ATOM   213 O  "O4'" . DG  A 1 11 ? -7.400  17.791  2.947   1.00 95.72  ? 11  DG  A "O4'" 1 
ATOM   214 C  "C3'" . DG  A 1 11 ? -6.635  19.739  1.820   1.00 84.16  ? 11  DG  A "C3'" 1 
ATOM   215 O  "O3'" . DG  A 1 11 ? -5.235  19.763  1.617   1.00 87.27  ? 11  DG  A "O3'" 1 
ATOM   216 C  "C2'" . DG  A 1 11 ? -7.326  18.783  0.847   1.00 78.80  ? 11  DG  A "C2'" 1 
ATOM   217 C  "C1'" . DG  A 1 11 ? -7.192  17.470  1.591   1.00 85.33  ? 11  DG  A "C1'" 1 
ATOM   218 N  N9    . DG  A 1 11 ? -8.180  16.469  1.211   1.00 84.96  ? 11  DG  A N9    1 
ATOM   219 C  C8    . DG  A 1 11 ? -9.478  16.393  1.648   1.00 90.23  ? 11  DG  A C8    1 
ATOM   220 N  N7    . DG  A 1 11 ? -10.132 15.379  1.161   1.00 87.18  ? 11  DG  A N7    1 
ATOM   221 C  C5    . DG  A 1 11 ? -9.210  14.738  0.350   1.00 76.41  ? 11  DG  A C5    1 
ATOM   222 C  C6    . DG  A 1 11 ? -9.350  13.574  -0.438  1.00 81.52  ? 11  DG  A C6    1 
ATOM   223 O  O6    . DG  A 1 11 ? -10.356 12.860  -0.585  1.00 79.52  ? 11  DG  A O6    1 
ATOM   224 N  N1    . DG  A 1 11 ? -8.169  13.263  -1.107  1.00 76.84  ? 11  DG  A N1    1 
ATOM   225 C  C2    . DG  A 1 11 ? -7.003  13.985  -1.022  1.00 76.77  ? 11  DG  A C2    1 
ATOM   226 N  N2    . DG  A 1 11 ? -5.971  13.527  -1.743  1.00 75.40  ? 11  DG  A N2    1 
ATOM   227 N  N3    . DG  A 1 11 ? -6.858  15.080  -0.283  1.00 77.74  ? 11  DG  A N3    1 
ATOM   228 C  C4    . DG  A 1 11 ? -7.999  15.396  0.372   1.00 75.53  ? 11  DG  A C4    1 
ATOM   229 P  P     . DA  B 2 1  ? 1.318   13.058  -21.536 1.00 116.54 ? 12  DA  B P     1 
ATOM   230 O  OP1   . DA  B 2 1  ? 1.176   14.168  -22.508 1.00 102.44 ? 12  DA  B OP1   1 
ATOM   231 O  OP2   . DA  B 2 1  ? 0.884   11.687  -21.896 1.00 113.79 ? 12  DA  B OP2   1 
ATOM   232 O  "O5'" . DA  B 2 1  ? 2.839   12.990  -21.039 1.00 98.88  ? 12  DA  B "O5'" 1 
ATOM   233 C  "C5'" . DA  B 2 1  ? 3.881   13.556  -21.834 1.00 88.80  ? 12  DA  B "C5'" 1 
ATOM   234 C  "C4'" . DA  B 2 1  ? 5.243   13.130  -21.315 1.00 78.18  ? 12  DA  B "C4'" 1 
ATOM   235 O  "O4'" . DA  B 2 1  ? 5.411   13.594  -19.953 1.00 84.95  ? 12  DA  B "O4'" 1 
ATOM   236 C  "C3'" . DA  B 2 1  ? 5.475   11.615  -21.283 1.00 77.99  ? 12  DA  B "C3'" 1 
ATOM   237 O  "O3'" . DA  B 2 1  ? 6.626   11.280  -22.033 1.00 82.55  ? 12  DA  B "O3'" 1 
ATOM   238 C  "C2'" . DA  B 2 1  ? 5.664   11.288  -19.798 1.00 78.90  ? 12  DA  B "C2'" 1 
ATOM   239 C  "C1'" . DA  B 2 1  ? 6.116   12.621  -19.225 1.00 78.23  ? 12  DA  B "C1'" 1 
ATOM   240 N  N9    . DA  B 2 1  ? 5.794   12.778  -17.806 1.00 71.57  ? 12  DA  B N9    1 
ATOM   241 C  C8    . DA  B 2 1  ? 4.557   12.974  -17.261 1.00 78.66  ? 12  DA  B C8    1 
ATOM   242 N  N7    . DA  B 2 1  ? 4.560   13.079  -15.953 1.00 79.97  ? 12  DA  B N7    1 
ATOM   243 C  C5    . DA  B 2 1  ? 5.893   12.941  -15.613 1.00 75.04  ? 12  DA  B C5    1 
ATOM   244 C  C6    . DA  B 2 1  ? 6.561   12.953  -14.373 1.00 75.31  ? 12  DA  B C6    1 
ATOM   245 N  N6    . DA  B 2 1  ? 5.936   13.126  -13.202 1.00 70.36  ? 12  DA  B N6    1 
ATOM   246 N  N1    . DA  B 2 1  ? 7.901   12.787  -14.383 1.00 72.43  ? 12  DA  B N1    1 
ATOM   247 C  C2    . DA  B 2 1  ? 8.520   12.617  -15.561 1.00 76.21  ? 12  DA  B C2    1 
ATOM   248 N  N3    . DA  B 2 1  ? 7.998   12.583  -16.788 1.00 74.57  ? 12  DA  B N3    1 
ATOM   249 C  C4    . DA  B 2 1  ? 6.671   12.755  -16.745 1.00 69.87  ? 12  DA  B C4    1 
ATOM   250 P  P     . DC  B 2 2  ? 6.775   9.806   -22.652 1.00 104.77 ? 13  DC  B P     1 
ATOM   251 O  OP1   . DC  B 2 2  ? 7.149   9.950   -24.078 1.00 97.22  ? 13  DC  B OP1   1 
ATOM   252 O  OP2   . DC  B 2 2  ? 5.551   9.054   -22.287 1.00 87.72  ? 13  DC  B OP2   1 
ATOM   253 O  "O5'" . DC  B 2 2  ? 7.999   9.167   -21.845 1.00 79.94  ? 13  DC  B "O5'" 1 
ATOM   254 C  "C5'" . DC  B 2 2  ? 7.750   8.245   -20.795 1.00 76.86  ? 13  DC  B "C5'" 1 
ATOM   255 C  "C4'" . DC  B 2 2  ? 8.609   8.559   -19.589 1.00 74.45  ? 13  DC  B "C4'" 1 
ATOM   256 O  "O4'" . DC  B 2 2  ? 7.850   9.335   -18.652 1.00 73.90  ? 13  DC  B "O4'" 1 
ATOM   257 C  "C3'" . DC  B 2 2  ? 9.052   7.346   -18.790 1.00 79.60  ? 13  DC  B "C3'" 1 
ATOM   258 O  "O3'" . DC  B 2 2  ? 10.290  6.859   -19.284 1.00 84.96  ? 13  DC  B "O3'" 1 
ATOM   259 C  "C2'" . DC  B 2 2  ? 9.192   7.882   -17.356 1.00 78.09  ? 13  DC  B "C2'" 1 
ATOM   260 C  "C1'" . DC  B 2 2  ? 8.477   9.239   -17.395 1.00 74.07  ? 13  DC  B "C1'" 1 
ATOM   261 N  N1    . DC  B 2 2  ? 7.446   9.414   -16.328 1.00 65.82  ? 13  DC  B N1    1 
ATOM   262 C  C2    . DC  B 2 2  ? 7.829   9.427   -14.978 1.00 74.14  ? 13  DC  B C2    1 
ATOM   263 O  O2    . DC  B 2 2  ? 9.023   9.285   -14.683 1.00 75.47  ? 13  DC  B O2    1 
ATOM   264 N  N3    . DC  B 2 2  ? 6.875   9.594   -14.027 1.00 71.14  ? 13  DC  B N3    1 
ATOM   265 C  C4    . DC  B 2 2  ? 5.598   9.747   -14.379 1.00 71.29  ? 13  DC  B C4    1 
ATOM   266 N  N4    . DC  B 2 2  ? 4.696   9.905   -13.406 1.00 75.97  ? 13  DC  B N4    1 
ATOM   267 C  C5    . DC  B 2 2  ? 5.190   9.740   -15.745 1.00 69.96  ? 13  DC  B C5    1 
ATOM   268 C  C6    . DC  B 2 2  ? 6.138   9.576   -16.676 1.00 66.99  ? 13  DC  B C6    1 
ATOM   269 P  P     . DC  B 2 3  ? 10.735  5.348   -18.972 1.00 99.77  ? 14  DC  B P     1 
ATOM   270 O  OP1   . DC  B 2 3  ? 11.859  5.017   -19.876 1.00 96.05  ? 14  DC  B OP1   1 
ATOM   271 O  OP2   . DC  B 2 3  ? 9.506   4.526   -18.992 1.00 93.76  ? 14  DC  B OP2   1 
ATOM   272 O  "O5'" . DC  B 2 3  ? 11.276  5.401   -17.465 1.00 78.82  ? 14  DC  B "O5'" 1 
ATOM   273 C  "C5'" . DC  B 2 3  ? 12.360  6.262   -17.133 1.00 83.89  ? 14  DC  B "C5'" 1 
ATOM   274 C  "C4'" . DC  B 2 3  ? 12.751  6.103   -15.676 1.00 88.06  ? 14  DC  B "C4'" 1 
ATOM   275 O  "O4'" . DC  B 2 3  ? 11.736  6.701   -14.830 1.00 89.79  ? 14  DC  B "O4'" 1 
ATOM   276 C  "C3'" . DC  B 2 3  ? 12.912  4.655   -15.200 1.00 88.67  ? 14  DC  B "C3'" 1 
ATOM   277 O  "O3'" . DC  B 2 3  ? 14.114  4.521   -14.449 1.00 96.80  ? 14  DC  B "O3'" 1 
ATOM   278 C  "C2'" . DC  B 2 3  ? 11.675  4.421   -14.331 1.00 90.33  ? 14  DC  B "C2'" 1 
ATOM   279 C  "C1'" . DC  B 2 3  ? 11.411  5.816   -13.785 1.00 82.31  ? 14  DC  B "C1'" 1 
ATOM   280 N  N1    . DC  B 2 3  ? 9.991   6.042   -13.405 1.00 77.29  ? 14  DC  B N1    1 
ATOM   281 C  C2    . DC  B 2 3  ? 9.662   6.309   -12.072 1.00 83.29  ? 14  DC  B C2    1 
ATOM   282 O  O2    . DC  B 2 3  ? 10.565  6.356   -11.227 1.00 84.02  ? 14  DC  B O2    1 
ATOM   283 N  N3    . DC  B 2 3  ? 8.359   6.509   -11.743 1.00 80.32  ? 14  DC  B N3    1 
ATOM   284 C  C4    . DC  B 2 3  ? 7.415   6.452   -12.688 1.00 79.48  ? 14  DC  B C4    1 
ATOM   285 N  N4    . DC  B 2 3  ? 6.144   6.656   -12.319 1.00 75.63  ? 14  DC  B N4    1 
ATOM   286 C  C5    . DC  B 2 3  ? 7.732   6.180   -14.052 1.00 73.80  ? 14  DC  B C5    1 
ATOM   287 C  C6    . DC  B 2 3  ? 9.019   5.984   -14.362 1.00 75.52  ? 14  DC  B C6    1 
ATOM   288 P  P     . DG  B 2 4  ? 14.603  3.069   -13.959 1.00 110.38 ? 15  DG  B P     1 
ATOM   289 O  OP1   . DG  B 2 4  ? 16.036  3.162   -13.603 1.00 103.30 ? 15  DG  B OP1   1 
ATOM   290 O  OP2   . DG  B 2 4  ? 14.148  2.085   -14.964 1.00 92.15  ? 15  DG  B OP2   1 
ATOM   291 O  "O5'" . DG  B 2 4  ? 13.767  2.810   -12.622 1.00 97.14  ? 15  DG  B "O5'" 1 
ATOM   292 C  "C5'" . DG  B 2 4  ? 13.836  3.737   -11.546 1.00 94.36  ? 15  DG  B "C5'" 1 
ATOM   293 C  "C4'" . DG  B 2 4  ? 13.257  3.125   -10.285 1.00 98.59  ? 15  DG  B "C4'" 1 
ATOM   294 O  "O4'" . DG  B 2 4  ? 11.877  3.554   -10.120 1.00 97.00  ? 15  DG  B "O4'" 1 
ATOM   295 C  "C3'" . DG  B 2 4  ? 13.232  1.595   -10.268 1.00 98.80  ? 15  DG  B "C3'" 1 
ATOM   296 O  "O3'" . DG  B 2 4  ? 13.609  1.123   -8.977  1.00 100.35 ? 15  DG  B "O3'" 1 
ATOM   297 C  "C2'" . DG  B 2 4  ? 11.768  1.274   -10.579 1.00 97.26  ? 15  DG  B "C2'" 1 
ATOM   298 C  "C1'" . DG  B 2 4  ? 11.067  2.425   -9.876  1.00 90.90  ? 15  DG  B "C1'" 1 
ATOM   299 N  N9    . DG  B 2 4  ? 9.718   2.702   -10.374 1.00 81.21  ? 15  DG  B N9    1 
ATOM   300 C  C8    . DG  B 2 4  ? 9.292   2.665   -11.681 1.00 83.93  ? 15  DG  B C8    1 
ATOM   301 N  N7    . DG  B 2 4  ? 8.031   2.968   -11.827 1.00 75.44  ? 15  DG  B N7    1 
ATOM   302 C  C5    . DG  B 2 4  ? 7.591   3.223   -10.533 1.00 80.05  ? 15  DG  B C5    1 
ATOM   303 C  C6    . DG  B 2 4  ? 6.308   3.601   -10.062 1.00 81.48  ? 15  DG  B C6    1 
ATOM   304 O  O6    . DG  B 2 4  ? 5.268   3.791   -10.717 1.00 84.54  ? 15  DG  B O6    1 
ATOM   305 N  N1    . DG  B 2 4  ? 6.297   3.758   -8.677  1.00 72.16  ? 15  DG  B N1    1 
ATOM   306 C  C2    . DG  B 2 4  ? 7.386   3.574   -7.855  1.00 74.59  ? 15  DG  B C2    1 
ATOM   307 N  N2    . DG  B 2 4  ? 7.180   3.774   -6.546  1.00 71.09  ? 15  DG  B N2    1 
ATOM   308 N  N3    . DG  B 2 4  ? 8.592   3.221   -8.284  1.00 76.68  ? 15  DG  B N3    1 
ATOM   309 C  C4    . DG  B 2 4  ? 8.621   3.063   -9.628  1.00 75.97  ? 15  DG  B C4    1 
ATOM   310 P  P     . DC  B 2 5  ? 14.206  -0.358  -8.794  1.00 117.10 ? 16  DC  B P     1 
ATOM   311 O  OP1   . DC  B 2 5  ? 15.531  -0.385  -9.453  1.00 124.40 ? 16  DC  B OP1   1 
ATOM   312 O  OP2   . DC  B 2 5  ? 13.162  -1.326  -9.188  1.00 106.38 ? 16  DC  B OP2   1 
ATOM   313 O  "O5'" . DC  B 2 5  ? 14.422  -0.501  -7.217  1.00 106.50 ? 16  DC  B "O5'" 1 
ATOM   314 C  "C5'" . DC  B 2 5  ? 13.855  0.450   -6.334  1.00 99.20  ? 16  DC  B "C5'" 1 
ATOM   315 C  "C4'" . DC  B 2 5  ? 12.603  -0.099  -5.672  1.00 101.71 ? 16  DC  B "C4'" 1 
ATOM   316 O  "O4'" . DC  B 2 5  ? 11.440  0.194   -6.488  1.00 99.04  ? 16  DC  B "O4'" 1 
ATOM   317 C  "C3'" . DC  B 2 5  ? 12.583  -1.620  -5.441  1.00 104.66 ? 16  DC  B "C3'" 1 
ATOM   318 O  "O3'" . DC  B 2 5  ? 12.188  -1.893  -4.097  1.00 105.78 ? 16  DC  B "O3'" 1 
ATOM   319 C  "C2'" . DC  B 2 5  ? 11.529  -2.111  -6.440  1.00 101.26 ? 16  DC  B "C2'" 1 
ATOM   320 C  "C1'" . DC  B 2 5  ? 10.589  -0.923  -6.453  1.00 93.91  ? 16  DC  B "C1'" 1 
ATOM   321 N  N1    . DC  B 2 5  ? 9.671   -0.871  -7.623  1.00 87.26  ? 16  DC  B N1    1 
ATOM   322 C  C2    . DC  B 2 5  ? 8.347   -0.452  -7.439  1.00 89.01  ? 16  DC  B C2    1 
ATOM   323 O  O2    . DC  B 2 5  ? 7.966   -0.139  -6.304  1.00 86.62  ? 16  DC  B O2    1 
ATOM   324 N  N3    . DC  B 2 5  ? 7.517   -0.402  -8.512  1.00 85.70  ? 16  DC  B N3    1 
ATOM   325 C  C4    . DC  B 2 5  ? 7.968   -0.749  -9.720  1.00 88.41  ? 16  DC  B C4    1 
ATOM   326 N  N4    . DC  B 2 5  ? 7.114   -0.686  -10.750 1.00 82.26  ? 16  DC  B N4    1 
ATOM   327 C  C5    . DC  B 2 5  ? 9.314   -1.178  -9.926  1.00 89.50  ? 16  DC  B C5    1 
ATOM   328 C  C6    . DC  B 2 5  ? 10.121  -1.224  -8.859  1.00 93.93  ? 16  DC  B C6    1 
ATOM   329 P  P     . DA  B 2 6  ? 12.508  -3.316  -3.419  1.00 122.27 ? 17  DA  B P     1 
ATOM   330 O  OP1   . DA  B 2 6  ? 13.742  -3.158  -2.614  1.00 111.18 ? 17  DA  B OP1   1 
ATOM   331 O  OP2   . DA  B 2 6  ? 12.435  -4.360  -4.465  1.00 108.09 ? 17  DA  B OP2   1 
ATOM   332 O  "O5'" . DA  B 2 6  ? 11.269  -3.561  -2.439  1.00 107.55 ? 17  DA  B "O5'" 1 
ATOM   333 C  "C5'" . DA  B 2 6  ? 10.970  -2.623  -1.413  1.00 101.59 ? 17  DA  B "C5'" 1 
ATOM   334 C  "C4'" . DA  B 2 6  ? 9.527   -2.764  -0.936  1.00 101.69 ? 17  DA  B "C4'" 1 
ATOM   335 O  "O4'" . DA  B 2 6  ? 8.609   -2.494  -2.023  1.00 105.62 ? 17  DA  B "O4'" 1 
ATOM   336 C  "C3'" . DA  B 2 6  ? 9.125   -4.131  -0.403  1.00 102.45 ? 17  DA  B "C3'" 1 
ATOM   337 O  "O3'" . DA  B 2 6  ? 8.110   -3.955  0.588   1.00 102.41 ? 17  DA  B "O3'" 1 
ATOM   338 C  "C2'" . DA  B 2 6  ? 8.595   -4.834  -1.657  1.00 98.99  ? 17  DA  B "C2'" 1 
ATOM   339 C  "C1'" . DA  B 2 6  ? 7.940   -3.683  -2.417  1.00 95.67  ? 17  DA  B "C1'" 1 
ATOM   340 N  N9    . DA  B 2 6  ? 8.073   -3.774  -3.862  1.00 100.01 ? 17  DA  B N9    1 
ATOM   341 C  C8    . DA  B 2 6  ? 9.172   -4.177  -4.569  1.00 101.65 ? 17  DA  B C8    1 
ATOM   342 N  N7    . DA  B 2 6  ? 9.015   -4.115  -5.870  1.00 102.08 ? 17  DA  B N7    1 
ATOM   343 C  C5    . DA  B 2 6  ? 7.731   -3.618  -6.025  1.00 99.32  ? 17  DA  B C5    1 
ATOM   344 C  C6    . DA  B 2 6  ? 6.960   -3.314  -7.164  1.00 99.07  ? 17  DA  B C6    1 
ATOM   345 N  N6    . DA  B 2 6  ? 7.400   -3.487  -8.415  1.00 97.27  ? 17  DA  B N6    1 
ATOM   346 N  N1    . DA  B 2 6  ? 5.712   -2.834  -6.967  1.00 96.89  ? 17  DA  B N1    1 
ATOM   347 C  C2    . DA  B 2 6  ? 5.276   -2.668  -5.711  1.00 94.74  ? 17  DA  B C2    1 
ATOM   348 N  N3    . DA  B 2 6  ? 5.908   -2.917  -4.565  1.00 96.74  ? 17  DA  B N3    1 
ATOM   349 C  C4    . DA  B 2 6  ? 7.141   -3.393  -4.794  1.00 100.00 ? 17  DA  B C4    1 
ATOM   350 P  P     . DC  B 2 7  ? 7.157   -5.172  1.032   1.00 115.49 ? 18  DC  B P     1 
ATOM   351 O  OP1   . DC  B 2 7  ? 6.527   -4.773  2.312   1.00 110.92 ? 18  DC  B OP1   1 
ATOM   352 O  OP2   . DC  B 2 7  ? 7.946   -6.423  0.970   1.00 119.59 ? 18  DC  B OP2   1 
ATOM   353 O  "O5'" . DC  B 2 7  ? 6.025   -5.202  -0.096  1.00 92.41  ? 18  DC  B "O5'" 1 
ATOM   354 C  "C5'" . DC  B 2 7  ? 5.156   -6.311  -0.199  1.00 98.31  ? 18  DC  B "C5'" 1 
ATOM   355 C  "C4'" . DC  B 2 7  ? 3.805   -5.886  -0.739  1.00 101.18 ? 18  DC  B "C4'" 1 
ATOM   356 O  "O4'" . DC  B 2 7  ? 3.970   -5.291  -2.052  1.00 95.70  ? 18  DC  B "O4'" 1 
ATOM   357 C  "C3'" . DC  B 2 7  ? 2.805   -7.025  -0.908  1.00 109.53 ? 18  DC  B "C3'" 1 
ATOM   358 O  "O3'" . DC  B 2 7  ? 1.518   -6.608  -0.483  1.00 107.41 ? 18  DC  B "O3'" 1 
ATOM   359 C  "C2'" . DC  B 2 7  ? 2.846   -7.316  -2.407  1.00 112.80 ? 18  DC  B "C2'" 1 
ATOM   360 C  "C1'" . DC  B 2 7  ? 3.136   -5.942  -2.987  1.00 102.76 ? 18  DC  B "C1'" 1 
ATOM   361 N  N1    . DC  B 2 7  ? 3.852   -5.966  -4.302  1.00 102.42 ? 18  DC  B N1    1 
ATOM   362 C  C2    . DC  B 2 7  ? 3.216   -5.474  -5.449  1.00 106.13 ? 18  DC  B C2    1 
ATOM   363 O  O2    . DC  B 2 7  ? 2.060   -5.046  -5.361  1.00 107.92 ? 18  DC  B O2    1 
ATOM   364 N  N3    . DC  B 2 7  ? 3.888   -5.485  -6.628  1.00 102.38 ? 18  DC  B N3    1 
ATOM   365 C  C4    . DC  B 2 7  ? 5.134   -5.954  -6.683  1.00 105.80 ? 18  DC  B C4    1 
ATOM   366 N  N4    . DC  B 2 7  ? 5.754   -5.947  -7.868  1.00 108.30 ? 18  DC  B N4    1 
ATOM   367 C  C5    . DC  B 2 7  ? 5.801   -6.452  -5.525  1.00 102.94 ? 18  DC  B C5    1 
ATOM   368 C  C6    . DC  B 2 7  ? 5.131   -6.436  -4.367  1.00 100.48 ? 18  DC  B C6    1 
ATOM   369 P  P     . DT  B 2 8  ? 0.415   -7.704  -0.082  1.00 127.30 ? 19  DT  B P     1 
ATOM   370 O  OP1   . DT  B 2 8  ? -0.474  -7.106  0.940   1.00 125.47 ? 19  DT  B OP1   1 
ATOM   371 O  OP2   . DT  B 2 8  ? 1.138   -8.960  0.213   1.00 119.72 ? 19  DT  B OP2   1 
ATOM   372 O  "O5'" . DT  B 2 8  ? -0.419  -7.917  -1.430  1.00 113.99 ? 19  DT  B "O5'" 1 
ATOM   373 C  "C5'" . DT  B 2 8  ? -0.975  -6.794  -2.092  1.00 109.52 ? 19  DT  B "C5'" 1 
ATOM   374 C  "C4'" . DT  B 2 8  ? -1.794  -7.212  -3.302  1.00 114.55 ? 19  DT  B "C4'" 1 
ATOM   375 O  "O4'" . DT  B 2 8  ? -0.971  -7.175  -4.497  1.00 115.68 ? 19  DT  B "O4'" 1 
ATOM   376 C  "C3'" . DT  B 2 8  ? -2.391  -8.610  -3.251  1.00 113.34 ? 19  DT  B "C3'" 1 
ATOM   377 O  "O3'" . DT  B 2 8  ? -3.630  -8.596  -3.933  1.00 115.60 ? 19  DT  B "O3'" 1 
ATOM   378 C  "C2'" . DT  B 2 8  ? -1.349  -9.438  -4.010  1.00 122.23 ? 19  DT  B "C2'" 1 
ATOM   379 C  "C1'" . DT  B 2 8  ? -0.928  -8.455  -5.096  1.00 116.72 ? 19  DT  B "C1'" 1 
ATOM   380 N  N1    . DT  B 2 8  ? 0.460   -8.660  -5.631  1.00 112.40 ? 19  DT  B N1    1 
ATOM   381 C  C2    . DT  B 2 8  ? 0.752   -8.225  -6.904  1.00 117.17 ? 19  DT  B C2    1 
ATOM   382 O  O2    . DT  B 2 8  ? -0.072  -7.702  -7.635  1.00 118.45 ? 19  DT  B O2    1 
ATOM   383 N  N3    . DT  B 2 8  ? 2.049   -8.429  -7.299  1.00 119.14 ? 19  DT  B N3    1 
ATOM   384 C  C4    . DT  B 2 8  ? 3.066   -9.007  -6.564  1.00 114.76 ? 19  DT  B C4    1 
ATOM   385 O  O4    . DT  B 2 8  ? 4.203   -9.147  -7.009  1.00 113.22 ? 19  DT  B O4    1 
ATOM   386 C  C5    . DT  B 2 8  ? 2.697   -9.437  -5.236  1.00 112.16 ? 19  DT  B C5    1 
ATOM   387 C  C7    . DT  B 2 8  ? 3.718   -10.081 -4.348  1.00 107.62 ? 19  DT  B C7    1 
ATOM   388 C  C6    . DT  B 2 8  ? 1.427   -9.243  -4.836  1.00 109.41 ? 19  DT  B C6    1 
ATOM   389 P  P     . DC  B 2 9  ? -4.933  -9.288  -3.300  1.00 130.22 ? 20  DC  B P     1 
ATOM   390 O  OP1   . DC  B 2 9  ? -5.807  -8.216  -2.769  1.00 129.83 ? 20  DC  B OP1   1 
ATOM   391 O  OP2   . DC  B 2 9  ? -4.490  -10.378 -2.402  1.00 132.67 ? 20  DC  B OP2   1 
ATOM   392 O  "O5'" . DC  B 2 9  ? -5.634  -9.952  -4.574  1.00 137.37 ? 20  DC  B "O5'" 1 
ATOM   393 C  "C5'" . DC  B 2 9  ? -5.458  -9.363  -5.863  1.00 129.94 ? 20  DC  B "C5'" 1 
ATOM   394 C  "C4'" . DC  B 2 9  ? -5.211  -10.427 -6.924  1.00 135.84 ? 20  DC  B "C4'" 1 
ATOM   395 O  "O4'" . DC  B 2 9  ? -3.783  -10.563 -7.182  1.00 133.50 ? 20  DC  B "O4'" 1 
ATOM   396 C  "C3'" . DC  B 2 9  ? -5.713  -11.836 -6.572  1.00 135.67 ? 20  DC  B "C3'" 1 
ATOM   397 O  "O3'" . DC  B 2 9  ? -6.381  -12.401 -7.695  1.00 136.08 ? 20  DC  B "O3'" 1 
ATOM   398 C  "C2'" . DC  B 2 9  ? -4.416  -12.592 -6.272  1.00 134.66 ? 20  DC  B "C2'" 1 
ATOM   399 C  "C1'" . DC  B 2 9  ? -3.477  -11.933 -7.267  1.00 133.65 ? 20  DC  B "C1'" 1 
ATOM   400 N  N1    . DC  B 2 9  ? -2.017  -12.144 -6.979  1.00 131.78 ? 20  DC  B N1    1 
ATOM   401 C  C2    . DC  B 2 9  ? -1.059  -11.793 -7.943  1.00 127.66 ? 20  DC  B C2    1 
ATOM   402 O  O2    . DC  B 2 9  ? -1.436  -11.298 -9.013  1.00 127.88 ? 20  DC  B O2    1 
ATOM   403 N  N3    . DC  B 2 9  ? 0.255   -11.998 -7.670  1.00 125.22 ? 20  DC  B N3    1 
ATOM   404 C  C4    . DC  B 2 9  ? 0.621   -12.534 -6.503  1.00 124.86 ? 20  DC  B C4    1 
ATOM   405 N  N4    . DC  B 2 9  ? 1.928   -12.718 -6.281  1.00 120.45 ? 20  DC  B N4    1 
ATOM   406 C  C5    . DC  B 2 9  ? -0.337  -12.906 -5.514  1.00 128.13 ? 20  DC  B C5    1 
ATOM   407 C  C6    . DC  B 2 9  ? -1.631  -12.699 -5.792  1.00 130.93 ? 20  DC  B C6    1 
ATOM   408 P  P     . DA  B 2 10 ? -7.981  -12.311 -7.840  1.00 146.43 ? 21  DA  B P     1 
ATOM   409 O  OP1   . DA  B 2 10 ? -8.415  -10.967 -7.398  1.00 147.86 ? 21  DA  B OP1   1 
ATOM   410 O  OP2   . DA  B 2 10 ? -8.564  -13.514 -7.206  1.00 149.28 ? 21  DA  B OP2   1 
ATOM   411 O  "O5'" . DA  B 2 10 ? -8.216  -12.440 -9.418  1.00 144.71 ? 21  DA  B "O5'" 1 
ATOM   412 C  "C5'" . DA  B 2 10 ? -7.528  -11.568 -10.311 1.00 140.17 ? 21  DA  B "C5'" 1 
ATOM   413 C  "C4'" . DA  B 2 10 ? -6.577  -12.342 -11.213 1.00 138.17 ? 21  DA  B "C4'" 1 
ATOM   414 O  "O4'" . DA  B 2 10 ? -5.422  -12.778 -10.453 1.00 139.62 ? 21  DA  B "O4'" 1 
ATOM   415 C  "C3'" . DA  B 2 10 ? -7.163  -13.599 -11.865 1.00 138.56 ? 21  DA  B "C3'" 1 
ATOM   416 O  "O3'" . DA  B 2 10 ? -6.806  -13.640 -13.241 1.00 139.67 ? 21  DA  B "O3'" 1 
ATOM   417 C  "C2'" . DA  B 2 10 ? -6.511  -14.742 -11.087 1.00 135.62 ? 21  DA  B "C2'" 1 
ATOM   418 C  "C1'" . DA  B 2 10 ? -5.167  -14.137 -10.720 1.00 135.93 ? 21  DA  B "C1'" 1 
ATOM   419 N  N9    . DA  B 2 10 ? -4.582  -14.723 -9.523  1.00 134.25 ? 21  DA  B N9    1 
ATOM   420 C  C8    . DA  B 2 10 ? -5.252  -15.196 -8.431  1.00 136.46 ? 21  DA  B C8    1 
ATOM   421 N  N7    . DA  B 2 10 ? -4.466  -15.662 -7.490  1.00 134.84 ? 21  DA  B N7    1 
ATOM   422 C  C5    . DA  B 2 10 ? -3.194  -15.479 -8.000  1.00 130.46 ? 21  DA  B C5    1 
ATOM   423 C  C6    . DA  B 2 10 ? -1.915  -15.767 -7.488  1.00 131.50 ? 21  DA  B C6    1 
ATOM   424 N  N6    . DA  B 2 10 ? -1.715  -16.329 -6.291  1.00 129.88 ? 21  DA  B N6    1 
ATOM   425 N  N1    . DA  B 2 10 ? -0.849  -15.460 -8.256  1.00 134.00 ? 21  DA  B N1    1 
ATOM   426 C  C2    . DA  B 2 10 ? -1.057  -14.899 -9.455  1.00 134.05 ? 21  DA  B C2    1 
ATOM   427 N  N3    . DA  B 2 10 ? -2.208  -14.580 -10.043 1.00 132.21 ? 21  DA  B N3    1 
ATOM   428 C  C4    . DA  B 2 10 ? -3.247  -14.899 -9.257  1.00 131.92 ? 21  DA  B C4    1 
ATOM   429 P  P     . DC  C 3 1  ? -7.449  4.580   -8.563  1.00 106.84 ? 1   DC  C P     1 
ATOM   430 O  OP1   . DC  C 3 1  ? -8.368  4.424   -9.715  1.00 100.58 ? 1   DC  C OP1   1 
ATOM   431 O  OP2   . DC  C 3 1  ? -7.950  4.353   -7.187  1.00 97.01  ? 1   DC  C OP2   1 
ATOM   432 O  "O5'" . DC  C 3 1  ? -6.780  6.035   -8.589  1.00 76.19  ? 1   DC  C "O5'" 1 
ATOM   433 C  "C5'" . DC  C 3 1  ? -6.626  6.749   -7.377  1.00 67.66  ? 1   DC  C "C5'" 1 
ATOM   434 C  "C4'" . DC  C 3 1  ? -5.537  7.789   -7.480  1.00 74.18  ? 1   DC  C "C4'" 1 
ATOM   435 O  "O4'" . DC  C 3 1  ? -6.004  9.011   -6.852  1.00 78.31  ? 1   DC  C "O4'" 1 
ATOM   436 C  "C3'" . DC  C 3 1  ? -4.273  7.434   -6.719  1.00 75.06  ? 1   DC  C "C3'" 1 
ATOM   437 O  "O3'" . DC  C 3 1  ? -3.183  8.227   -7.187  1.00 71.36  ? 1   DC  C "O3'" 1 
ATOM   438 C  "C2'" . DC  C 3 1  ? -4.677  7.826   -5.307  1.00 71.88  ? 1   DC  C "C2'" 1 
ATOM   439 C  "C1'" . DC  C 3 1  ? -5.376  9.153   -5.584  1.00 77.40  ? 1   DC  C "C1'" 1 
ATOM   440 N  N1    . DC  C 3 1  ? -6.407  9.522   -4.580  1.00 70.87  ? 1   DC  C N1    1 
ATOM   441 C  C2    . DC  C 3 1  ? -6.249  10.688  -3.825  1.00 78.21  ? 1   DC  C C2    1 
ATOM   442 O  O2    . DC  C 3 1  ? -5.243  11.388  -4.007  1.00 99.62  ? 1   DC  C O2    1 
ATOM   443 N  N3    . DC  C 3 1  ? -7.199  11.021  -2.917  1.00 70.75  ? 1   DC  C N3    1 
ATOM   444 C  C4    . DC  C 3 1  ? -8.266  10.239  -2.754  1.00 72.38  ? 1   DC  C C4    1 
ATOM   445 N  N4    . DC  C 3 1  ? -9.178  10.606  -1.846  1.00 73.75  ? 1   DC  C N4    1 
ATOM   446 C  C5    . DC  C 3 1  ? -8.446  9.044   -3.514  1.00 69.09  ? 1   DC  C C5    1 
ATOM   447 C  C6    . DC  C 3 1  ? -7.502  8.729   -4.407  1.00 66.64  ? 1   DC  C C6    1 
ATOM   448 P  P     . DA  C 3 2  ? -1.671  7.747   -6.932  1.00 73.27  ? 2   DA  C P     1 
ATOM   449 O  OP1   . DA  C 3 2  ? -0.979  7.656   -8.238  1.00 81.59  ? 2   DA  C OP1   1 
ATOM   450 O  OP2   . DA  C 3 2  ? -1.756  6.569   -6.044  1.00 73.08  ? 2   DA  C OP2   1 
ATOM   451 O  "O5'" . DA  C 3 2  ? -1.007  8.944   -6.098  1.00 73.64  ? 2   DA  C "O5'" 1 
ATOM   452 C  "C5'" . DA  C 3 2  ? -1.794  9.703   -5.191  1.00 76.75  ? 2   DA  C "C5'" 1 
ATOM   453 C  "C4'" . DA  C 3 2  ? -0.931  10.344  -4.120  1.00 77.07  ? 2   DA  C "C4'" 1 
ATOM   454 O  "O4'" . DA  C 3 2  ? -1.791  11.034  -3.179  1.00 92.79  ? 2   DA  C "O4'" 1 
ATOM   455 C  "C3'" . DA  C 3 2  ? -0.090  9.361   -3.311  1.00 73.45  ? 2   DA  C "C3'" 1 
ATOM   456 O  "O3'" . DA  C 3 2  ? 1.313   9.528   -3.600  1.00 71.64  ? 2   DA  C "O3'" 1 
ATOM   457 C  "C2'" . DA  C 3 2  ? -0.418  9.660   -1.844  1.00 73.37  ? 2   DA  C "C2'" 1 
ATOM   458 C  "C1'" . DA  C 3 2  ? -1.735  10.419  -1.912  1.00 77.84  ? 2   DA  C "C1'" 1 
ATOM   459 N  N9    . DA  C 3 2  ? -2.919  9.577   -1.734  1.00 66.67  ? 2   DA  C N9    1 
ATOM   460 C  C8    . DA  C 3 2  ? -3.178  8.381   -2.337  1.00 73.65  ? 2   DA  C C8    1 
ATOM   461 N  N7    . DA  C 3 2  ? -4.323  7.845   -1.986  1.00 75.39  ? 2   DA  C N7    1 
ATOM   462 C  C5    . DA  C 3 2  ? -4.852  8.750   -1.083  1.00 76.24  ? 2   DA  C C5    1 
ATOM   463 C  C6    . DA  C 3 2  ? -6.053  8.765   -0.343  1.00 69.88  ? 2   DA  C C6    1 
ATOM   464 N  N6    . DA  C 3 2  ? -6.970  7.794   -0.408  1.00 74.60  ? 2   DA  C N6    1 
ATOM   465 N  N1    . DA  C 3 2  ? -6.273  9.817   0.472   1.00 70.26  ? 2   DA  C N1    1 
ATOM   466 C  C2    . DA  C 3 2  ? -5.353  10.789  0.535   1.00 77.39  ? 2   DA  C C2    1 
ATOM   467 N  N3    . DA  C 3 2  ? -4.188  10.885  -0.110  1.00 75.70  ? 2   DA  C N3    1 
ATOM   468 C  C4    . DA  C 3 2  ? -3.996  9.824   -0.909  1.00 73.71  ? 2   DA  C C4    1 
ATOM   469 P  P     . DG  C 3 3  ? 2.035   10.971  -3.563  1.00 87.71  ? 3   DG  C P     1 
ATOM   470 O  OP1   . DG  C 3 3  ? 1.488   11.821  -2.485  1.00 83.79  ? 3   DG  C OP1   1 
ATOM   471 O  OP2   . DG  C 3 3  ? 2.081   11.488  -4.948  1.00 92.61  ? 3   DG  C OP2   1 
ATOM   472 O  "O5'" . DG  C 3 3  ? 3.531   10.610  -3.149  1.00 79.10  ? 3   DG  C "O5'" 1 
ATOM   473 C  "C5'" . DG  C 3 3  ? 3.764   9.597   -2.182  1.00 74.18  ? 3   DG  C "C5'" 1 
ATOM   474 C  "C4'" . DG  C 3 3  ? 4.975   8.767   -2.557  1.00 70.14  ? 3   DG  C "C4'" 1 
ATOM   475 O  "O4'" . DG  C 3 3  ? 4.586   7.742   -3.494  1.00 72.32  ? 3   DG  C "O4'" 1 
ATOM   476 C  "C3'" . DG  C 3 3  ? 6.076   9.528   -3.262  1.00 70.42  ? 3   DG  C "C3'" 1 
ATOM   477 O  "O3'" . DG  C 3 3  ? 6.921   10.140  -2.306  1.00 69.14  ? 3   DG  C "O3'" 1 
ATOM   478 C  "C2'" . DG  C 3 3  ? 6.799   8.419   -4.019  1.00 61.74  ? 3   DG  C "C2'" 1 
ATOM   479 C  "C1'" . DG  C 3 3  ? 5.660   7.466   -4.376  1.00 63.44  ? 3   DG  C "C1'" 1 
ATOM   480 N  N9    . DG  C 3 3  ? 5.169   7.613   -5.738  1.00 62.31  ? 3   DG  C N9    1 
ATOM   481 C  C8    . DG  C 3 3  ? 3.904   7.979   -6.112  1.00 68.23  ? 3   DG  C C8    1 
ATOM   482 N  N7    . DG  C 3 3  ? 3.732   8.025   -7.401  1.00 63.60  ? 3   DG  C N7    1 
ATOM   483 C  C5    . DG  C 3 3  ? 4.964   7.665   -7.919  1.00 65.93  ? 3   DG  C C5    1 
ATOM   484 C  C6    . DG  C 3 3  ? 5.380   7.542   -9.262  1.00 71.76  ? 3   DG  C C6    1 
ATOM   485 O  O6    . DG  C 3 3  ? 4.716   7.733   -10.296 1.00 70.57  ? 3   DG  C O6    1 
ATOM   486 N  N1    . DG  C 3 3  ? 6.714   7.154   -9.352  1.00 73.45  ? 3   DG  C N1    1 
ATOM   487 C  C2    . DG  C 3 3  ? 7.540   6.915   -8.275  1.00 73.01  ? 3   DG  C C2    1 
ATOM   488 N  N2    . DG  C 3 3  ? 8.796   6.545   -8.566  1.00 70.51  ? 3   DG  C N2    1 
ATOM   489 N  N3    . DG  C 3 3  ? 7.161   7.027   -7.007  1.00 67.51  ? 3   DG  C N3    1 
ATOM   490 C  C4    . DG  C 3 3  ? 5.864   7.404   -6.905  1.00 64.66  ? 3   DG  C C4    1 
ATOM   491 P  P     . DG  C 3 4  ? 7.551   11.583  -2.612  1.00 79.54  ? 4   DG  C P     1 
ATOM   492 O  OP1   . DG  C 3 4  ? 8.240   12.061  -1.392  1.00 70.60  ? 4   DG  C OP1   1 
ATOM   493 O  OP2   . DG  C 3 4  ? 6.489   12.406  -3.228  1.00 72.24  ? 4   DG  C OP2   1 
ATOM   494 O  "O5'" . DG  C 3 4  ? 8.629   11.283  -3.750  1.00 71.66  ? 4   DG  C "O5'" 1 
ATOM   495 C  "C5'" . DG  C 3 4  ? 9.654   10.327  -3.523  1.00 72.41  ? 4   DG  C "C5'" 1 
ATOM   496 C  "C4'" . DG  C 3 4  ? 10.434  10.084  -4.796  1.00 76.25  ? 4   DG  C "C4'" 1 
ATOM   497 O  "O4'" . DG  C 3 4  ? 9.625   9.337   -5.728  1.00 78.01  ? 4   DG  C "O4'" 1 
ATOM   498 C  "C3'" . DG  C 3 4  ? 10.821  11.340  -5.543  1.00 75.33  ? 4   DG  C "C3'" 1 
ATOM   499 O  "O3'" . DG  C 3 4  ? 12.034  11.832  -5.020  1.00 82.16  ? 4   DG  C "O3'" 1 
ATOM   500 C  "C2'" . DG  C 3 4  ? 10.988  10.830  -6.973  1.00 66.97  ? 4   DG  C "C2'" 1 
ATOM   501 C  "C1'" . DG  C 3 4  ? 9.929   9.733   -7.055  1.00 62.78  ? 4   DG  C "C1'" 1 
ATOM   502 N  N9    . DG  C 3 4  ? 8.690   10.153  -7.682  1.00 59.71  ? 4   DG  C N9    1 
ATOM   503 C  C8    . DG  C 3 4  ? 7.555   10.567  -7.046  1.00 66.29  ? 4   DG  C C8    1 
ATOM   504 N  N7    . DG  C 3 4  ? 6.583   10.864  -7.859  1.00 72.39  ? 4   DG  C N7    1 
ATOM   505 C  C5    . DG  C 3 4  ? 7.107   10.623  -9.115  1.00 58.53  ? 4   DG  C C5    1 
ATOM   506 C  C6    . DG  C 3 4  ? 6.516   10.769  -10.386 1.00 65.80  ? 4   DG  C C6    1 
ATOM   507 O  O6    . DG  C 3 4  ? 5.369   11.160  -10.656 1.00 72.13  ? 4   DG  C O6    1 
ATOM   508 N  N1    . DG  C 3 4  ? 7.395   10.416  -11.406 1.00 67.28  ? 4   DG  C N1    1 
ATOM   509 C  C2    . DG  C 3 4  ? 8.687   9.978   -11.216 1.00 68.77  ? 4   DG  C C2    1 
ATOM   510 N  N2    . DG  C 3 4  ? 9.383   9.685   -12.323 1.00 67.57  ? 4   DG  C N2    1 
ATOM   511 N  N3    . DG  C 3 4  ? 9.256   9.840   -10.024 1.00 67.59  ? 4   DG  C N3    1 
ATOM   512 C  C4    . DG  C 3 4  ? 8.411   10.177  -9.026  1.00 64.29  ? 4   DG  C C4    1 
ATOM   513 P  P     . DT  C 3 5  ? 12.810  13.016  -5.775  1.00 100.75 ? 5   DT  C P     1 
ATOM   514 O  OP1   . DT  C 3 5  ? 13.652  13.708  -4.773  1.00 101.18 ? 5   DT  C OP1   1 
ATOM   515 O  OP2   . DT  C 3 5  ? 11.827  13.777  -6.583  1.00 76.67  ? 5   DT  C OP2   1 
ATOM   516 O  "O5'" . DT  C 3 5  ? 13.762  12.249  -6.794  1.00 75.04  ? 5   DT  C "O5'" 1 
ATOM   517 C  "C5'" . DT  C 3 5  ? 14.449  12.978  -7.770  1.00 72.97  ? 5   DT  C "C5'" 1 
ATOM   518 C  "C4'" . DT  C 3 5  ? 14.477  12.221  -9.074  1.00 73.30  ? 5   DT  C "C4'" 1 
ATOM   519 O  "O4'" . DT  C 3 5  ? 13.114  11.936  -9.494  1.00 74.11  ? 5   DT  C "O4'" 1 
ATOM   520 C  "C3'" . DT  C 3 5  ? 15.110  12.989  -10.223 1.00 74.74  ? 5   DT  C "C3'" 1 
ATOM   521 O  "O3'" . DT  C 3 5  ? 15.838  12.102  -11.060 1.00 76.00  ? 5   DT  C "O3'" 1 
ATOM   522 C  "C2'" . DT  C 3 5  ? 13.899  13.571  -10.941 1.00 77.61  ? 5   DT  C "C2'" 1 
ATOM   523 C  "C1'" . DT  C 3 5  ? 12.922  12.427  -10.800 1.00 64.73  ? 5   DT  C "C1'" 1 
ATOM   524 N  N1    . DT  C 3 5  ? 11.508  12.828  -10.961 1.00 64.53  ? 5   DT  C N1    1 
ATOM   525 C  C2    . DT  C 3 5  ? 10.964  12.829  -12.218 1.00 74.70  ? 5   DT  C C2    1 
ATOM   526 O  O2    . DT  C 3 5  ? 11.596  12.525  -13.214 1.00 80.39  ? 5   DT  C O2    1 
ATOM   527 N  N3    . DT  C 3 5  ? 9.647   13.207  -12.275 1.00 76.40  ? 5   DT  C N3    1 
ATOM   528 C  C4    . DT  C 3 5  ? 8.838   13.575  -11.214 1.00 75.13  ? 5   DT  C C4    1 
ATOM   529 O  O4    . DT  C 3 5  ? 7.661   13.904  -11.366 1.00 73.58  ? 5   DT  C O4    1 
ATOM   530 C  C5    . DT  C 3 5  ? 9.477   13.549  -9.919  1.00 61.51  ? 5   DT  C C5    1 
ATOM   531 C  C7    . DT  C 3 5  ? 8.708   13.926  -8.695  1.00 56.37  ? 5   DT  C C7    1 
ATOM   532 C  C6    . DT  C 3 5  ? 10.766  13.180  -9.854  1.00 62.07  ? 5   DT  C C6    1 
ATOM   533 O  "O5'" . DT  D 4 1  ? 3.389   -24.725 -0.762  1.00 132.46 ? 1   DT  D "O5'" 1 
ATOM   534 C  "C5'" . DT  D 4 1  ? 4.541   -23.922 -0.523  1.00 133.24 ? 1   DT  D "C5'" 1 
ATOM   535 C  "C4'" . DT  D 4 1  ? 5.575   -24.135 -1.612  1.00 136.27 ? 1   DT  D "C4'" 1 
ATOM   536 O  "O4'" . DT  D 4 1  ? 4.899   -24.392 -2.867  1.00 137.28 ? 1   DT  D "O4'" 1 
ATOM   537 C  "C3'" . DT  D 4 1  ? 6.484   -22.943 -1.882  1.00 137.16 ? 1   DT  D "C3'" 1 
ATOM   538 O  "O3'" . DT  D 4 1  ? 7.728   -23.393 -2.420  1.00 144.81 ? 1   DT  D "O3'" 1 
ATOM   539 C  "C2'" . DT  D 4 1  ? 5.681   -22.160 -2.911  1.00 138.05 ? 1   DT  D "C2'" 1 
ATOM   540 C  "C1'" . DT  D 4 1  ? 5.054   -23.282 -3.733  1.00 136.98 ? 1   DT  D "C1'" 1 
ATOM   541 N  N1    . DT  D 4 1  ? 3.724   -22.933 -4.287  1.00 136.11 ? 1   DT  D N1    1 
ATOM   542 C  C2    . DT  D 4 1  ? 3.553   -22.926 -5.646  1.00 137.23 ? 1   DT  D C2    1 
ATOM   543 O  O2    . DT  D 4 1  ? 4.445   -23.197 -6.429  1.00 137.28 ? 1   DT  D O2    1 
ATOM   544 N  N3    . DT  D 4 1  ? 2.294   -22.588 -6.063  1.00 137.19 ? 1   DT  D N3    1 
ATOM   545 C  C4    . DT  D 4 1  ? 1.213   -22.260 -5.267  1.00 136.07 ? 1   DT  D C4    1 
ATOM   546 O  O4    . DT  D 4 1  ? 0.116   -21.971 -5.735  1.00 133.11 ? 1   DT  D O4    1 
ATOM   547 C  C5    . DT  D 4 1  ? 1.462   -22.286 -3.846  1.00 133.15 ? 1   DT  D C5    1 
ATOM   548 C  C7    . DT  D 4 1  ? 0.366   -21.951 -2.882  1.00 132.17 ? 1   DT  D C7    1 
ATOM   549 C  C6    . DT  D 4 1  ? 2.692   -22.617 -3.429  1.00 133.64 ? 1   DT  D C6    1 
ATOM   550 P  P     . DC  D 4 2  ? 8.843   -22.334 -2.892  1.00 146.85 ? 2   DC  D P     1 
ATOM   551 O  OP1   . DC  D 4 2  ? 10.142  -23.043 -2.915  1.00 146.63 ? 2   DC  D OP1   1 
ATOM   552 O  OP2   . DC  D 4 2  ? 8.688   -21.121 -2.059  1.00 147.62 ? 2   DC  D OP2   1 
ATOM   553 O  "O5'" . DC  D 4 2  ? 8.440   -21.997 -4.405  1.00 134.49 ? 2   DC  D "O5'" 1 
ATOM   554 C  "C5'" . DC  D 4 2  ? 9.111   -20.961 -5.107  1.00 131.99 ? 2   DC  D "C5'" 1 
ATOM   555 C  "C4'" . DC  D 4 2  ? 8.909   -21.106 -6.605  1.00 135.25 ? 2   DC  D "C4'" 1 
ATOM   556 O  "O4'" . DC  D 4 2  ? 7.500   -21.328 -6.882  1.00 129.26 ? 2   DC  D "O4'" 1 
ATOM   557 C  "C3'" . DC  D 4 2  ? 9.313   -19.881 -7.427  1.00 141.92 ? 2   DC  D "C3'" 1 
ATOM   558 O  "O3'" . DC  D 4 2  ? 9.902   -20.284 -8.659  1.00 156.91 ? 2   DC  D "O3'" 1 
ATOM   559 C  "C2'" . DC  D 4 2  ? 7.983   -19.176 -7.653  1.00 139.34 ? 2   DC  D "C2'" 1 
ATOM   560 C  "C1'" . DC  D 4 2  ? 7.049   -20.364 -7.806  1.00 134.10 ? 2   DC  D "C1'" 1 
ATOM   561 N  N1    . DC  D 4 2  ? 5.635   -20.043 -7.501  1.00 138.29 ? 2   DC  D N1    1 
ATOM   562 C  C2    . DC  D 4 2  ? 4.741   -19.815 -8.549  1.00 140.81 ? 2   DC  D C2    1 
ATOM   563 O  O2    . DC  D 4 2  ? 5.150   -19.888 -9.713  1.00 143.92 ? 2   DC  D O2    1 
ATOM   564 N  N3    . DC  D 4 2  ? 3.450   -19.518 -8.260  1.00 139.60 ? 2   DC  D N3    1 
ATOM   565 C  C4    . DC  D 4 2  ? 3.051   -19.448 -6.989  1.00 139.00 ? 2   DC  D C4    1 
ATOM   566 N  N4    . DC  D 4 2  ? 1.768   -19.153 -6.753  1.00 135.76 ? 2   DC  D N4    1 
ATOM   567 C  C5    . DC  D 4 2  ? 3.950   -19.675 -5.905  1.00 138.43 ? 2   DC  D C5    1 
ATOM   568 C  C6    . DC  D 4 2  ? 5.220   -19.968 -6.204  1.00 136.95 ? 2   DC  D C6    1 
ATOM   569 P  P     . DT  D 4 3  ? 10.642  -19.203 -9.594  1.00 159.73 ? 3   DT  D P     1 
ATOM   570 O  OP1   . DT  D 4 3  ? 11.508  -19.935 -10.543 1.00 161.31 ? 3   DT  D OP1   1 
ATOM   571 O  OP2   . DT  D 4 3  ? 11.231  -18.174 -8.709  1.00 163.18 ? 3   DT  D OP2   1 
ATOM   572 O  "O5'" . DT  D 4 3  ? 9.458   -18.530 -10.434 1.00 144.69 ? 3   DT  D "O5'" 1 
ATOM   573 C  "C5'" . DT  D 4 3  ? 8.611   -19.334 -11.244 1.00 140.70 ? 3   DT  D "C5'" 1 
ATOM   574 C  "C4'" . DT  D 4 3  ? 7.882   -18.484 -12.272 1.00 143.11 ? 3   DT  D "C4'" 1 
ATOM   575 O  "O4'" . DT  D 4 3  ? 6.503   -18.277 -11.862 1.00 145.43 ? 3   DT  D "O4'" 1 
ATOM   576 C  "C3'" . DT  D 4 3  ? 8.463   -17.092 -12.497 1.00 143.36 ? 3   DT  D "C3'" 1 
ATOM   577 O  "O3'" . DT  D 4 3  ? 8.362   -16.762 -13.875 1.00 144.68 ? 3   DT  D "O3'" 1 
ATOM   578 C  "C2'" . DT  D 4 3  ? 7.563   -16.207 -11.632 1.00 142.15 ? 3   DT  D "C2'" 1 
ATOM   579 C  "C1'" . DT  D 4 3  ? 6.221   -16.892 -11.813 1.00 144.01 ? 3   DT  D "C1'" 1 
ATOM   580 N  N1    . DT  D 4 3  ? 5.260   -16.652 -10.695 1.00 142.20 ? 3   DT  D N1    1 
ATOM   581 C  C2    . DT  D 4 3  ? 3.921   -16.509 -10.979 1.00 140.93 ? 3   DT  D C2    1 
ATOM   582 O  O2    . DT  D 4 3  ? 3.471   -16.557 -12.110 1.00 137.27 ? 3   DT  D O2    1 
ATOM   583 N  N3    . DT  D 4 3  ? 3.121   -16.309 -9.885  1.00 137.73 ? 3   DT  D N3    1 
ATOM   584 C  C4    . DT  D 4 3  ? 3.516   -16.239 -8.563  1.00 134.98 ? 3   DT  D C4    1 
ATOM   585 O  O4    . DT  D 4 3  ? 2.718   -16.055 -7.648  1.00 134.68 ? 3   DT  D O4    1 
ATOM   586 C  C5    . DT  D 4 3  ? 4.932   -16.398 -8.334  1.00 134.77 ? 3   DT  D C5    1 
ATOM   587 C  C7    . DT  D 4 3  ? 5.479   -16.341 -6.941  1.00 133.42 ? 3   DT  D C7    1 
ATOM   588 C  C6    . DT  D 4 3  ? 5.727   -16.596 -9.398  1.00 137.85 ? 3   DT  D C6    1 
ATOM   589 P  P     . DG  D 4 4  ? 8.673   -15.270 -14.384 1.00 156.01 ? 4   DG  D P     1 
ATOM   590 O  OP1   . DG  D 4 4  ? 9.209   -15.374 -15.760 1.00 154.62 ? 4   DG  D OP1   1 
ATOM   591 O  OP2   . DG  D 4 4  ? 9.463   -14.579 -13.342 1.00 153.79 ? 4   DG  D OP2   1 
ATOM   592 O  "O5'" . DG  D 4 4  ? 7.232   -14.589 -14.469 1.00 142.53 ? 4   DG  D "O5'" 1 
ATOM   593 C  "C5'" . DG  D 4 4  ? 6.349   -14.919 -15.538 1.00 138.06 ? 4   DG  D "C5'" 1 
ATOM   594 C  "C4'" . DG  D 4 4  ? 5.313   -13.829 -15.730 1.00 138.46 ? 4   DG  D "C4'" 1 
ATOM   595 O  "O4'" . DG  D 4 4  ? 4.671   -13.554 -14.458 1.00 140.85 ? 4   DG  D "O4'" 1 
ATOM   596 C  "C3'" . DG  D 4 4  ? 5.863   -12.490 -16.213 1.00 135.69 ? 4   DG  D "C3'" 1 
ATOM   597 O  "O3'" . DG  D 4 4  ? 4.893   -11.829 -17.024 1.00 139.60 ? 4   DG  D "O3'" 1 
ATOM   598 C  "C2'" . DG  D 4 4  ? 6.101   -11.741 -14.906 1.00 133.75 ? 4   DG  D "C2'" 1 
ATOM   599 C  "C1'" . DG  D 4 4  ? 4.917   -12.217 -14.074 1.00 135.77 ? 4   DG  D "C1'" 1 
ATOM   600 N  N9    . DG  D 4 4  ? 5.155   -12.186 -12.632 1.00 134.84 ? 4   DG  D N9    1 
ATOM   601 C  C8    . DG  D 4 4  ? 6.367   -12.222 -11.984 1.00 134.37 ? 4   DG  D C8    1 
ATOM   602 N  N7    . DG  D 4 4  ? 6.264   -12.179 -10.683 1.00 131.28 ? 4   DG  D N7    1 
ATOM   603 C  C5    . DG  D 4 4  ? 4.895   -12.112 -10.453 1.00 133.56 ? 4   DG  D C5    1 
ATOM   604 C  C6    . DG  D 4 4  ? 4.174   -12.044 -9.235  1.00 130.57 ? 4   DG  D C6    1 
ATOM   605 O  O6    . DG  D 4 4  ? 4.618   -12.031 -8.078  1.00 130.04 ? 4   DG  D O6    1 
ATOM   606 N  N1    . DG  D 4 4  ? 2.799   -11.989 -9.455  1.00 132.69 ? 4   DG  D N1    1 
ATOM   607 C  C2    . DG  D 4 4  ? 2.197   -11.997 -10.693 1.00 133.57 ? 4   DG  D C2    1 
ATOM   608 N  N2    . DG  D 4 4  ? 0.857   -11.937 -10.706 1.00 130.26 ? 4   DG  D N2    1 
ATOM   609 N  N3    . DG  D 4 4  ? 2.861   -12.060 -11.840 1.00 133.11 ? 4   DG  D N3    1 
ATOM   610 C  C4    . DG  D 4 4  ? 4.201   -12.114 -11.644 1.00 134.53 ? 4   DG  D C4    1 
ATOM   611 P  P     . DA  D 4 5  ? 5.348   -10.717 -18.094 1.00 153.38 ? 5   DA  D P     1 
ATOM   612 O  OP1   . DA  D 4 5  ? 5.583   -11.398 -19.388 1.00 155.22 ? 5   DA  D OP1   1 
ATOM   613 O  OP2   . DA  D 4 5  ? 6.431   -9.920  -17.478 1.00 144.76 ? 5   DA  D OP2   1 
ATOM   614 O  "O5'" . DA  D 4 5  ? 4.074   -9.755  -18.223 1.00 138.74 ? 5   DA  D "O5'" 1 
ATOM   615 C  "C5'" . DA  D 4 5  ? 2.820   -10.273 -18.658 1.00 133.81 ? 5   DA  D "C5'" 1 
ATOM   616 C  "C4'" . DA  D 4 5  ? 1.680   -9.669  -17.854 1.00 133.92 ? 5   DA  D "C4'" 1 
ATOM   617 O  "O4'" . DA  D 4 5  ? 1.931   -9.879  -16.440 1.00 130.09 ? 5   DA  D "O4'" 1 
ATOM   618 C  "C3'" . DA  D 4 5  ? 1.476   -8.161  -18.033 1.00 132.94 ? 5   DA  D "C3'" 1 
ATOM   619 O  "O3'" . DA  D 4 5  ? 0.083   -7.848  -18.068 1.00 137.49 ? 5   DA  D "O3'" 1 
ATOM   620 C  "C2'" . DA  D 4 5  ? 2.145   -7.568  -16.797 1.00 130.28 ? 5   DA  D "C2'" 1 
ATOM   621 C  "C1'" . DA  D 4 5  ? 1.892   -8.648  -15.754 1.00 127.16 ? 5   DA  D "C1'" 1 
ATOM   622 N  N9    . DA  D 4 5  ? 2.907   -8.675  -14.706 1.00 130.35 ? 5   DA  D N9    1 
ATOM   623 C  C8    . DA  D 4 5  ? 4.263   -8.724  -14.877 1.00 133.44 ? 5   DA  D C8    1 
ATOM   624 N  N7    . DA  D 4 5  ? 4.938   -8.732  -13.752 1.00 132.13 ? 5   DA  D N7    1 
ATOM   625 C  C5    . DA  D 4 5  ? 3.957   -8.687  -12.776 1.00 127.39 ? 5   DA  D C5    1 
ATOM   626 C  C6    . DA  D 4 5  ? 4.018   -8.672  -11.368 1.00 124.26 ? 5   DA  D C6    1 
ATOM   627 N  N6    . DA  D 4 5  ? 5.164   -8.702  -10.681 1.00 124.16 ? 5   DA  D N6    1 
ATOM   628 N  N1    . DA  D 4 5  ? 2.850   -8.625  -10.691 1.00 124.02 ? 5   DA  D N1    1 
ATOM   629 C  C2    . DA  D 4 5  ? 1.702   -8.596  -11.384 1.00 123.56 ? 5   DA  D C2    1 
ATOM   630 N  N3    . DA  D 4 5  ? 1.520   -8.604  -12.704 1.00 125.49 ? 5   DA  D N3    1 
ATOM   631 C  C4    . DA  D 4 5  ? 2.697   -8.653  -13.347 1.00 127.69 ? 5   DA  D C4    1 
ATOM   632 P  P     . DG  D 4 6  ? -0.399  -6.341  -18.364 1.00 145.42 ? 6   DG  D P     1 
ATOM   633 O  OP1   . DG  D 4 6  ? -1.672  -6.416  -19.114 1.00 144.60 ? 6   DG  D OP1   1 
ATOM   634 O  OP2   . DG  D 4 6  ? 0.748   -5.610  -18.944 1.00 138.05 ? 6   DG  D OP2   1 
ATOM   635 O  "O5'" . DG  D 4 6  ? -0.683  -5.725  -16.912 1.00 131.68 ? 6   DG  D "O5'" 1 
ATOM   636 C  "C5'" . DG  D 4 6  ? -1.830  -6.137  -16.172 1.00 129.62 ? 6   DG  D "C5'" 1 
ATOM   637 C  "C4'" . DG  D 4 6  ? -1.751  -5.653  -14.734 1.00 125.69 ? 6   DG  D "C4'" 1 
ATOM   638 O  "O4'" . DG  D 4 6  ? -0.531  -6.117  -14.139 1.00 122.79 ? 6   DG  D "O4'" 1 
ATOM   639 C  "C3'" . DG  D 4 6  ? -1.717  -4.136  -14.552 1.00 119.72 ? 6   DG  D "C3'" 1 
ATOM   640 O  "O3'" . DG  D 4 6  ? -3.025  -3.645  -14.279 1.00 119.97 ? 6   DG  D "O3'" 1 
ATOM   641 C  "C2'" . DG  D 4 6  ? -0.781  -3.919  -13.347 1.00 111.52 ? 6   DG  D "C2'" 1 
ATOM   642 C  "C1'" . DG  D 4 6  ? -0.275  -5.323  -13.012 1.00 111.96 ? 6   DG  D "C1'" 1 
ATOM   643 N  N9    . DG  D 4 6  ? 1.151   -5.366  -12.724 1.00 112.09 ? 6   DG  D N9    1 
ATOM   644 C  C8    . DG  D 4 6  ? 2.177   -5.463  -13.631 1.00 114.48 ? 6   DG  D C8    1 
ATOM   645 N  N7    . DG  D 4 6  ? 3.359   -5.477  -13.079 1.00 117.37 ? 6   DG  D N7    1 
ATOM   646 C  C5    . DG  D 4 6  ? 3.099   -5.381  -11.717 1.00 114.04 ? 6   DG  D C5    1 
ATOM   647 C  C6    . DG  D 4 6  ? 3.990   -5.347  -10.620 1.00 114.02 ? 6   DG  D C6    1 
ATOM   648 O  O6    . DG  D 4 6  ? 5.230   -5.399  -10.634 1.00 116.16 ? 6   DG  D O6    1 
ATOM   649 N  N1    . DG  D 4 6  ? 3.311   -5.243  -9.409  1.00 108.13 ? 6   DG  D N1    1 
ATOM   650 C  C2    . DG  D 4 6  ? 1.942   -5.178  -9.277  1.00 106.31 ? 6   DG  D C2    1 
ATOM   651 N  N2    . DG  D 4 6  ? 1.469   -5.078  -8.026  1.00 103.65 ? 6   DG  D N2    1 
ATOM   652 N  N3    . DG  D 4 6  ? 1.095   -5.208  -10.299 1.00 106.05 ? 6   DG  D N3    1 
ATOM   653 C  C4    . DG  D 4 6  ? 1.743   -5.309  -11.485 1.00 110.45 ? 6   DG  D C4    1 
ATOM   654 P  P     . DT  D 4 7  ? -3.267  -2.070  -14.064 1.00 120.67 ? 7   DT  D P     1 
ATOM   655 O  OP1   . DT  D 4 7  ? -4.697  -1.795  -14.325 1.00 124.53 ? 7   DT  D OP1   1 
ATOM   656 O  OP2   . DT  D 4 7  ? -2.230  -1.365  -14.850 1.00 114.51 ? 7   DT  D OP2   1 
ATOM   657 O  "O5'" . DT  D 4 7  ? -2.971  -1.832  -12.505 1.00 110.83 ? 7   DT  D "O5'" 1 
ATOM   658 C  "C5'" . DT  D 4 7  ? -3.690  -2.570  -11.525 1.00 105.38 ? 7   DT  D "C5'" 1 
ATOM   659 C  "C4'" . DT  D 4 7  ? -3.201  -2.251  -10.120 1.00 105.33 ? 7   DT  D "C4'" 1 
ATOM   660 O  "O4'" . DT  D 4 7  ? -1.804  -2.611  -9.981  1.00 104.76 ? 7   DT  D "O4'" 1 
ATOM   661 C  "C3'" . DT  D 4 7  ? -3.306  -0.776  -9.690  1.00 98.50  ? 7   DT  D "C3'" 1 
ATOM   662 O  "O3'" . DT  D 4 7  ? -4.046  -0.692  -8.471  1.00 101.51 ? 7   DT  D "O3'" 1 
ATOM   663 C  "C2'" . DT  D 4 7  ? -1.843  -0.348  -9.494  1.00 91.87  ? 7   DT  D "C2'" 1 
ATOM   664 C  "C1'" . DT  D 4 7  ? -1.193  -1.672  -9.135  1.00 96.45  ? 7   DT  D "C1'" 1 
ATOM   665 N  N1    . DT  D 4 7  ? 0.286   -1.715  -9.348  1.00 92.07  ? 7   DT  D N1    1 
ATOM   666 C  C2    . DT  D 4 7  ? 1.123   -1.667  -8.257  1.00 91.49  ? 7   DT  D C2    1 
ATOM   667 O  O2    . DT  D 4 7  ? 0.720   -1.576  -7.113  1.00 90.88  ? 7   DT  D O2    1 
ATOM   668 N  N3    . DT  D 4 7  ? 2.459   -1.724  -8.555  1.00 90.06  ? 7   DT  D N3    1 
ATOM   669 C  C4    . DT  D 4 7  ? 3.030   -1.824  -9.808  1.00 91.60  ? 7   DT  D C4    1 
ATOM   670 O  O4    . DT  D 4 7  ? 4.247   -1.867  -9.974  1.00 92.49  ? 7   DT  D O4    1 
ATOM   671 C  C5    . DT  D 4 7  ? 2.096   -1.875  -10.907 1.00 96.10  ? 7   DT  D C5    1 
ATOM   672 C  C7    . DT  D 4 7  ? 2.596   -1.983  -12.313 1.00 101.54 ? 7   DT  D C7    1 
ATOM   673 C  C6    . DT  D 4 7  ? 0.785   -1.821  -10.628 1.00 93.12  ? 7   DT  D C6    1 
ATOM   674 P  P     . DG  D 4 8  ? -4.210  0.711   -7.699  1.00 110.58 ? 8   DG  D P     1 
ATOM   675 O  OP1   . DG  D 4 8  ? -5.427  0.622   -6.859  1.00 89.17  ? 8   DG  D OP1   1 
ATOM   676 O  OP2   . DG  D 4 8  ? -4.077  1.789   -8.703  1.00 110.95 ? 8   DG  D OP2   1 
ATOM   677 O  "O5'" . DG  D 4 8  ? -2.932  0.780   -6.734  1.00 93.99  ? 8   DG  D "O5'" 1 
ATOM   678 C  "C5'" . DG  D 4 8  ? -2.646  -0.299  -5.851  1.00 79.18  ? 8   DG  D "C5'" 1 
ATOM   679 C  "C4'" . DG  D 4 8  ? -1.817  0.165   -4.661  1.00 77.78  ? 8   DG  D "C4'" 1 
ATOM   680 O  "O4'" . DG  D 4 8  ? -0.407  0.102   -4.983  1.00 83.62  ? 8   DG  D "O4'" 1 
ATOM   681 C  "C3'" . DG  D 4 8  ? -2.065  1.590   -4.195  1.00 84.75  ? 8   DG  D "C3'" 1 
ATOM   682 O  "O3'" . DG  D 4 8  ? -1.849  1.663   -2.803  1.00 81.21  ? 8   DG  D "O3'" 1 
ATOM   683 C  "C2'" . DG  D 4 8  ? -1.013  2.393   -4.964  1.00 83.50  ? 8   DG  D "C2'" 1 
ATOM   684 C  "C1'" . DG  D 4 8  ? 0.154   1.408   -5.032  1.00 85.76  ? 8   DG  D "C1'" 1 
ATOM   685 N  N9    . DG  D 4 8  ? 0.927   1.489   -6.269  1.00 85.16  ? 8   DG  D N9    1 
ATOM   686 C  C8    . DG  D 4 8  ? 0.439   1.704   -7.535  1.00 86.59  ? 8   DG  D C8    1 
ATOM   687 N  N7    . DG  D 4 8  ? 1.361   1.690   -8.458  1.00 78.39  ? 8   DG  D N7    1 
ATOM   688 C  C5    . DG  D 4 8  ? 2.533   1.438   -7.761  1.00 74.33  ? 8   DG  D C5    1 
ATOM   689 C  C6    . DG  D 4 8  ? 3.859   1.310   -8.233  1.00 80.13  ? 8   DG  D C6    1 
ATOM   690 O  O6    . DG  D 4 8  ? 4.272   1.397   -9.400  1.00 78.83  ? 8   DG  D O6    1 
ATOM   691 N  N1    . DG  D 4 8  ? 4.751   1.055   -7.195  1.00 77.12  ? 8   DG  D N1    1 
ATOM   692 C  C2    . DG  D 4 8  ? 4.402   0.939   -5.869  1.00 79.09  ? 8   DG  D C2    1 
ATOM   693 N  N2    . DG  D 4 8  ? 5.403   0.689   -5.014  1.00 81.08  ? 8   DG  D N2    1 
ATOM   694 N  N3    . DG  D 4 8  ? 3.160   1.058   -5.413  1.00 79.01  ? 8   DG  D N3    1 
ATOM   695 C  C4    . DG  D 4 8  ? 2.281   1.306   -6.412  1.00 76.95  ? 8   DG  D C4    1 
ATOM   696 P  P     . DC  D 4 9  ? -2.118  3.035   -2.022  1.00 97.33  ? 9   DC  D P     1 
ATOM   697 O  OP1   . DC  D 4 9  ? -2.433  2.691   -0.614  1.00 89.49  ? 9   DC  D OP1   1 
ATOM   698 O  OP2   . DC  D 4 9  ? -3.082  3.806   -2.841  1.00 79.41  ? 9   DC  D OP2   1 
ATOM   699 O  "O5'" . DC  D 4 9  ? -0.705  3.786   -2.068  1.00 89.29  ? 9   DC  D "O5'" 1 
ATOM   700 C  "C5'" . DC  D 4 9  ? 0.393   3.288   -1.307  1.00 83.28  ? 9   DC  D "C5'" 1 
ATOM   701 C  "C4'" . DC  D 4 9  ? 1.668   4.065   -1.612  1.00 85.90  ? 9   DC  D "C4'" 1 
ATOM   702 O  "O4'" . DC  D 4 9  ? 2.066   3.844   -2.991  1.00 85.75  ? 9   DC  D "O4'" 1 
ATOM   703 C  "C3'" . DC  D 4 9  ? 1.569   5.595   -1.442  1.00 70.58  ? 9   DC  D "C3'" 1 
ATOM   704 O  "O3'" . DC  D 4 9  ? 2.539   6.061   -0.485  1.00 65.80  ? 9   DC  D "O3'" 1 
ATOM   705 C  "C2'" . DC  D 4 9  ? 1.861   6.140   -2.851  1.00 67.64  ? 9   DC  D "C2'" 1 
ATOM   706 C  "C1'" . DC  D 4 9  ? 2.689   5.014   -3.444  1.00 65.35  ? 9   DC  D "C1'" 1 
ATOM   707 N  N1    . DC  D 4 9  ? 2.741   5.006   -4.940  1.00 69.05  ? 9   DC  D N1    1 
ATOM   708 C  C2    . DC  D 4 9  ? 3.952   4.725   -5.586  1.00 72.48  ? 9   DC  D C2    1 
ATOM   709 O  O2    . DC  D 4 9  ? 4.951   4.476   -4.904  1.00 75.65  ? 9   DC  D O2    1 
ATOM   710 N  N3    . DC  D 4 9  ? 3.993   4.726   -6.942  1.00 67.33  ? 9   DC  D N3    1 
ATOM   711 C  C4    . DC  D 4 9  ? 2.891   4.996   -7.643  1.00 73.45  ? 9   DC  D C4    1 
ATOM   712 N  N4    . DC  D 4 9  ? 2.980   4.984   -8.978  1.00 79.68  ? 9   DC  D N4    1 
ATOM   713 C  C5    . DC  D 4 9  ? 1.647   5.291   -7.005  1.00 63.96  ? 9   DC  D C5    1 
ATOM   714 C  C6    . DC  D 4 9  ? 1.620   5.287   -5.664  1.00 69.11  ? 9   DC  D C6    1 
ATOM   715 P  P     . DC  D 4 10 ? 2.163   6.157   1.078   1.00 88.73  ? 10  DC  D P     1 
ATOM   716 O  OP1   . DC  D 4 10 ? 3.171   5.375   1.829   1.00 97.44  ? 10  DC  D OP1   1 
ATOM   717 O  OP2   . DC  D 4 10 ? 0.723   5.856   1.212   1.00 83.60  ? 10  DC  D OP2   1 
ATOM   718 O  "O5'" . DC  D 4 10 ? 2.366   7.699   1.459   1.00 80.63  ? 10  DC  D "O5'" 1 
ATOM   719 C  "C5'" . DC  D 4 10 ? 1.715   8.705   0.706   1.00 82.98  ? 10  DC  D "C5'" 1 
ATOM   720 C  "C4'" . DC  D 4 10 ? 0.752   9.511   1.566   1.00 77.64  ? 10  DC  D "C4'" 1 
ATOM   721 O  "O4'" . DC  D 4 10 ? -0.595  9.197   1.199   1.00 72.01  ? 10  DC  D "O4'" 1 
ATOM   722 C  "C3'" . DC  D 4 10 ? 0.797   9.226   3.058   1.00 82.41  ? 10  DC  D "C3'" 1 
ATOM   723 O  "O3'" . DC  D 4 10 ? 1.756   10.065  3.682   1.00 89.62  ? 10  DC  D "O3'" 1 
ATOM   724 C  "C2'" . DC  D 4 10 ? -0.627  9.570   3.527   1.00 81.96  ? 10  DC  D "C2'" 1 
ATOM   725 C  "C1'" . DC  D 4 10 ? -1.438  9.641   2.230   1.00 71.13  ? 10  DC  D "C1'" 1 
ATOM   726 N  N1    . DC  D 4 10 ? -2.659  8.795   2.239   1.00 73.65  ? 10  DC  D N1    1 
ATOM   727 C  C2    . DC  D 4 10 ? -3.785  9.206   2.956   1.00 79.06  ? 10  DC  D C2    1 
ATOM   728 O  O2    . DC  D 4 10 ? -3.745  10.274  3.584   1.00 80.68  ? 10  DC  D O2    1 
ATOM   729 N  N3    . DC  D 4 10 ? -4.896  8.426   2.941   1.00 82.07  ? 10  DC  D N3    1 
ATOM   730 C  C4    . DC  D 4 10 ? -4.899  7.283   2.251   1.00 77.61  ? 10  DC  D C4    1 
ATOM   731 N  N4    . DC  D 4 10 ? -6.015  6.544   2.267   1.00 83.20  ? 10  DC  D N4    1 
ATOM   732 C  C5    . DC  D 4 10 ? -3.761  6.850   1.513   1.00 77.29  ? 10  DC  D C5    1 
ATOM   733 C  C6    . DC  D 4 10 ? -2.675  7.629   1.533   1.00 74.39  ? 10  DC  D C6    1 
ATOM   734 P  P     . DG  D 4 11 ? 2.387   9.649   5.099   1.00 103.15 ? 11  DG  D P     1 
ATOM   735 O  OP1   . DG  D 4 11 ? 3.407   10.662  5.456   1.00 97.64  ? 11  DG  D OP1   1 
ATOM   736 O  OP2   . DG  D 4 11 ? 2.750   8.217   5.013   1.00 85.83  ? 11  DG  D OP2   1 
ATOM   737 O  "O5'" . DG  D 4 11 ? 1.163   9.763   6.119   1.00 87.54  ? 11  DG  D "O5'" 1 
ATOM   738 C  "C5'" . DG  D 4 11 ? 0.597   11.038  6.426   1.00 93.33  ? 11  DG  D "C5'" 1 
ATOM   739 C  "C4'" . DG  D 4 11 ? -0.677  10.865  7.228   1.00 94.58  ? 11  DG  D "C4'" 1 
ATOM   740 O  "O4'" . DG  D 4 11 ? -1.652  10.186  6.423   1.00 91.00  ? 11  DG  D "O4'" 1 
ATOM   741 C  "C3'" . DG  D 4 11 ? -0.526  10.001  8.467   1.00 101.46 ? 11  DG  D "C3'" 1 
ATOM   742 O  "O3'" . DG  D 4 11 ? -0.215  10.825  9.581   1.00 107.44 ? 11  DG  D "O3'" 1 
ATOM   743 C  "C2'" . DG  D 4 11 ? -1.902  9.336   8.628   1.00 97.40  ? 11  DG  D "C2'" 1 
ATOM   744 C  "C1'" . DG  D 4 11 ? -2.564  9.509   7.256   1.00 89.03  ? 11  DG  D "C1'" 1 
ATOM   745 N  N9    . DG  D 4 11 ? -2.917  8.251   6.609   1.00 87.77  ? 11  DG  D N9    1 
ATOM   746 C  C8    . DG  D 4 11 ? -2.091  7.461   5.850   1.00 85.75  ? 11  DG  D C8    1 
ATOM   747 N  N7    . DG  D 4 11 ? -2.678  6.397   5.381   1.00 79.04  ? 11  DG  D N7    1 
ATOM   748 C  C5    . DG  D 4 11 ? -3.977  6.489   5.853   1.00 85.13  ? 11  DG  D C5    1 
ATOM   749 C  C6    . DG  D 4 11 ? -5.074  5.619   5.666   1.00 93.05  ? 11  DG  D C6    1 
ATOM   750 O  O6    . DG  D 4 11 ? -5.112  4.556   5.023   1.00 88.76  ? 11  DG  D O6    1 
ATOM   751 N  N1    . DG  D 4 11 ? -6.216  6.083   6.317   1.00 95.08  ? 11  DG  D N1    1 
ATOM   752 C  C2    . DG  D 4 11 ? -6.285  7.244   7.056   1.00 93.52  ? 11  DG  D C2    1 
ATOM   753 N  N2    . DG  D 4 11 ? -7.478  7.525   7.610   1.00 91.37  ? 11  DG  D N2    1 
ATOM   754 N  N3    . DG  D 4 11 ? -5.260  8.070   7.240   1.00 84.95  ? 11  DG  D N3    1 
ATOM   755 C  C4    . DG  D 4 11 ? -4.143  7.630   6.611   1.00 85.05  ? 11  DG  D C4    1 
ATOM   756 P  P     . DT  D 4 12 ? 0.165   10.163  10.992  1.00 121.48 ? 12  DT  D P     1 
ATOM   757 O  OP1   . DT  D 4 12 ? 0.928   11.166  11.767  1.00 114.83 ? 12  DT  D OP1   1 
ATOM   758 O  OP2   . DT  D 4 12 ? 0.748   8.831   10.708  1.00 108.44 ? 12  DT  D OP2   1 
ATOM   759 O  "O5'" . DT  D 4 12 ? -1.247  9.935   11.700  1.00 102.68 ? 12  DT  D "O5'" 1 
ATOM   760 C  "C5'" . DT  D 4 12 ? -2.190  10.991  11.753  1.00 98.86  ? 12  DT  D "C5'" 1 
ATOM   761 C  "C4'" . DT  D 4 12 ? -3.490  10.504  12.355  1.00 104.40 ? 12  DT  D "C4'" 1 
ATOM   762 O  "O4'" . DT  D 4 12 ? -4.095  9.530   11.469  1.00 96.94  ? 12  DT  D "O4'" 1 
ATOM   763 C  "C3'" . DT  D 4 12 ? -3.351  9.814   13.716  1.00 109.78 ? 12  DT  D "C3'" 1 
ATOM   764 O  "O3'" . DT  D 4 12 ? -4.376  10.267  14.588  1.00 117.31 ? 12  DT  D "O3'" 1 
ATOM   765 C  "C2'" . DT  D 4 12 ? -3.504  8.327   13.382  1.00 103.20 ? 12  DT  D "C2'" 1 
ATOM   766 C  "C1'" . DT  D 4 12 ? -4.452  8.380   12.199  1.00 98.68  ? 12  DT  D "C1'" 1 
ATOM   767 N  N1    . DT  D 4 12 ? -4.351  7.209   11.292  1.00 91.92  ? 12  DT  D N1    1 
ATOM   768 C  C2    . DT  D 4 12 ? -5.499  6.576   10.898  1.00 94.52  ? 12  DT  D C2    1 
ATOM   769 O  O2    . DT  D 4 12 ? -6.606  6.923   11.266  1.00 103.13 ? 12  DT  D O2    1 
ATOM   770 N  N3    . DT  D 4 12 ? -5.311  5.515   10.054  1.00 95.37  ? 12  DT  D N3    1 
ATOM   771 C  C4    . DT  D 4 12 ? -4.108  5.036   9.573   1.00 93.76  ? 12  DT  D C4    1 
ATOM   772 O  O4    . DT  D 4 12 ? -4.037  4.070   8.817   1.00 98.19  ? 12  DT  D O4    1 
ATOM   773 C  C5    . DT  D 4 12 ? -2.939  5.750   10.024  1.00 92.01  ? 12  DT  D C5    1 
ATOM   774 C  C7    . DT  D 4 12 ? -1.577  5.323   9.570   1.00 94.56  ? 12  DT  D C7    1 
ATOM   775 C  C6    . DT  D 4 12 ? -3.113  6.791   10.851  1.00 95.18  ? 12  DT  D C6    1 
ATOM   776 P  P     . DC  D 4 13 ? -4.486  9.688   16.081  1.00 130.40 ? 13  DC  D P     1 
ATOM   777 O  OP1   . DC  D 4 13 ? -5.028  10.767  16.937  1.00 118.74 ? 13  DC  D OP1   1 
ATOM   778 O  OP2   . DC  D 4 13 ? -3.186  9.071   16.425  1.00 123.20 ? 13  DC  D OP2   1 
ATOM   779 O  "O5'" . DC  D 4 13 ? -5.582  8.530   15.959  1.00 111.55 ? 13  DC  D "O5'" 1 
ATOM   780 C  "C5'" . DC  D 4 13 ? -6.875  8.837   15.458  1.00 109.21 ? 13  DC  D "C5'" 1 
ATOM   781 C  "C4'" . DC  D 4 13 ? -7.806  7.649   15.597  1.00 121.12 ? 13  DC  D "C4'" 1 
ATOM   782 O  "O4'" . DC  D 4 13 ? -7.478  6.648   14.600  1.00 117.55 ? 13  DC  D "O4'" 1 
ATOM   783 C  "C3'" . DC  D 4 13 ? -7.763  6.934   16.953  1.00 129.88 ? 13  DC  D "C3'" 1 
ATOM   784 O  "O3'" . DC  D 4 13 ? -9.097  6.727   17.425  1.00 138.44 ? 13  DC  D "O3'" 1 
ATOM   785 C  "C2'" . DC  D 4 13 ? -7.055  5.609   16.638  1.00 127.34 ? 13  DC  D "C2'" 1 
ATOM   786 C  "C1'" . DC  D 4 13 ? -7.485  5.375   15.200  1.00 120.73 ? 13  DC  D "C1'" 1 
ATOM   787 N  N1    . DC  D 4 13 ? -6.572  4.489   14.417  1.00 116.92 ? 13  DC  D N1    1 
ATOM   788 C  C2    . DC  D 4 13 ? -7.112  3.499   13.586  1.00 117.64 ? 13  DC  D C2    1 
ATOM   789 O  O2    . DC  D 4 13 ? -8.340  3.363   13.530  1.00 121.36 ? 13  DC  D O2    1 
ATOM   790 N  N3    . DC  D 4 13 ? -6.272  2.713   12.867  1.00 113.91 ? 13  DC  D N3    1 
ATOM   791 C  C4    . DC  D 4 13 ? -4.953  2.890   12.954  1.00 108.62 ? 13  DC  D C4    1 
ATOM   792 N  N4    . DC  D 4 13 ? -4.166  2.090   12.228  1.00 108.21 ? 13  DC  D N4    1 
ATOM   793 C  C5    . DC  D 4 13 ? -4.383  3.897   13.791  1.00 106.19 ? 13  DC  D C5    1 
ATOM   794 C  C6    . DC  D 4 13 ? -5.221  4.668   14.494  1.00 112.55 ? 13  DC  D C6    1 
ATOM   795 P  P     . DT  D 4 14 ? -9.369  5.948   18.804  1.00 146.01 ? 14  DT  D P     1 
ATOM   796 O  OP1   . DT  D 4 14 ? -10.661 6.428   19.343  1.00 154.61 ? 14  DT  D OP1   1 
ATOM   797 O  OP2   . DT  D 4 14 ? -8.146  6.053   19.631  1.00 142.84 ? 14  DT  D OP2   1 
ATOM   798 O  "O5'" . DT  D 4 14 ? -9.548  4.423   18.355  1.00 134.14 ? 14  DT  D "O5'" 1 
ATOM   799 C  "C5'" . DT  D 4 14 ? -10.511 4.086   17.364  1.00 134.94 ? 14  DT  D "C5'" 1 
ATOM   800 C  "C4'" . DT  D 4 14 ? -10.746 2.587   17.324  1.00 142.15 ? 14  DT  D "C4'" 1 
ATOM   801 O  "O4'" . DT  D 4 14 ? -9.716  1.944   16.521  1.00 142.23 ? 14  DT  D "O4'" 1 
ATOM   802 C  "C3'" . DT  D 4 14 ? -10.717 1.885   18.686  1.00 149.65 ? 14  DT  D "C3'" 1 
ATOM   803 O  "O3'" . DT  D 4 14 ? -11.762 0.918   18.744  1.00 157.94 ? 14  DT  D "O3'" 1 
ATOM   804 C  "C2'" . DT  D 4 14 ? -9.342  1.221   18.692  1.00 145.84 ? 14  DT  D "C2'" 1 
ATOM   805 C  "C1'" . DT  D 4 14 ? -9.219  0.833   17.230  1.00 141.39 ? 14  DT  D "C1'" 1 
ATOM   806 N  N1    . DT  D 4 14 ? -7.820  0.555   16.793  1.00 133.41 ? 14  DT  D N1    1 
ATOM   807 C  C2    . DT  D 4 14 ? -7.600  -0.380  15.810  1.00 133.55 ? 14  DT  D C2    1 
ATOM   808 O  O2    . DT  D 4 14 ? -8.498  -0.993  15.261  1.00 136.77 ? 14  DT  D O2    1 
ATOM   809 N  N3    . DT  D 4 14 ? -6.284  -0.570  15.482  1.00 128.40 ? 14  DT  D N3    1 
ATOM   810 C  C4    . DT  D 4 14 ? -5.188  0.065   16.032  1.00 125.38 ? 14  DT  D C4    1 
ATOM   811 O  O4    . DT  D 4 14 ? -4.038  -0.174  15.670  1.00 126.79 ? 14  DT  D O4    1 
ATOM   812 C  C5    . DT  D 4 14 ? -5.488  1.029   17.064  1.00 124.99 ? 14  DT  D C5    1 
ATOM   813 C  C7    . DT  D 4 14 ? -4.383  1.782   17.736  1.00 121.88 ? 14  DT  D C7    1 
ATOM   814 C  C6    . DT  D 4 14 ? -6.774  1.223   17.393  1.00 128.63 ? 14  DT  D C6    1 
ATOM   815 P  P     . DG  D 4 15 ? -12.069 0.110   20.101  1.00 169.29 ? 15  DG  D P     1 
ATOM   816 O  OP1   . DG  D 4 15 ? -12.655 1.064   21.067  1.00 164.44 ? 15  DG  D OP1   1 
ATOM   817 O  OP2   . DG  D 4 15 ? -10.882 -0.685  20.482  1.00 157.06 ? 15  DG  D OP2   1 
ATOM   818 O  "O5'" . DG  D 4 15 ? -13.217 -0.915  19.671  1.00 164.65 ? 15  DG  D "O5'" 1 
ATOM   819 C  "C5'" . DG  D 4 15 ? -13.277 -1.390  18.330  1.00 161.97 ? 15  DG  D "C5'" 1 
ATOM   820 C  "C4'" . DG  D 4 15 ? -12.380 -2.602  18.128  1.00 161.98 ? 15  DG  D "C4'" 1 
ATOM   821 O  "O4'" . DG  D 4 15 ? -11.008 -2.193  17.971  1.00 153.82 ? 15  DG  D "O4'" 1 
ATOM   822 C  "C3'" . DG  D 4 15 ? -12.357 -3.606  19.282  1.00 167.91 ? 15  DG  D "C3'" 1 
ATOM   823 O  "O3'" . DG  D 4 15 ? -13.259 -4.710  19.018  1.00 176.86 ? 15  DG  D "O3'" 1 
ATOM   824 C  "C2'" . DG  D 4 15 ? -10.882 -4.045  19.380  1.00 158.66 ? 15  DG  D "C2'" 1 
ATOM   825 C  "C1'" . DG  D 4 15 ? -10.224 -3.330  18.201  1.00 151.74 ? 15  DG  D "C1'" 1 
ATOM   826 N  N9    . DG  D 4 15 ? -8.848  -2.929  18.465  1.00 146.74 ? 15  DG  D N9    1 
ATOM   827 C  C8    . DG  D 4 15 ? -8.417  -2.021  19.397  1.00 143.56 ? 15  DG  D C8    1 
ATOM   828 N  N7    . DG  D 4 15 ? -7.123  -1.870  19.417  1.00 140.86 ? 15  DG  D N7    1 
ATOM   829 C  C5    . DG  D 4 15 ? -6.664  -2.739  18.438  1.00 140.71 ? 15  DG  D C5    1 
ATOM   830 C  C6    . DG  D 4 15 ? -5.343  -3.007  18.006  1.00 138.17 ? 15  DG  D C6    1 
ATOM   831 O  O6    . DG  D 4 15 ? -4.285  -2.512  18.419  1.00 133.06 ? 15  DG  D O6    1 
ATOM   832 N  N1    . DG  D 4 15 ? -5.318  -3.957  16.987  1.00 139.96 ? 15  DG  D N1    1 
ATOM   833 C  C2    . DG  D 4 15 ? -6.427  -4.570  16.453  1.00 141.96 ? 15  DG  D C2    1 
ATOM   834 N  N2    . DG  D 4 15 ? -6.200  -5.462  15.475  1.00 137.68 ? 15  DG  D N2    1 
ATOM   835 N  N3    . DG  D 4 15 ? -7.672  -4.327  16.849  1.00 141.98 ? 15  DG  D N3    1 
ATOM   836 C  C4    . DG  D 4 15 ? -7.713  -3.403  17.842  1.00 143.16 ? 15  DG  D C4    1 
ATOM   837 P  P     . DC  D 4 16 ? -12.814 -5.996  18.151  1.00 188.60 ? 16  DC  D P     1 
ATOM   838 O  OP1   . DC  D 4 16 ? -12.093 -5.544  16.942  1.00 185.25 ? 16  DC  D OP1   1 
ATOM   839 O  OP2   . DC  D 4 16 ? -14.027 -6.826  17.982  1.00 185.18 ? 16  DC  D OP2   1 
ATOM   840 O  "O5'" . DC  D 4 16 ? -11.833 -6.818  19.117  1.00 171.85 ? 16  DC  D "O5'" 1 
ATOM   841 C  "C5'" . DC  D 4 16 ? -11.607 -8.212  18.903  1.00 162.14 ? 16  DC  D "C5'" 1 
ATOM   842 C  "C4'" . DC  D 4 16 ? -10.946 -8.466  17.558  1.00 151.04 ? 16  DC  D "C4'" 1 
ATOM   843 O  "O4'" . DC  D 4 16 ? -9.783  -7.607  17.418  1.00 147.06 ? 16  DC  D "O4'" 1 
ATOM   844 C  "C3'" . DC  D 4 16 ? -10.441 -9.893  17.351  1.00 143.44 ? 16  DC  D "C3'" 1 
ATOM   845 O  "O3'" . DC  D 4 16 ? -10.630 -10.286 15.996  1.00 135.63 ? 16  DC  D "O3'" 1 
ATOM   846 C  "C2'" . DC  D 4 16 ? -8.961  -9.780  17.699  1.00 139.66 ? 16  DC  D "C2'" 1 
ATOM   847 C  "C1'" . DC  D 4 16 ? -8.638  -8.394  17.166  1.00 143.42 ? 16  DC  D "C1'" 1 
ATOM   848 N  N1    . DC  D 4 16 ? -7.469  -7.749  17.828  1.00 141.75 ? 16  DC  D N1    1 
ATOM   849 C  C2    . DC  D 4 16 ? -6.171  -8.056  17.405  1.00 138.49 ? 16  DC  D C2    1 
ATOM   850 O  O2    . DC  D 4 16 ? -6.012  -8.872  16.489  1.00 141.71 ? 16  DC  D O2    1 
ATOM   851 N  N3    . DC  D 4 16 ? -5.122  -7.453  18.016  1.00 136.85 ? 16  DC  D N3    1 
ATOM   852 C  C4    . DC  D 4 16 ? -5.335  -6.579  19.002  1.00 139.47 ? 16  DC  D C4    1 
ATOM   853 N  N4    . DC  D 4 16 ? -4.270  -6.009  19.575  1.00 139.96 ? 16  DC  D N4    1 
ATOM   854 C  C5    . DC  D 4 16 ? -6.650  -6.251  19.444  1.00 141.45 ? 16  DC  D C5    1 
ATOM   855 C  C6    . DC  D 4 16 ? -7.677  -6.851  18.834  1.00 142.78 ? 16  DC  D C6    1 
HETATM 856 AS AS    . CAC E 5 .  ? 2.969   12.386  -8.542  1.00 80.71  ? 101 CAC C AS    1 
# 
loop_
_pdbx_poly_seq_scheme.asym_id 
_pdbx_poly_seq_scheme.entity_id 
_pdbx_poly_seq_scheme.seq_id 
_pdbx_poly_seq_scheme.mon_id 
_pdbx_poly_seq_scheme.ndb_seq_num 
_pdbx_poly_seq_scheme.pdb_seq_num 
_pdbx_poly_seq_scheme.auth_seq_num 
_pdbx_poly_seq_scheme.pdb_mon_id 
_pdbx_poly_seq_scheme.auth_mon_id 
_pdbx_poly_seq_scheme.pdb_strand_id 
_pdbx_poly_seq_scheme.pdb_ins_code 
_pdbx_poly_seq_scheme.hetero 
A 1 1  DG 1  1  1  DG DG A . n 
A 1 2  DA 2  2  2  DA DA A . n 
A 1 3  DG 3  3  3  DG DG A . n 
A 1 4  DC 4  4  4  DC DC A . n 
A 1 5  DA 5  5  5  DA DA A . n 
A 1 6  DG 6  6  6  DG DG A . n 
A 1 7  DA 7  7  7  DA DA A . n 
A 1 8  DC 8  8  8  DC DC A . n 
A 1 9  DG 9  9  9  DG DG A . n 
A 1 10 DT 10 10 10 DT DT A . n 
A 1 11 DG 11 11 11 DG DG A . n 
B 2 1  DA 1  12 12 DA DA B . n 
B 2 2  DC 2  13 13 DC DC B . n 
B 2 3  DC 3  14 14 DC DC B . n 
B 2 4  DG 4  15 15 DG DG B . n 
B 2 5  DC 5  16 16 DC DC B . n 
B 2 6  DA 6  17 17 DA DA B . n 
B 2 7  DC 7  18 18 DC DC B . n 
B 2 8  DT 8  19 19 DT DT B . n 
B 2 9  DC 9  20 20 DC DC B . n 
B 2 10 DA 10 21 21 DA DA B . n 
C 3 1  DC 1  1  1  DC DC C . n 
C 3 2  DA 2  2  2  DA DA C . n 
C 3 3  DG 3  3  3  DG DG C . n 
C 3 4  DG 4  4  4  DG DG C . n 
C 3 5  DT 5  5  5  DT DT C . n 
D 4 1  DT 1  1  1  DT DT D . n 
D 4 2  DC 2  2  2  DC DC D . n 
D 4 3  DT 3  3  3  DT DT D . n 
D 4 4  DG 4  4  4  DG DG D . n 
D 4 5  DA 5  5  5  DA DA D . n 
D 4 6  DG 6  6  6  DG DG D . n 
D 4 7  DT 7  7  7  DT DT D . n 
D 4 8  DG 8  8  8  DG DG D . n 
D 4 9  DC 9  9  9  DC DC D . n 
D 4 10 DC 10 10 10 DC DC D . n 
D 4 11 DG 11 11 11 DG DG D . n 
D 4 12 DT 12 12 12 DT DT D . n 
D 4 13 DC 13 13 13 DC DC D . n 
D 4 14 DT 14 14 14 DT DT D . n 
D 4 15 DG 15 15 15 DG DG D . n 
D 4 16 DC 16 16 16 DC DC D . n 
# 
_pdbx_nonpoly_scheme.asym_id         E 
_pdbx_nonpoly_scheme.entity_id       5 
_pdbx_nonpoly_scheme.mon_id          CAC 
_pdbx_nonpoly_scheme.ndb_seq_num     1 
_pdbx_nonpoly_scheme.pdb_seq_num     101 
_pdbx_nonpoly_scheme.auth_seq_num    1 
_pdbx_nonpoly_scheme.pdb_mon_id      CAC 
_pdbx_nonpoly_scheme.auth_mon_id     AS 
_pdbx_nonpoly_scheme.pdb_strand_id   C 
_pdbx_nonpoly_scheme.pdb_ins_code    . 
# 
_pdbx_struct_assembly.id                   1 
_pdbx_struct_assembly.details              author_and_software_defined_assembly 
_pdbx_struct_assembly.method_details       PISA 
_pdbx_struct_assembly.oligomeric_details   tetrameric 
_pdbx_struct_assembly.oligomeric_count     4 
# 
_pdbx_struct_assembly_gen.assembly_id       1 
_pdbx_struct_assembly_gen.oper_expression   1 
_pdbx_struct_assembly_gen.asym_id_list      A,B,C,D,E 
# 
loop_
_pdbx_struct_assembly_prop.biol_id 
_pdbx_struct_assembly_prop.type 
_pdbx_struct_assembly_prop.value 
_pdbx_struct_assembly_prop.details 
1 'ABSA (A^2)' 2510 ? 
1 MORE         -7   ? 
1 'SSA (A^2)'  7980 ? 
# 
_pdbx_struct_oper_list.id                   1 
_pdbx_struct_oper_list.type                 'identity operation' 
_pdbx_struct_oper_list.name                 1_555 
_pdbx_struct_oper_list.symmetry_operation   x,y,z 
_pdbx_struct_oper_list.matrix[1][1]         1.0000000000 
_pdbx_struct_oper_list.matrix[1][2]         0.0000000000 
_pdbx_struct_oper_list.matrix[1][3]         0.0000000000 
_pdbx_struct_oper_list.vector[1]            0.0000000000 
_pdbx_struct_oper_list.matrix[2][1]         0.0000000000 
_pdbx_struct_oper_list.matrix[2][2]         1.0000000000 
_pdbx_struct_oper_list.matrix[2][3]         0.0000000000 
_pdbx_struct_oper_list.vector[2]            0.0000000000 
_pdbx_struct_oper_list.matrix[3][1]         0.0000000000 
_pdbx_struct_oper_list.matrix[3][2]         0.0000000000 
_pdbx_struct_oper_list.matrix[3][3]         1.0000000000 
_pdbx_struct_oper_list.vector[3]            0.0000000000 
# 
loop_
_pdbx_audit_revision_history.ordinal 
_pdbx_audit_revision_history.data_content_type 
_pdbx_audit_revision_history.major_revision 
_pdbx_audit_revision_history.minor_revision 
_pdbx_audit_revision_history.revision_date 
1 'Structure model' 1 0 2021-07-14 
2 'Structure model' 1 1 2022-07-06 
3 'Structure model' 1 2 2023-10-18 
# 
_pdbx_audit_revision_details.ordinal             1 
_pdbx_audit_revision_details.revision_ordinal    1 
_pdbx_audit_revision_details.data_content_type   'Structure model' 
_pdbx_audit_revision_details.provider            repository 
_pdbx_audit_revision_details.type                'Initial release' 
_pdbx_audit_revision_details.description         ? 
_pdbx_audit_revision_details.details             ? 
# 
loop_
_pdbx_audit_revision_group.ordinal 
_pdbx_audit_revision_group.revision_ordinal 
_pdbx_audit_revision_group.data_content_type 
_pdbx_audit_revision_group.group 
1 2 'Structure model' 'Database references'    
2 3 'Structure model' 'Data collection'        
3 3 'Structure model' 'Refinement description' 
# 
loop_
_pdbx_audit_revision_category.ordinal 
_pdbx_audit_revision_category.revision_ordinal 
_pdbx_audit_revision_category.data_content_type 
_pdbx_audit_revision_category.category 
1 2 'Structure model' citation                      
2 2 'Structure model' citation_author               
3 2 'Structure model' database_2                    
4 3 'Structure model' chem_comp_atom                
5 3 'Structure model' chem_comp_bond                
6 3 'Structure model' pdbx_initial_refinement_model 
# 
loop_
_pdbx_audit_revision_item.ordinal 
_pdbx_audit_revision_item.revision_ordinal 
_pdbx_audit_revision_item.data_content_type 
_pdbx_audit_revision_item.item 
1  2 'Structure model' '_citation.country'                   
2  2 'Structure model' '_citation.journal_abbrev'            
3  2 'Structure model' '_citation.journal_id_CSD'            
4  2 'Structure model' '_citation.journal_id_ISSN'           
5  2 'Structure model' '_citation.journal_volume'            
6  2 'Structure model' '_citation.page_first'                
7  2 'Structure model' '_citation.page_last'                 
8  2 'Structure model' '_citation.pdbx_database_id_DOI'      
9  2 'Structure model' '_citation.pdbx_database_id_PubMed'   
10 2 'Structure model' '_citation.title'                     
11 2 'Structure model' '_citation.year'                      
12 2 'Structure model' '_database_2.pdbx_DOI'                
13 2 'Structure model' '_database_2.pdbx_database_accession' 
# 
loop_
_software.citation_id 
_software.classification 
_software.compiler_name 
_software.compiler_version 
_software.contact_author 
_software.contact_author_email 
_software.date 
_software.description 
_software.dependencies 
_software.hardware 
_software.language 
_software.location 
_software.mods 
_software.name 
_software.os 
_software.os_version 
_software.type 
_software.version 
_software.pdbx_ordinal 
? 'data reduction'  ? ? ? ? ? ? ? ? ? ? ? HKL-2000    ? ? ? .           1 
? 'data scaling'    ? ? ? ? ? ? ? ? ? ? ? HKL-2000    ? ? ? .           2 
? refinement        ? ? ? ? ? ? ? ? ? ? ? PHENIX      ? ? ? 1.11.1_2575 3 
? 'data extraction' ? ? ? ? ? ? ? ? ? ? ? PDB_EXTRACT ? ? ? 3.25        4 
? phasing           ? ? ? ? ? ? ? ? ? ? ? PHASER      ? ? ? .           5 
# 
_pdbx_entry_details.entry_id                 6XEL 
_pdbx_entry_details.has_ligand_of_interest   N 
_pdbx_entry_details.compound_details         ? 
_pdbx_entry_details.source_details           ? 
_pdbx_entry_details.nonpolymer_details       ? 
_pdbx_entry_details.sequence_details         ? 
# 
loop_
_pdbx_unobs_or_zero_occ_atoms.id 
_pdbx_unobs_or_zero_occ_atoms.PDB_model_num 
_pdbx_unobs_or_zero_occ_atoms.polymer_flag 
_pdbx_unobs_or_zero_occ_atoms.occupancy_flag 
_pdbx_unobs_or_zero_occ_atoms.auth_asym_id 
_pdbx_unobs_or_zero_occ_atoms.auth_comp_id 
_pdbx_unobs_or_zero_occ_atoms.auth_seq_id 
_pdbx_unobs_or_zero_occ_atoms.PDB_ins_code 
_pdbx_unobs_or_zero_occ_atoms.auth_atom_id 
_pdbx_unobs_or_zero_occ_atoms.label_alt_id 
_pdbx_unobs_or_zero_occ_atoms.label_asym_id 
_pdbx_unobs_or_zero_occ_atoms.label_comp_id 
_pdbx_unobs_or_zero_occ_atoms.label_seq_id 
_pdbx_unobs_or_zero_occ_atoms.label_atom_id 
1 1 N 1 C CAC 101 ? O1 ? E CAC 1 O1 
2 1 N 1 C CAC 101 ? O2 ? E CAC 1 O2 
3 1 N 1 C CAC 101 ? C1 ? E CAC 1 C1 
4 1 N 1 C CAC 101 ? C2 ? E CAC 1 C2 
# 
loop_
_chem_comp_atom.comp_id 
_chem_comp_atom.atom_id 
_chem_comp_atom.type_symbol 
_chem_comp_atom.pdbx_aromatic_flag 
_chem_comp_atom.pdbx_stereo_config 
_chem_comp_atom.pdbx_ordinal 
CAC AS     AS N N 1   
CAC O1     O  N N 2   
CAC O2     O  N N 3   
CAC C1     C  N N 4   
CAC C2     C  N N 5   
CAC H11    H  N N 6   
CAC H12    H  N N 7   
CAC H13    H  N N 8   
CAC H21    H  N N 9   
CAC H22    H  N N 10  
CAC H23    H  N N 11  
DA  OP3    O  N N 12  
DA  P      P  N N 13  
DA  OP1    O  N N 14  
DA  OP2    O  N N 15  
DA  "O5'"  O  N N 16  
DA  "C5'"  C  N N 17  
DA  "C4'"  C  N R 18  
DA  "O4'"  O  N N 19  
DA  "C3'"  C  N S 20  
DA  "O3'"  O  N N 21  
DA  "C2'"  C  N N 22  
DA  "C1'"  C  N R 23  
DA  N9     N  Y N 24  
DA  C8     C  Y N 25  
DA  N7     N  Y N 26  
DA  C5     C  Y N 27  
DA  C6     C  Y N 28  
DA  N6     N  N N 29  
DA  N1     N  Y N 30  
DA  C2     C  Y N 31  
DA  N3     N  Y N 32  
DA  C4     C  Y N 33  
DA  HOP3   H  N N 34  
DA  HOP2   H  N N 35  
DA  "H5'"  H  N N 36  
DA  "H5''" H  N N 37  
DA  "H4'"  H  N N 38  
DA  "H3'"  H  N N 39  
DA  "HO3'" H  N N 40  
DA  "H2'"  H  N N 41  
DA  "H2''" H  N N 42  
DA  "H1'"  H  N N 43  
DA  H8     H  N N 44  
DA  H61    H  N N 45  
DA  H62    H  N N 46  
DA  H2     H  N N 47  
DC  OP3    O  N N 48  
DC  P      P  N N 49  
DC  OP1    O  N N 50  
DC  OP2    O  N N 51  
DC  "O5'"  O  N N 52  
DC  "C5'"  C  N N 53  
DC  "C4'"  C  N R 54  
DC  "O4'"  O  N N 55  
DC  "C3'"  C  N S 56  
DC  "O3'"  O  N N 57  
DC  "C2'"  C  N N 58  
DC  "C1'"  C  N R 59  
DC  N1     N  N N 60  
DC  C2     C  N N 61  
DC  O2     O  N N 62  
DC  N3     N  N N 63  
DC  C4     C  N N 64  
DC  N4     N  N N 65  
DC  C5     C  N N 66  
DC  C6     C  N N 67  
DC  HOP3   H  N N 68  
DC  HOP2   H  N N 69  
DC  "H5'"  H  N N 70  
DC  "H5''" H  N N 71  
DC  "H4'"  H  N N 72  
DC  "H3'"  H  N N 73  
DC  "HO3'" H  N N 74  
DC  "H2'"  H  N N 75  
DC  "H2''" H  N N 76  
DC  "H1'"  H  N N 77  
DC  H41    H  N N 78  
DC  H42    H  N N 79  
DC  H5     H  N N 80  
DC  H6     H  N N 81  
DG  OP3    O  N N 82  
DG  P      P  N N 83  
DG  OP1    O  N N 84  
DG  OP2    O  N N 85  
DG  "O5'"  O  N N 86  
DG  "C5'"  C  N N 87  
DG  "C4'"  C  N R 88  
DG  "O4'"  O  N N 89  
DG  "C3'"  C  N S 90  
DG  "O3'"  O  N N 91  
DG  "C2'"  C  N N 92  
DG  "C1'"  C  N R 93  
DG  N9     N  Y N 94  
DG  C8     C  Y N 95  
DG  N7     N  Y N 96  
DG  C5     C  Y N 97  
DG  C6     C  N N 98  
DG  O6     O  N N 99  
DG  N1     N  N N 100 
DG  C2     C  N N 101 
DG  N2     N  N N 102 
DG  N3     N  N N 103 
DG  C4     C  Y N 104 
DG  HOP3   H  N N 105 
DG  HOP2   H  N N 106 
DG  "H5'"  H  N N 107 
DG  "H5''" H  N N 108 
DG  "H4'"  H  N N 109 
DG  "H3'"  H  N N 110 
DG  "HO3'" H  N N 111 
DG  "H2'"  H  N N 112 
DG  "H2''" H  N N 113 
DG  "H1'"  H  N N 114 
DG  H8     H  N N 115 
DG  H1     H  N N 116 
DG  H21    H  N N 117 
DG  H22    H  N N 118 
DT  OP3    O  N N 119 
DT  P      P  N N 120 
DT  OP1    O  N N 121 
DT  OP2    O  N N 122 
DT  "O5'"  O  N N 123 
DT  "C5'"  C  N N 124 
DT  "C4'"  C  N R 125 
DT  "O4'"  O  N N 126 
DT  "C3'"  C  N S 127 
DT  "O3'"  O  N N 128 
DT  "C2'"  C  N N 129 
DT  "C1'"  C  N R 130 
DT  N1     N  N N 131 
DT  C2     C  N N 132 
DT  O2     O  N N 133 
DT  N3     N  N N 134 
DT  C4     C  N N 135 
DT  O4     O  N N 136 
DT  C5     C  N N 137 
DT  C7     C  N N 138 
DT  C6     C  N N 139 
DT  HOP3   H  N N 140 
DT  HOP2   H  N N 141 
DT  "H5'"  H  N N 142 
DT  "H5''" H  N N 143 
DT  "H4'"  H  N N 144 
DT  "H3'"  H  N N 145 
DT  "HO3'" H  N N 146 
DT  "H2'"  H  N N 147 
DT  "H2''" H  N N 148 
DT  "H1'"  H  N N 149 
DT  H3     H  N N 150 
DT  H71    H  N N 151 
DT  H72    H  N N 152 
DT  H73    H  N N 153 
DT  H6     H  N N 154 
# 
loop_
_chem_comp_bond.comp_id 
_chem_comp_bond.atom_id_1 
_chem_comp_bond.atom_id_2 
_chem_comp_bond.value_order 
_chem_comp_bond.pdbx_aromatic_flag 
_chem_comp_bond.pdbx_stereo_config 
_chem_comp_bond.pdbx_ordinal 
CAC AS    O1     doub N N 1   
CAC AS    O2     sing N N 2   
CAC AS    C1     sing N N 3   
CAC AS    C2     sing N N 4   
CAC C1    H11    sing N N 5   
CAC C1    H12    sing N N 6   
CAC C1    H13    sing N N 7   
CAC C2    H21    sing N N 8   
CAC C2    H22    sing N N 9   
CAC C2    H23    sing N N 10  
DA  OP3   P      sing N N 11  
DA  OP3   HOP3   sing N N 12  
DA  P     OP1    doub N N 13  
DA  P     OP2    sing N N 14  
DA  P     "O5'"  sing N N 15  
DA  OP2   HOP2   sing N N 16  
DA  "O5'" "C5'"  sing N N 17  
DA  "C5'" "C4'"  sing N N 18  
DA  "C5'" "H5'"  sing N N 19  
DA  "C5'" "H5''" sing N N 20  
DA  "C4'" "O4'"  sing N N 21  
DA  "C4'" "C3'"  sing N N 22  
DA  "C4'" "H4'"  sing N N 23  
DA  "O4'" "C1'"  sing N N 24  
DA  "C3'" "O3'"  sing N N 25  
DA  "C3'" "C2'"  sing N N 26  
DA  "C3'" "H3'"  sing N N 27  
DA  "O3'" "HO3'" sing N N 28  
DA  "C2'" "C1'"  sing N N 29  
DA  "C2'" "H2'"  sing N N 30  
DA  "C2'" "H2''" sing N N 31  
DA  "C1'" N9     sing N N 32  
DA  "C1'" "H1'"  sing N N 33  
DA  N9    C8     sing Y N 34  
DA  N9    C4     sing Y N 35  
DA  C8    N7     doub Y N 36  
DA  C8    H8     sing N N 37  
DA  N7    C5     sing Y N 38  
DA  C5    C6     sing Y N 39  
DA  C5    C4     doub Y N 40  
DA  C6    N6     sing N N 41  
DA  C6    N1     doub Y N 42  
DA  N6    H61    sing N N 43  
DA  N6    H62    sing N N 44  
DA  N1    C2     sing Y N 45  
DA  C2    N3     doub Y N 46  
DA  C2    H2     sing N N 47  
DA  N3    C4     sing Y N 48  
DC  OP3   P      sing N N 49  
DC  OP3   HOP3   sing N N 50  
DC  P     OP1    doub N N 51  
DC  P     OP2    sing N N 52  
DC  P     "O5'"  sing N N 53  
DC  OP2   HOP2   sing N N 54  
DC  "O5'" "C5'"  sing N N 55  
DC  "C5'" "C4'"  sing N N 56  
DC  "C5'" "H5'"  sing N N 57  
DC  "C5'" "H5''" sing N N 58  
DC  "C4'" "O4'"  sing N N 59  
DC  "C4'" "C3'"  sing N N 60  
DC  "C4'" "H4'"  sing N N 61  
DC  "O4'" "C1'"  sing N N 62  
DC  "C3'" "O3'"  sing N N 63  
DC  "C3'" "C2'"  sing N N 64  
DC  "C3'" "H3'"  sing N N 65  
DC  "O3'" "HO3'" sing N N 66  
DC  "C2'" "C1'"  sing N N 67  
DC  "C2'" "H2'"  sing N N 68  
DC  "C2'" "H2''" sing N N 69  
DC  "C1'" N1     sing N N 70  
DC  "C1'" "H1'"  sing N N 71  
DC  N1    C2     sing N N 72  
DC  N1    C6     sing N N 73  
DC  C2    O2     doub N N 74  
DC  C2    N3     sing N N 75  
DC  N3    C4     doub N N 76  
DC  C4    N4     sing N N 77  
DC  C4    C5     sing N N 78  
DC  N4    H41    sing N N 79  
DC  N4    H42    sing N N 80  
DC  C5    C6     doub N N 81  
DC  C5    H5     sing N N 82  
DC  C6    H6     sing N N 83  
DG  OP3   P      sing N N 84  
DG  OP3   HOP3   sing N N 85  
DG  P     OP1    doub N N 86  
DG  P     OP2    sing N N 87  
DG  P     "O5'"  sing N N 88  
DG  OP2   HOP2   sing N N 89  
DG  "O5'" "C5'"  sing N N 90  
DG  "C5'" "C4'"  sing N N 91  
DG  "C5'" "H5'"  sing N N 92  
DG  "C5'" "H5''" sing N N 93  
DG  "C4'" "O4'"  sing N N 94  
DG  "C4'" "C3'"  sing N N 95  
DG  "C4'" "H4'"  sing N N 96  
DG  "O4'" "C1'"  sing N N 97  
DG  "C3'" "O3'"  sing N N 98  
DG  "C3'" "C2'"  sing N N 99  
DG  "C3'" "H3'"  sing N N 100 
DG  "O3'" "HO3'" sing N N 101 
DG  "C2'" "C1'"  sing N N 102 
DG  "C2'" "H2'"  sing N N 103 
DG  "C2'" "H2''" sing N N 104 
DG  "C1'" N9     sing N N 105 
DG  "C1'" "H1'"  sing N N 106 
DG  N9    C8     sing Y N 107 
DG  N9    C4     sing Y N 108 
DG  C8    N7     doub Y N 109 
DG  C8    H8     sing N N 110 
DG  N7    C5     sing Y N 111 
DG  C5    C6     sing N N 112 
DG  C5    C4     doub Y N 113 
DG  C6    O6     doub N N 114 
DG  C6    N1     sing N N 115 
DG  N1    C2     sing N N 116 
DG  N1    H1     sing N N 117 
DG  C2    N2     sing N N 118 
DG  C2    N3     doub N N 119 
DG  N2    H21    sing N N 120 
DG  N2    H22    sing N N 121 
DG  N3    C4     sing N N 122 
DT  OP3   P      sing N N 123 
DT  OP3   HOP3   sing N N 124 
DT  P     OP1    doub N N 125 
DT  P     OP2    sing N N 126 
DT  P     "O5'"  sing N N 127 
DT  OP2   HOP2   sing N N 128 
DT  "O5'" "C5'"  sing N N 129 
DT  "C5'" "C4'"  sing N N 130 
DT  "C5'" "H5'"  sing N N 131 
DT  "C5'" "H5''" sing N N 132 
DT  "C4'" "O4'"  sing N N 133 
DT  "C4'" "C3'"  sing N N 134 
DT  "C4'" "H4'"  sing N N 135 
DT  "O4'" "C1'"  sing N N 136 
DT  "C3'" "O3'"  sing N N 137 
DT  "C3'" "C2'"  sing N N 138 
DT  "C3'" "H3'"  sing N N 139 
DT  "O3'" "HO3'" sing N N 140 
DT  "C2'" "C1'"  sing N N 141 
DT  "C2'" "H2'"  sing N N 142 
DT  "C2'" "H2''" sing N N 143 
DT  "C1'" N1     sing N N 144 
DT  "C1'" "H1'"  sing N N 145 
DT  N1    C2     sing N N 146 
DT  N1    C6     sing N N 147 
DT  C2    O2     doub N N 148 
DT  C2    N3     sing N N 149 
DT  N3    C4     sing N N 150 
DT  N3    H3     sing N N 151 
DT  C4    O4     doub N N 152 
DT  C4    C5     sing N N 153 
DT  C5    C7     sing N N 154 
DT  C5    C6     doub N N 155 
DT  C7    H71    sing N N 156 
DT  C7    H72    sing N N 157 
DT  C7    H73    sing N N 158 
DT  C6    H6     sing N N 159 
# 
loop_
_ndb_struct_conf_na.entry_id 
_ndb_struct_conf_na.feature 
6XEL 'double helix'        
6XEL 'a-form double helix' 
6XEL 'b-form double helix' 
# 
loop_
_ndb_struct_na_base_pair.model_number 
_ndb_struct_na_base_pair.i_label_asym_id 
_ndb_struct_na_base_pair.i_label_comp_id 
_ndb_struct_na_base_pair.i_label_seq_id 
_ndb_struct_na_base_pair.i_symmetry 
_ndb_struct_na_base_pair.j_label_asym_id 
_ndb_struct_na_base_pair.j_label_comp_id 
_ndb_struct_na_base_pair.j_label_seq_id 
_ndb_struct_na_base_pair.j_symmetry 
_ndb_struct_na_base_pair.shear 
_ndb_struct_na_base_pair.stretch 
_ndb_struct_na_base_pair.stagger 
_ndb_struct_na_base_pair.buckle 
_ndb_struct_na_base_pair.propeller 
_ndb_struct_na_base_pair.opening 
_ndb_struct_na_base_pair.pair_number 
_ndb_struct_na_base_pair.pair_name 
_ndb_struct_na_base_pair.i_auth_asym_id 
_ndb_struct_na_base_pair.i_auth_seq_id 
_ndb_struct_na_base_pair.i_PDB_ins_code 
_ndb_struct_na_base_pair.j_auth_asym_id 
_ndb_struct_na_base_pair.j_auth_seq_id 
_ndb_struct_na_base_pair.j_PDB_ins_code 
_ndb_struct_na_base_pair.hbond_type_28 
_ndb_struct_na_base_pair.hbond_type_12 
1 A DG 3  1_555 D DC 16 1_555 1.352  0.650  1.235  19.048  -13.322 -26.041 1  A_DG3:DC16_D A 3  ? D 16 ? ?  ? 
1 A DC 4  1_555 D DG 15 1_555 -0.605 0.930  0.782  17.455  -21.208 -15.395 2  A_DC4:DG15_D A 4  ? D 15 ? ?  ? 
1 A DG 6  1_555 D DC 13 1_555 1.138  0.279  0.716  -7.363  -28.994 -4.965  3  A_DG6:DC13_D A 6  ? D 13 ? 19 1 
1 A DA 7  1_555 D DT 12 1_555 -0.163 0.217  -0.069 -11.623 -14.580 -12.807 4  A_DA7:DT12_D A 7  ? D 12 ? 20 1 
1 A DC 8  1_555 D DG 11 1_555 -1.255 0.118  0.609  -6.423  -9.806  3.372   5  A_DC8:DG11_D A 8  ? D 11 ? 19 1 
1 A DG 9  1_555 D DC 10 1_555 0.103  -0.390 -0.173 -1.847  -8.419  -7.355  6  A_DG9:DC10_D A 9  ? D 10 ? 19 1 
1 A DT 10 1_555 C DA 2  1_555 -1.016 0.058  0.092  6.166   -9.604  11.216  7  A_DT10:DA2_C A 10 ? C 2  ? 20 1 
1 A DG 11 1_555 C DC 1  1_555 1.138  -0.110 0.370  1.649   -12.223 -8.105  8  A_DG11:DC1_C A 11 ? C 1  ? 19 1 
1 B DA 1  1_555 C DT 5  1_555 0.602  -0.295 0.662  3.363   -8.782  -9.511  9  B_DA12:DT5_C B 12 ? C 5  ? 20 1 
1 B DC 2  1_555 C DG 4  1_555 -0.364 -0.276 0.890  1.756   -11.319 3.538   10 B_DC13:DG4_C B 13 ? C 4  ? 19 1 
1 B DC 3  1_555 C DG 3  1_555 -0.839 -0.116 0.141  3.909   -13.232 -9.117  11 B_DC14:DG3_C B 14 ? C 3  ? 19 1 
1 B DG 4  1_555 D DC 9  1_555 0.328  0.060  0.415  4.372   -5.104  1.073   12 B_DG15:DC9_D B 15 ? D 9  ? 19 1 
1 B DC 5  1_555 D DG 8  1_555 0.984  0.148  0.848  8.886   -16.316 5.052   13 B_DC16:DG8_D B 16 ? D 8  ? 19 1 
1 B DA 6  1_555 D DT 7  1_555 1.677  0.608  0.849  17.062  -10.446 -4.116  14 B_DA17:DT7_D B 17 ? D 7  ? ?  ? 
1 B DC 7  1_555 D DG 6  1_555 -0.864 -0.140 -0.273 21.119  -10.789 0.127   15 B_DC18:DG6_D B 18 ? D 6  ? 19 1 
1 B DT 8  1_555 D DA 5  1_555 -0.296 0.587  -0.809 18.478  -17.667 6.828   16 B_DT19:DA5_D B 19 ? D 5  ? ?  ? 
1 B DC 9  1_555 D DG 4  1_555 -0.612 0.170  -0.231 16.218  -19.496 4.438   17 B_DC20:DG4_D B 20 ? D 4  ? 19 1 
# 
loop_
_ndb_struct_na_base_pair_step.model_number 
_ndb_struct_na_base_pair_step.i_label_asym_id_1 
_ndb_struct_na_base_pair_step.i_label_comp_id_1 
_ndb_struct_na_base_pair_step.i_label_seq_id_1 
_ndb_struct_na_base_pair_step.i_symmetry_1 
_ndb_struct_na_base_pair_step.j_label_asym_id_1 
_ndb_struct_na_base_pair_step.j_label_comp_id_1 
_ndb_struct_na_base_pair_step.j_label_seq_id_1 
_ndb_struct_na_base_pair_step.j_symmetry_1 
_ndb_struct_na_base_pair_step.i_label_asym_id_2 
_ndb_struct_na_base_pair_step.i_label_comp_id_2 
_ndb_struct_na_base_pair_step.i_label_seq_id_2 
_ndb_struct_na_base_pair_step.i_symmetry_2 
_ndb_struct_na_base_pair_step.j_label_asym_id_2 
_ndb_struct_na_base_pair_step.j_label_comp_id_2 
_ndb_struct_na_base_pair_step.j_label_seq_id_2 
_ndb_struct_na_base_pair_step.j_symmetry_2 
_ndb_struct_na_base_pair_step.shift 
_ndb_struct_na_base_pair_step.slide 
_ndb_struct_na_base_pair_step.rise 
_ndb_struct_na_base_pair_step.tilt 
_ndb_struct_na_base_pair_step.roll 
_ndb_struct_na_base_pair_step.twist 
_ndb_struct_na_base_pair_step.x_displacement 
_ndb_struct_na_base_pair_step.y_displacement 
_ndb_struct_na_base_pair_step.helical_rise 
_ndb_struct_na_base_pair_step.inclination 
_ndb_struct_na_base_pair_step.tip 
_ndb_struct_na_base_pair_step.helical_twist 
_ndb_struct_na_base_pair_step.step_number 
_ndb_struct_na_base_pair_step.step_name 
_ndb_struct_na_base_pair_step.i_auth_asym_id_1 
_ndb_struct_na_base_pair_step.i_auth_seq_id_1 
_ndb_struct_na_base_pair_step.i_PDB_ins_code_1 
_ndb_struct_na_base_pair_step.j_auth_asym_id_1 
_ndb_struct_na_base_pair_step.j_auth_seq_id_1 
_ndb_struct_na_base_pair_step.j_PDB_ins_code_1 
_ndb_struct_na_base_pair_step.i_auth_asym_id_2 
_ndb_struct_na_base_pair_step.i_auth_seq_id_2 
_ndb_struct_na_base_pair_step.i_PDB_ins_code_2 
_ndb_struct_na_base_pair_step.j_auth_asym_id_2 
_ndb_struct_na_base_pair_step.j_auth_seq_id_2 
_ndb_struct_na_base_pair_step.j_PDB_ins_code_2 
1 A DG 3  1_555 D DC 16 1_555 A DC 4  1_555 D DG 15 1_555 0.919  -1.174 3.131 4.851  -1.176 26.504 -2.221 -0.743 3.291 -2.537 
-10.462 26.962 1  AA_DG3DC4:DG15DC16_DD A 3  ? D 16 ? A 4  ? D 15 ? 
1 A DG 6  1_555 D DC 13 1_555 A DA 7  1_555 D DT 12 1_555 -0.652 -1.000 3.328 0.583  4.034  31.726 -2.542 1.289  3.168 7.341  
-1.060  31.980 2  AA_DG6DA7:DT12DC13_DD A 6  ? D 13 ? A 7  ? D 12 ? 
1 A DA 7  1_555 D DT 12 1_555 A DC 8  1_555 D DG 11 1_555 0.891  -0.839 3.321 -7.181 -0.827 28.452 -1.481 -3.285 3.032 -1.650 
14.319  29.338 3  AA_DA7DC8:DG11DT12_DD A 7  ? D 12 ? A 8  ? D 11 ? 
1 A DC 8  1_555 D DG 11 1_555 A DG 9  1_555 D DC 10 1_555 -0.766 -1.085 3.111 0.866  -0.341 39.874 -1.554 1.218  3.103 -0.499 
-1.270  39.884 4  AA_DC8DG9:DC10DG11_DD A 8  ? D 11 ? A 9  ? D 10 ? 
1 A DG 9  1_555 D DC 10 1_555 A DT 10 1_555 C DA 2  1_555 -0.020 -1.474 3.088 -2.217 1.937  14.898 -7.016 -1.569 2.846 7.376  
8.444   15.185 5  AA_DG9DT10:DA2DC10_CD A 9  ? D 10 ? A 10 ? C 2  ? 
1 A DT 10 1_555 C DA 2  1_555 A DG 11 1_555 C DC 1  1_555 -0.549 0.972  3.676 -1.462 0.586  49.227 1.117  0.535  3.701 0.703  
1.754   49.250 6  AA_DT10DG11:DC1DA2_CC A 10 ? C 2  ? A 11 ? C 1  ? 
1 B DA 1  1_555 C DT 5  1_555 B DC 2  1_555 C DG 4  1_555 1.233  -1.508 3.294 -3.470 0.301  25.715 -3.440 -3.684 3.086 0.672  
7.752   25.946 7  BB_DA12DC13:DG4DT5_CC B 12 ? C 5  ? B 13 ? C 4  ? 
1 B DC 2  1_555 C DG 4  1_555 B DC 3  1_555 C DG 3  1_555 -0.986 -1.427 3.098 2.039  -2.305 37.280 -1.936 1.794  3.121 -3.599 
-3.183  37.403 8  BB_DC13DC14:DG3DG4_CC B 13 ? C 4  ? B 14 ? C 3  ? 
1 B DC 3  1_555 C DG 3  1_555 B DG 4  1_555 D DC 9  1_555 -0.229 -1.193 3.238 0.104  3.310  27.221 -3.308 0.508  3.074 6.999  
-0.220  27.418 9  BB_DC14DG15:DC9DG3_DC B 14 ? C 3  ? B 15 ? D 9  ? 
1 B DG 4  1_555 D DC 9  1_555 B DC 5  1_555 D DG 8  1_555 -0.376 0.481  3.498 -2.083 0.820  32.127 0.709  0.279  3.525 1.480  
3.758   32.202 10 BB_DG15DC16:DG8DC9_DD B 15 ? D 9  ? B 16 ? D 8  ? 
1 B DC 5  1_555 D DG 8  1_555 B DA 6  1_555 D DT 7  1_555 -0.718 0.656  2.898 -0.885 -0.147 46.429 0.843  0.845  2.908 -0.186 
1.122   46.437 11 BB_DC16DA17:DT7DG8_DD B 16 ? D 8  ? B 17 ? D 7  ? 
1 B DA 6  1_555 D DT 7  1_555 B DC 7  1_555 D DG 6  1_555 0.326  -1.608 3.008 4.722  3.084  21.957 -5.095 0.706  2.767 7.929  
-12.143 22.661 12 BB_DA17DC18:DG6DT7_DD B 17 ? D 7  ? B 18 ? D 6  ? 
1 B DC 7  1_555 D DG 6  1_555 B DT 8  1_555 D DA 5  1_555 0.046  -0.333 3.321 6.139  3.727  36.498 -1.025 0.756  3.238 5.881  
-9.686  37.175 13 BB_DC18DT19:DA5DG6_DD B 18 ? D 6  ? B 19 ? D 5  ? 
1 B DT 8  1_555 D DA 5  1_555 B DC 9  1_555 D DG 4  1_555 0.583  1.657  3.336 3.233  4.148  33.844 2.123  -0.452 3.547 7.073  
-5.512  34.238 14 BB_DT19DC20:DG4DA5_DD B 19 ? D 5  ? B 20 ? D 4  ? 
# 
loop_
_pdbx_audit_support.funding_organization 
_pdbx_audit_support.country 
_pdbx_audit_support.grant_number 
_pdbx_audit_support.ordinal 
'National Science Foundation (NSF, United States)'                                         'United States' 1360635     1 
'National Institutes of Health/National Institute of General Medical Sciences (NIH/NIGMS)' 'United States' R01GM104960 2 
'National Science Foundation (NSF, United States)'                                         'United States' NSF2004250  3 
# 
_pdbx_entity_nonpoly.entity_id   5 
_pdbx_entity_nonpoly.name        'CACODYLATE ION' 
_pdbx_entity_nonpoly.comp_id     CAC 
# 
_pdbx_initial_refinement_model.id               1 
_pdbx_initial_refinement_model.entity_id_list   ? 
_pdbx_initial_refinement_model.type             'experimental model' 
_pdbx_initial_refinement_model.source_name      PDB 
_pdbx_initial_refinement_model.accession_code   6X8C 
_pdbx_initial_refinement_model.details          ? 
# 
_pdbx_struct_assembly_auth_evidence.id                     1 
_pdbx_struct_assembly_auth_evidence.assembly_id            1 
_pdbx_struct_assembly_auth_evidence.experimental_support   none 
_pdbx_struct_assembly_auth_evidence.details                ? 
# 
